data_6IJA
#
_entry.id   6IJA
#
_cell.length_a   90.671
_cell.length_b   84.983
_cell.length_c   125.472
_cell.angle_alpha   90.000
_cell.angle_beta   89.920
_cell.angle_gamma   90.000
#
_symmetry.space_group_name_H-M   'P 1 21 1'
#
loop_
_entity.id
_entity.type
_entity.pdbx_description
1 polymer 'UDP-glycosyltransferase 89C1'
2 non-polymer '[[(2~{R},3~{S},4~{R},5~{R})-5-[2,4-bis(oxidanylidene)pyrimidin-1-yl]-3,4-bis(oxidanyl)oxolan-2-yl]methoxy-oxidanyl-phosphoryl] [(2~{R},3~{R},4~{R},5~{R},6~{S})-6-methyl-3,4,5-tris(oxidanyl)oxan-2-yl] hydrogen phosphate'
3 water water
#
_entity_poly.entity_id   1
_entity_poly.type   'polypeptide(L)'
_entity_poly.pdbx_seq_one_letter_code
;MTTTTTKKPHVLVIPFPQSGHMVPHLDLTHQILLRGATVTVLVTPKNSSYLDALRSLHSPEHFKTLILPFPSHPCIPSGV
ESLQQLPLEAIVHMFDALSRLHDPLVDFLSRQPPSDLPDAILGSSFLSPWINKVADAFSIKSISFLPINAHSISVMWAQE
DRSFFNDLETATTESYGLVINSFYDLEPEFVETVKTRFLNHHRIWTVGPLLPFKAGVDRGGQSSIPPAKVSAWLDSCPED
NSVVYVGFGSQIRLTAEQTAALAAALEKSSVRFIWAVRDAAKKVNSSDNSVEEDVIPAGFEERVKEKGLVIRGWAPQTMI
LEHRAVGSYLTHLGWGSVLEGMVGGVMLLAWPMQADHFFNTTLIVDKLRAAVRVGENRDSVPDSDKLARILAESAREDLP
ERVTLMKLREKAMEAIKEGGSSYKNLDELVAEMCL
;
_entity_poly.pdbx_strand_id   A,B,C,D
#
loop_
_chem_comp.id
_chem_comp.type
_chem_comp.name
_chem_comp.formula
AWU non-polymer '[[(2~{R},3~{S},4~{R},5~{R})-5-[2,4-bis(oxidanylidene)pyrimidin-1-yl]-3,4-bis(oxidanyl)oxolan-2-yl]methoxy-oxidanyl-phosphoryl] [(2~{R},3~{R},4~{R},5~{R},6~{S})-6-methyl-3,4,5-tris(oxidanyl)oxan-2-yl] hydrogen phosphate' 'C15 H24 N2 O16 P2'
#
# COMPACT_ATOMS: atom_id res chain seq x y z
N THR A 5 56.27 19.49 -0.89
CA THR A 5 55.26 19.15 0.13
C THR A 5 53.95 18.75 -0.56
N THR A 6 52.89 18.54 0.21
CA THR A 6 51.57 18.16 -0.32
C THR A 6 50.65 19.35 -0.09
N LYS A 7 50.56 20.22 -1.09
CA LYS A 7 49.94 21.54 -0.95
C LYS A 7 48.47 21.44 -0.58
N LYS A 8 48.07 22.22 0.40
CA LYS A 8 46.72 22.28 0.93
C LYS A 8 46.09 23.63 0.63
N PRO A 9 44.77 23.74 0.65
CA PRO A 9 44.15 24.97 0.14
C PRO A 9 43.83 26.02 1.20
N HIS A 10 43.57 27.24 0.73
CA HIS A 10 42.90 28.27 1.52
C HIS A 10 41.44 28.35 1.10
N VAL A 11 40.54 28.04 2.03
CA VAL A 11 39.12 27.94 1.71
C VAL A 11 38.39 29.13 2.33
N LEU A 12 37.58 29.82 1.54
CA LEU A 12 36.71 30.88 2.05
C LEU A 12 35.31 30.30 2.16
N VAL A 13 34.97 29.93 3.38
CA VAL A 13 33.72 29.28 3.71
C VAL A 13 32.67 30.35 3.97
N ILE A 14 31.51 30.22 3.33
CA ILE A 14 30.38 31.12 3.51
C ILE A 14 29.11 30.31 3.81
N PRO A 15 28.80 30.03 5.07
CA PRO A 15 27.57 29.29 5.39
C PRO A 15 26.32 30.14 5.13
N PHE A 16 25.18 29.46 5.16
CA PHE A 16 23.89 30.14 5.15
C PHE A 16 23.37 30.31 6.56
N PRO A 17 22.92 31.50 6.99
CA PRO A 17 22.50 31.67 8.39
C PRO A 17 21.24 30.92 8.74
N GLN A 18 21.33 29.62 9.01
CA GLN A 18 20.21 28.81 9.44
C GLN A 18 20.73 27.46 9.91
N SER A 19 20.23 26.98 11.05
CA SER A 19 20.79 25.79 11.67
C SER A 19 21.01 24.66 10.69
N GLY A 20 20.00 24.36 9.87
CA GLY A 20 20.11 23.21 8.98
C GLY A 20 21.29 23.31 8.06
N HIS A 21 21.64 24.53 7.67
CA HIS A 21 22.78 24.80 6.82
C HIS A 21 24.04 25.05 7.63
N MET A 22 23.99 26.01 8.56
CA MET A 22 25.19 26.40 9.31
C MET A 22 25.84 25.22 10.02
N VAL A 23 25.02 24.35 10.62
CA VAL A 23 25.57 23.31 11.49
C VAL A 23 26.45 22.31 10.73
N PRO A 24 25.99 21.68 9.65
CA PRO A 24 26.88 20.77 8.92
C PRO A 24 27.98 21.49 8.15
N HIS A 25 27.75 22.72 7.71
CA HIS A 25 28.76 23.44 6.96
C HIS A 25 30.01 23.70 7.81
N LEU A 26 29.84 23.88 9.12
CA LEU A 26 30.99 23.97 10.00
C LEU A 26 31.56 22.59 10.26
N ASP A 27 30.71 21.58 10.42
CA ASP A 27 31.20 20.19 10.46
C ASP A 27 32.02 19.90 9.22
N LEU A 28 31.52 20.30 8.05
CA LEU A 28 32.33 20.21 6.85
C LEU A 28 33.57 21.13 6.95
N THR A 29 33.46 22.31 7.57
CA THR A 29 34.67 23.11 7.74
C THR A 29 35.70 22.37 8.57
N HIS A 30 35.30 21.85 9.73
CA HIS A 30 36.24 21.12 10.57
C HIS A 30 36.85 19.92 9.83
N GLN A 31 36.09 19.28 8.94
CA GLN A 31 36.64 18.13 8.21
C GLN A 31 37.73 18.55 7.23
N ILE A 32 37.54 19.66 6.52
CA ILE A 32 38.62 20.06 5.64
C ILE A 32 39.75 20.66 6.45
N LEU A 33 39.47 21.22 7.63
CA LEU A 33 40.55 21.72 8.46
C LEU A 33 41.48 20.60 8.86
N LEU A 34 40.90 19.45 9.19
CA LEU A 34 41.66 18.29 9.62
C LEU A 34 42.52 17.75 8.48
N ARG A 35 42.07 17.86 7.23
CA ARG A 35 42.94 17.51 6.12
C ARG A 35 43.94 18.63 5.90
N GLY A 36 44.31 19.37 6.96
CA GLY A 36 45.39 20.37 6.85
C GLY A 36 45.11 21.58 5.97
N ALA A 37 43.85 21.98 5.84
CA ALA A 37 43.50 23.13 5.03
C ALA A 37 43.55 24.39 5.87
N THR A 38 43.26 25.51 5.22
CA THR A 38 43.13 26.80 5.87
C THR A 38 41.81 27.44 5.47
N VAL A 39 41.08 27.91 6.47
CA VAL A 39 39.70 28.35 6.30
C VAL A 39 39.56 29.80 6.72
N THR A 40 38.73 30.55 6.00
CA THR A 40 38.27 31.84 6.47
C THR A 40 36.74 31.85 6.42
N VAL A 41 36.12 31.96 7.58
CA VAL A 41 34.67 31.85 7.67
C VAL A 41 34.12 33.24 7.70
N LEU A 42 33.13 33.49 6.83
CA LEU A 42 32.47 34.77 6.67
C LEU A 42 31.07 34.76 7.29
N VAL A 43 30.90 35.52 8.37
CA VAL A 43 29.61 35.64 9.04
C VAL A 43 29.28 37.08 9.43
N THR A 44 27.99 37.30 9.67
CA THR A 44 27.52 38.55 10.19
C THR A 44 27.64 38.52 11.72
N PRO A 45 27.62 39.69 12.39
CA PRO A 45 28.06 39.74 13.79
C PRO A 45 27.31 38.82 14.75
N LYS A 46 25.99 38.69 14.61
CA LYS A 46 25.24 37.82 15.53
C LYS A 46 25.52 36.36 15.28
N ASN A 47 26.21 36.02 14.19
CA ASN A 47 26.54 34.64 13.87
C ASN A 47 28.00 34.29 14.18
N SER A 48 28.73 35.15 14.89
CA SER A 48 30.12 34.81 15.16
C SER A 48 30.24 33.85 16.34
N SER A 49 29.18 33.72 17.13
CA SER A 49 29.18 32.79 18.26
C SER A 49 29.30 31.33 17.82
N TYR A 50 28.74 30.95 16.67
CA TYR A 50 28.79 29.55 16.27
C TYR A 50 30.17 29.06 15.89
N LEU A 51 31.11 29.99 15.68
CA LEU A 51 32.49 29.65 15.39
C LEU A 51 33.32 29.45 16.64
N ASP A 52 32.83 29.83 17.81
CA ASP A 52 33.66 29.72 19.00
C ASP A 52 34.18 28.30 19.19
N ALA A 53 33.24 27.35 19.28
CA ALA A 53 33.63 25.96 19.49
C ALA A 53 34.62 25.55 18.42
N LEU A 54 34.34 25.92 17.18
CA LEU A 54 35.26 25.58 16.11
C LEU A 54 36.61 26.26 16.31
N ARG A 55 36.63 27.50 16.84
CA ARG A 55 37.88 28.23 17.06
C ARG A 55 38.74 27.57 18.13
N SER A 56 38.12 27.10 19.21
CA SER A 56 38.91 26.47 20.27
C SER A 56 39.63 25.20 19.79
N LEU A 57 39.40 24.75 18.56
CA LEU A 57 40.01 23.53 18.06
C LEU A 57 40.96 23.75 16.92
N HIS A 58 41.33 24.98 16.60
CA HIS A 58 42.29 25.19 15.52
C HIS A 58 43.10 26.45 15.78
N SER A 59 44.26 26.48 15.16
CA SER A 59 45.14 27.62 15.29
C SER A 59 44.51 28.85 14.66
N PRO A 60 44.83 30.04 15.21
CA PRO A 60 44.50 31.30 14.51
C PRO A 60 45.27 31.48 13.21
N GLU A 61 46.22 30.60 12.91
CA GLU A 61 46.91 30.64 11.64
C GLU A 61 46.29 29.74 10.60
N HIS A 62 45.45 28.79 11.03
CA HIS A 62 44.69 27.93 10.11
C HIS A 62 43.21 28.32 10.00
N PHE A 63 42.66 28.99 11.01
CA PHE A 63 41.25 29.36 11.06
C PHE A 63 41.13 30.86 11.17
N LYS A 64 40.49 31.46 10.19
CA LYS A 64 40.30 32.90 10.15
C LYS A 64 38.82 33.24 10.06
N THR A 65 38.48 34.42 10.57
CA THR A 65 37.09 34.87 10.60
C THR A 65 37.00 36.23 9.90
N LEU A 66 36.16 36.32 8.88
CA LEU A 66 35.76 37.62 8.35
C LEU A 66 34.36 37.96 8.81
N ILE A 67 34.19 39.16 9.38
CA ILE A 67 32.90 39.58 9.91
C ILE A 67 32.46 40.86 9.23
N LEU A 68 31.28 40.83 8.65
CA LEU A 68 30.66 41.96 7.99
C LEU A 68 29.31 42.23 8.63
N PRO A 69 28.90 43.48 8.79
CA PRO A 69 27.61 43.73 9.42
C PRO A 69 26.53 43.14 8.53
N PHE A 70 25.47 42.69 9.15
CA PHE A 70 24.34 42.17 8.39
C PHE A 70 23.74 43.33 7.59
N PRO A 71 23.72 43.26 6.26
CA PRO A 71 23.06 44.31 5.48
C PRO A 71 21.59 44.40 5.87
N SER A 72 21.16 45.60 6.28
CA SER A 72 19.82 45.75 6.82
C SER A 72 18.78 45.62 5.70
N HIS A 73 17.63 45.03 6.05
CA HIS A 73 16.55 44.81 5.11
C HIS A 73 15.22 45.19 5.74
N PRO A 74 14.34 45.86 4.98
CA PRO A 74 13.08 46.33 5.56
C PRO A 74 12.19 45.21 6.07
N CYS A 75 12.21 44.06 5.43
CA CYS A 75 11.32 42.99 5.85
C CYS A 75 11.87 42.13 6.99
N ILE A 76 13.10 42.32 7.44
CA ILE A 76 13.71 41.50 8.49
C ILE A 76 13.81 42.31 9.77
N PRO A 77 13.31 41.78 10.90
CA PRO A 77 13.41 42.49 12.17
C PRO A 77 14.84 42.88 12.53
N SER A 78 14.99 44.12 13.01
CA SER A 78 16.30 44.65 13.33
C SER A 78 17.04 43.74 14.28
N GLY A 79 18.34 43.60 14.07
CA GLY A 79 19.12 42.74 14.92
C GLY A 79 18.94 41.25 14.70
N VAL A 80 18.17 40.83 13.70
CA VAL A 80 18.07 39.40 13.37
C VAL A 80 18.96 39.13 12.19
N GLU A 81 19.81 38.13 12.32
CA GLU A 81 20.72 37.83 11.25
C GLU A 81 20.72 36.33 10.94
N SER A 82 19.76 35.60 11.49
CA SER A 82 19.70 34.16 11.28
C SER A 82 18.25 33.74 11.09
N LEU A 83 18.01 33.03 10.00
CA LEU A 83 16.66 32.71 9.57
C LEU A 83 15.93 31.77 10.52
N GLN A 84 16.66 31.03 11.35
CA GLN A 84 16.00 30.08 12.24
C GLN A 84 15.08 30.77 13.24
N GLN A 85 15.21 32.07 13.42
CA GLN A 85 14.30 32.78 14.29
C GLN A 85 13.07 33.32 13.54
N LEU A 86 12.91 32.96 12.28
CA LEU A 86 11.94 33.53 11.36
C LEU A 86 11.12 32.45 10.68
N PRO A 87 9.97 32.80 10.12
CA PRO A 87 9.22 31.81 9.31
C PRO A 87 10.02 31.39 8.08
N LEU A 88 10.10 30.08 7.84
CA LEU A 88 10.91 29.60 6.72
C LEU A 88 10.56 30.30 5.42
N GLU A 89 9.32 30.78 5.30
CA GLU A 89 8.92 31.52 4.11
C GLU A 89 9.56 32.90 4.04
N ALA A 90 10.09 33.40 5.17
CA ALA A 90 10.75 34.70 5.16
C ALA A 90 12.09 34.65 4.47
N ILE A 91 12.56 33.44 4.13
CA ILE A 91 13.87 33.17 3.56
C ILE A 91 14.06 34.03 2.32
N VAL A 92 12.95 34.46 1.71
CA VAL A 92 13.05 35.18 0.44
C VAL A 92 13.69 36.53 0.62
N HIS A 93 13.47 37.16 1.77
CA HIS A 93 14.17 38.40 2.04
C HIS A 93 15.57 38.14 2.56
N MET A 94 15.76 37.04 3.29
CA MET A 94 17.10 36.69 3.73
C MET A 94 18.04 36.58 2.54
N PHE A 95 17.56 35.97 1.45
CA PHE A 95 18.33 35.94 0.22
C PHE A 95 18.72 37.33 -0.22
N ASP A 96 17.74 38.22 -0.27
CA ASP A 96 17.95 39.59 -0.73
C ASP A 96 19.00 40.29 0.11
N ALA A 97 18.82 40.28 1.42
CA ALA A 97 19.75 40.98 2.29
C ALA A 97 21.17 40.46 2.09
N LEU A 98 21.36 39.15 2.28
CA LEU A 98 22.71 38.59 2.22
C LEU A 98 23.39 38.87 0.90
N SER A 99 22.63 38.98 -0.19
CA SER A 99 23.21 39.23 -1.49
C SER A 99 23.92 40.56 -1.56
N ARG A 100 23.64 41.46 -0.61
CA ARG A 100 24.36 42.72 -0.52
C ARG A 100 25.69 42.59 0.24
N LEU A 101 26.01 41.41 0.75
CA LEU A 101 27.36 41.15 1.22
C LEU A 101 28.36 41.01 0.07
N HIS A 102 27.86 41.01 -1.18
CA HIS A 102 28.71 40.86 -2.36
C HIS A 102 29.76 41.97 -2.45
N ASP A 103 29.33 43.24 -2.39
CA ASP A 103 30.24 44.38 -2.43
C ASP A 103 31.26 44.45 -1.28
N PRO A 104 30.89 44.26 0.00
CA PRO A 104 31.94 44.24 1.03
C PRO A 104 32.98 43.18 0.75
N LEU A 105 32.54 42.04 0.23
CA LEU A 105 33.47 40.95 -0.04
C LEU A 105 34.49 41.38 -1.08
N VAL A 106 34.03 41.95 -2.19
CA VAL A 106 34.95 42.31 -3.27
C VAL A 106 35.99 43.30 -2.76
N ASP A 107 35.58 44.25 -1.92
CA ASP A 107 36.56 45.16 -1.32
C ASP A 107 37.55 44.40 -0.47
N PHE A 108 37.07 43.47 0.37
CA PHE A 108 38.02 42.70 1.17
C PHE A 108 38.99 41.92 0.28
N LEU A 109 38.44 41.22 -0.71
CA LEU A 109 39.28 40.40 -1.57
C LEU A 109 40.21 41.26 -2.42
N SER A 110 39.73 42.42 -2.90
CA SER A 110 40.59 43.26 -3.72
C SER A 110 41.73 43.84 -2.88
N ARG A 111 41.44 44.30 -1.67
CA ARG A 111 42.49 44.83 -0.81
C ARG A 111 43.27 43.72 -0.11
N GLN A 112 43.04 42.41 -0.53
CA GLN A 112 43.80 41.37 0.15
C GLN A 112 45.07 41.14 -0.64
N PRO A 113 46.17 40.82 0.03
CA PRO A 113 47.41 40.59 -0.70
C PRO A 113 47.19 39.56 -1.78
N PRO A 114 47.88 39.67 -2.91
CA PRO A 114 47.64 38.71 -3.98
C PRO A 114 47.94 37.31 -3.52
N SER A 115 48.78 37.17 -2.50
CA SER A 115 49.14 35.85 -2.04
C SER A 115 47.96 35.19 -1.33
N ASP A 116 47.36 35.88 -0.38
CA ASP A 116 46.44 35.31 0.59
C ASP A 116 45.06 35.02 0.01
N LEU A 117 44.87 35.26 -1.28
CA LEU A 117 43.58 35.01 -1.88
C LEU A 117 43.22 33.53 -1.72
N PRO A 118 41.96 33.23 -1.46
CA PRO A 118 41.55 31.84 -1.31
C PRO A 118 41.66 31.06 -2.62
N ASP A 119 41.92 29.76 -2.49
CA ASP A 119 41.90 28.89 -3.65
C ASP A 119 40.47 28.56 -4.07
N ALA A 120 39.59 28.38 -3.09
CA ALA A 120 38.21 28.06 -3.41
C ALA A 120 37.27 28.75 -2.41
N ILE A 121 36.03 28.90 -2.86
CA ILE A 121 34.92 29.37 -2.06
C ILE A 121 34.08 28.14 -1.83
N LEU A 122 33.90 27.77 -0.57
CA LEU A 122 32.97 26.70 -0.16
C LEU A 122 31.77 27.35 0.50
N GLY A 123 30.85 27.86 -0.32
CA GLY A 123 29.72 28.62 0.15
C GLY A 123 28.41 27.85 0.02
N SER A 124 27.37 28.41 0.65
CA SER A 124 26.04 27.81 0.51
C SER A 124 25.53 27.93 -0.90
N SER A 125 25.05 26.80 -1.41
CA SER A 125 24.31 26.80 -2.65
C SER A 125 23.19 27.83 -2.65
N PHE A 126 22.67 28.17 -1.46
CA PHE A 126 21.64 29.20 -1.40
C PHE A 126 22.20 30.58 -1.70
N LEU A 127 23.49 30.80 -1.48
CA LEU A 127 24.14 32.05 -1.83
C LEU A 127 24.89 31.97 -3.16
N SER A 128 24.73 30.87 -3.90
CA SER A 128 25.58 30.64 -5.07
C SER A 128 25.45 31.68 -6.17
N PRO A 129 24.28 32.30 -6.43
CA PRO A 129 24.22 33.41 -7.41
C PRO A 129 25.34 34.43 -7.28
N TRP A 130 25.47 35.06 -6.11
CA TRP A 130 26.47 36.10 -5.99
C TRP A 130 27.84 35.57 -5.56
N ILE A 131 27.90 34.46 -4.82
CA ILE A 131 29.20 33.88 -4.51
C ILE A 131 29.91 33.47 -5.79
N ASN A 132 29.16 32.97 -6.77
CA ASN A 132 29.75 32.64 -8.07
C ASN A 132 30.29 33.87 -8.76
N LYS A 133 29.52 34.97 -8.75
CA LYS A 133 30.01 36.20 -9.39
C LYS A 133 31.29 36.67 -8.72
N VAL A 134 31.37 36.61 -7.40
CA VAL A 134 32.62 36.94 -6.74
C VAL A 134 33.68 35.91 -7.08
N ALA A 135 33.28 34.66 -7.22
CA ALA A 135 34.27 33.62 -7.50
C ALA A 135 34.89 33.81 -8.88
N ASP A 136 34.06 34.19 -9.88
CA ASP A 136 34.58 34.37 -11.22
C ASP A 136 35.58 35.52 -11.29
N ALA A 137 35.29 36.62 -10.60
CA ALA A 137 36.08 37.83 -10.67
C ALA A 137 37.46 37.71 -10.05
N PHE A 138 37.80 36.59 -9.41
CA PHE A 138 39.17 36.43 -8.92
C PHE A 138 39.78 35.12 -9.40
N SER A 139 39.08 34.43 -10.32
CA SER A 139 39.44 33.11 -10.85
C SER A 139 39.64 32.10 -9.71
N ILE A 140 38.59 32.00 -8.91
CA ILE A 140 38.48 31.13 -7.75
C ILE A 140 37.31 30.16 -7.95
N LYS A 141 37.52 28.88 -7.63
CA LYS A 141 36.47 27.88 -7.70
C LYS A 141 35.38 28.15 -6.67
N SER A 142 34.12 28.01 -7.09
CA SER A 142 32.97 28.17 -6.22
C SER A 142 32.28 26.82 -6.04
N ILE A 143 32.75 26.04 -5.07
CA ILE A 143 32.08 24.80 -4.73
C ILE A 143 30.90 25.12 -3.81
N SER A 144 29.77 24.48 -4.09
CA SER A 144 28.53 24.76 -3.38
C SER A 144 28.29 23.70 -2.32
N PHE A 145 27.65 24.12 -1.22
CA PHE A 145 27.27 23.20 -0.16
C PHE A 145 25.76 23.24 0.06
N LEU A 146 25.18 22.06 0.31
CA LEU A 146 23.78 21.91 0.57
C LEU A 146 23.62 20.91 1.71
N PRO A 147 22.69 21.17 2.63
CA PRO A 147 22.44 20.20 3.71
C PRO A 147 21.48 19.11 3.32
N ILE A 148 20.77 19.23 2.20
CA ILE A 148 19.83 18.24 1.71
C ILE A 148 20.55 17.19 0.87
N ASN A 149 19.84 16.13 0.46
CA ASN A 149 20.51 15.05 -0.25
C ASN A 149 20.24 15.09 -1.76
N ALA A 150 20.94 14.22 -2.48
CA ALA A 150 20.83 14.17 -3.93
C ALA A 150 19.41 13.89 -4.37
N HIS A 151 18.65 13.09 -3.61
CA HIS A 151 17.28 12.85 -3.99
C HIS A 151 16.53 14.17 -4.03
N SER A 152 16.51 14.91 -2.91
CA SER A 152 15.76 16.15 -2.93
C SER A 152 16.18 17.02 -4.10
N ILE A 153 17.48 17.14 -4.34
CA ILE A 153 17.97 18.05 -5.37
C ILE A 153 17.38 17.69 -6.73
N SER A 154 17.34 16.40 -7.05
CA SER A 154 16.82 15.98 -8.35
C SER A 154 15.37 16.39 -8.51
N VAL A 155 14.54 16.14 -7.48
CA VAL A 155 13.12 16.49 -7.58
C VAL A 155 12.96 18.00 -7.75
N MET A 156 13.83 18.73 -7.08
CA MET A 156 13.70 20.16 -6.92
C MET A 156 14.25 20.92 -8.12
N TRP A 157 15.40 20.46 -8.64
CA TRP A 157 16.09 21.15 -9.73
C TRP A 157 15.31 21.02 -11.03
N ALA A 158 14.55 19.95 -11.15
CA ALA A 158 13.80 19.53 -12.31
C ALA A 158 12.43 20.19 -12.39
N GLN A 159 12.01 20.87 -11.34
CA GLN A 159 10.73 21.59 -11.38
C GLN A 159 10.65 22.47 -12.61
N GLU A 160 9.45 22.70 -13.12
CA GLU A 160 9.42 23.70 -14.17
C GLU A 160 9.39 25.11 -13.56
N ASP A 161 8.54 25.33 -12.56
CA ASP A 161 8.41 26.60 -11.85
C ASP A 161 9.12 26.44 -10.51
N ARG A 162 10.24 27.13 -10.33
CA ARG A 162 11.22 26.64 -9.37
C ARG A 162 11.10 27.18 -7.94
N SER A 163 10.36 28.25 -7.64
CA SER A 163 10.17 29.48 -8.36
C SER A 163 11.35 30.37 -8.05
N PHE A 164 11.38 30.86 -6.81
CA PHE A 164 12.41 31.83 -6.41
C PHE A 164 13.70 31.14 -6.00
N PHE A 165 13.72 29.81 -6.04
CA PHE A 165 14.97 29.10 -5.93
C PHE A 165 15.70 29.05 -7.25
N ASN A 166 15.02 29.42 -8.34
CA ASN A 166 15.57 29.24 -9.68
C ASN A 166 16.99 29.76 -9.74
N ASP A 167 17.17 31.04 -9.40
CA ASP A 167 18.46 31.67 -9.62
C ASP A 167 19.53 30.96 -8.82
N LEU A 168 19.22 30.57 -7.58
CA LEU A 168 20.24 29.84 -6.81
C LEU A 168 20.44 28.44 -7.33
N GLU A 169 19.40 27.78 -7.82
CA GLU A 169 19.55 26.42 -8.33
C GLU A 169 20.36 26.40 -9.61
N THR A 170 20.04 27.30 -10.54
CA THR A 170 20.76 27.33 -11.80
C THR A 170 22.15 27.89 -11.60
N ALA A 171 22.33 28.80 -10.63
CA ALA A 171 23.69 29.25 -10.30
C ALA A 171 24.49 28.13 -9.65
N THR A 172 23.83 27.20 -8.95
CA THR A 172 24.57 26.10 -8.35
C THR A 172 25.15 25.21 -9.43
N THR A 173 24.42 25.03 -10.52
CA THR A 173 24.92 24.23 -11.63
C THR A 173 26.14 24.88 -12.28
N GLU A 174 26.07 26.16 -12.51
CA GLU A 174 27.21 26.88 -13.03
C GLU A 174 28.38 26.92 -12.05
N SER A 175 28.36 26.17 -10.96
CA SER A 175 29.47 26.19 -10.02
C SER A 175 30.53 25.18 -10.46
N TYR A 176 31.63 25.13 -9.71
CA TYR A 176 32.67 24.13 -9.97
C TYR A 176 32.14 22.76 -9.64
N GLY A 177 31.77 22.56 -8.38
CA GLY A 177 31.26 21.29 -7.92
C GLY A 177 30.21 21.54 -6.87
N LEU A 178 29.64 20.44 -6.36
CA LEU A 178 28.64 20.48 -5.30
C LEU A 178 29.04 19.50 -4.22
N VAL A 179 28.98 19.94 -2.96
CA VAL A 179 29.17 19.06 -1.81
C VAL A 179 27.84 18.93 -1.08
N ILE A 180 27.40 17.68 -0.85
CA ILE A 180 26.14 17.44 -0.15
C ILE A 180 26.37 16.45 0.96
N ASN A 181 25.51 16.54 1.96
CA ASN A 181 25.64 15.80 3.21
C ASN A 181 24.74 14.58 3.21
N SER A 182 25.01 13.68 2.28
CA SER A 182 24.53 12.30 2.37
C SER A 182 25.63 11.46 1.76
N PHE A 183 25.38 10.16 1.61
CA PHE A 183 26.39 9.27 1.06
C PHE A 183 25.90 8.68 -0.25
N TYR A 184 26.86 8.11 -1.00
CA TYR A 184 26.53 7.53 -2.31
C TYR A 184 25.58 6.36 -2.15
N ASP A 185 25.94 5.41 -1.29
CA ASP A 185 25.16 4.18 -1.14
C ASP A 185 23.70 4.47 -0.88
N LEU A 186 23.41 5.53 -0.12
CA LEU A 186 22.05 5.84 0.30
C LEU A 186 21.16 6.03 -0.90
N GLU A 187 21.65 6.74 -1.90
CA GLU A 187 20.85 7.16 -3.05
C GLU A 187 21.79 7.22 -4.24
N PRO A 188 22.30 6.07 -4.67
CA PRO A 188 23.23 6.12 -5.80
C PRO A 188 22.54 6.55 -7.05
N GLU A 189 21.30 6.12 -7.23
CA GLU A 189 20.52 6.51 -8.39
C GLU A 189 20.54 8.00 -8.61
N PHE A 190 20.40 8.76 -7.54
CA PHE A 190 20.18 10.19 -7.69
C PHE A 190 21.49 10.99 -7.64
N VAL A 191 22.49 10.50 -6.90
CA VAL A 191 23.78 11.17 -6.95
C VAL A 191 24.24 11.27 -8.39
N GLU A 192 24.08 10.18 -9.13
CA GLU A 192 24.43 10.18 -10.55
C GLU A 192 23.48 11.06 -11.34
N THR A 193 22.19 11.06 -10.97
CA THR A 193 21.20 11.89 -11.67
C THR A 193 21.53 13.38 -11.54
N VAL A 194 22.00 13.79 -10.37
CA VAL A 194 22.45 15.16 -10.17
C VAL A 194 23.78 15.41 -10.90
N LYS A 195 24.69 14.43 -10.88
CA LYS A 195 26.03 14.65 -11.41
C LYS A 195 26.02 14.90 -12.90
N THR A 196 25.10 14.27 -13.62
CA THR A 196 25.11 14.37 -15.07
C THR A 196 24.12 15.38 -15.64
N ARG A 197 22.89 15.44 -15.10
CA ARG A 197 21.87 16.36 -15.62
C ARG A 197 21.97 17.75 -15.03
N PHE A 198 22.45 17.87 -13.81
CA PHE A 198 22.32 19.14 -13.12
C PHE A 198 23.65 19.68 -12.61
N LEU A 199 24.78 19.23 -13.16
CA LEU A 199 26.07 19.83 -12.80
C LEU A 199 26.92 20.00 -14.07
N ASN A 200 26.92 21.24 -14.58
CA ASN A 200 27.56 21.60 -15.84
C ASN A 200 29.04 21.23 -15.86
N HIS A 201 29.68 21.12 -14.71
CA HIS A 201 31.02 20.57 -14.62
C HIS A 201 31.04 19.20 -13.96
N HIS A 202 29.86 18.61 -13.68
CA HIS A 202 29.69 17.20 -13.35
C HIS A 202 30.54 16.75 -12.16
N ARG A 203 30.74 17.65 -11.18
CA ARG A 203 31.45 17.34 -9.94
C ARG A 203 30.53 17.48 -8.72
N ILE A 204 30.42 16.40 -7.95
CA ILE A 204 29.62 16.34 -6.75
C ILE A 204 30.38 15.50 -5.74
N TRP A 205 30.31 15.87 -4.47
CA TRP A 205 30.97 15.07 -3.44
C TRP A 205 29.92 14.75 -2.41
N THR A 206 29.87 13.49 -2.01
CA THR A 206 29.05 13.08 -0.89
C THR A 206 30.00 12.89 0.28
N VAL A 207 29.79 13.65 1.35
CA VAL A 207 30.69 13.68 2.50
C VAL A 207 29.99 13.35 3.81
N GLY A 208 28.70 12.99 3.78
CA GLY A 208 27.93 12.75 4.97
C GLY A 208 27.91 11.28 5.39
N PRO A 209 27.47 11.00 6.63
CA PRO A 209 27.00 11.95 7.63
C PRO A 209 28.09 12.82 8.21
N LEU A 210 27.93 14.13 8.07
CA LEU A 210 28.83 15.04 8.76
C LEU A 210 28.39 15.00 10.21
N LEU A 211 29.16 14.30 11.04
CA LEU A 211 28.91 14.26 12.46
C LEU A 211 29.84 15.20 13.19
N PRO A 212 29.43 15.67 14.37
CA PRO A 212 30.01 16.89 14.93
C PRO A 212 31.29 16.76 15.73
N PHE A 213 32.04 17.86 15.76
CA PHE A 213 33.24 17.95 16.59
C PHE A 213 32.92 18.21 18.06
N LYS A 214 33.88 17.82 18.91
CA LYS A 214 33.64 17.70 20.35
C LYS A 214 32.37 16.85 20.68
N ASP A 218 26.35 21.15 22.68
CA ASP A 218 27.44 21.56 21.81
C ASP A 218 26.91 22.26 20.50
N ARG A 219 26.28 21.50 19.60
CA ARG A 219 25.90 21.94 18.25
C ARG A 219 24.99 23.18 18.29
N GLY A 220 24.74 23.74 17.11
CA GLY A 220 24.52 25.17 16.91
C GLY A 220 23.18 25.81 17.24
N GLY A 221 23.07 26.32 18.47
CA GLY A 221 24.24 26.59 19.28
C GLY A 221 24.28 26.19 20.75
N GLN A 222 23.33 26.70 21.54
CA GLN A 222 23.28 26.41 22.97
C GLN A 222 21.86 26.02 23.36
N SER A 223 21.73 24.81 23.93
CA SER A 223 20.53 24.26 24.55
C SER A 223 19.98 25.19 25.67
N SER A 224 18.82 24.82 26.26
CA SER A 224 18.05 25.71 27.12
C SER A 224 17.85 25.17 28.53
N ILE A 225 17.50 23.89 28.65
CA ILE A 225 17.66 23.17 29.92
C ILE A 225 19.09 22.64 29.90
N PRO A 226 19.83 22.72 31.02
CA PRO A 226 21.26 22.37 30.98
C PRO A 226 21.48 20.89 30.71
N PRO A 227 22.28 20.56 29.70
CA PRO A 227 22.40 19.16 29.28
C PRO A 227 22.75 18.15 30.37
N ALA A 228 23.41 18.57 31.46
CA ALA A 228 23.69 17.61 32.54
C ALA A 228 22.42 17.26 33.31
N LYS A 229 21.51 18.22 33.48
CA LYS A 229 20.16 17.91 33.97
C LYS A 229 19.45 16.93 33.04
N VAL A 230 19.65 17.07 31.73
CA VAL A 230 19.08 16.12 30.78
C VAL A 230 19.71 14.73 30.95
N SER A 231 21.06 14.66 30.94
CA SER A 231 21.73 13.35 30.91
C SER A 231 21.46 12.52 32.16
N ALA A 232 21.17 13.15 33.29
CA ALA A 232 20.89 12.40 34.50
C ALA A 232 19.40 12.24 34.71
N TRP A 233 18.64 12.40 33.64
CA TRP A 233 17.25 12.03 33.54
C TRP A 233 17.13 10.74 32.78
N LEU A 234 18.11 10.56 31.89
CA LEU A 234 18.22 9.45 30.97
C LEU A 234 18.89 8.26 31.65
N ASP A 235 20.11 8.47 32.15
CA ASP A 235 20.76 7.42 32.94
C ASP A 235 19.80 6.83 33.95
N SER A 236 18.93 7.65 34.53
CA SER A 236 17.95 7.16 35.48
C SER A 236 16.57 7.10 34.85
N CYS A 237 16.43 6.37 33.77
CA CYS A 237 15.16 5.77 33.37
C CYS A 237 15.47 4.35 32.93
N PRO A 238 14.52 3.41 33.15
CA PRO A 238 14.86 1.98 33.28
C PRO A 238 15.43 1.21 32.09
N GLU A 239 14.79 1.20 30.93
CA GLU A 239 15.08 0.19 29.91
C GLU A 239 15.71 0.78 28.66
N ASP A 240 16.81 0.16 28.25
CA ASP A 240 17.75 0.57 27.22
C ASP A 240 17.23 0.97 25.84
N ASN A 241 15.92 1.12 25.66
CA ASN A 241 15.46 1.52 24.33
C ASN A 241 14.00 2.00 24.39
N SER A 242 13.67 2.86 25.37
CA SER A 242 12.27 3.07 25.69
C SER A 242 11.90 4.54 25.90
N VAL A 243 12.75 5.48 25.48
CA VAL A 243 12.43 6.90 25.57
C VAL A 243 12.30 7.45 24.16
N VAL A 244 11.19 8.14 23.89
CA VAL A 244 10.91 8.69 22.58
C VAL A 244 11.09 10.19 22.66
N TYR A 245 12.01 10.69 21.84
CA TYR A 245 12.32 12.11 21.75
C TYR A 245 11.49 12.75 20.63
N VAL A 246 10.83 13.85 20.96
CA VAL A 246 9.94 14.53 20.03
C VAL A 246 10.52 15.91 19.78
N GLY A 247 10.73 16.23 18.50
CA GLY A 247 11.29 17.49 18.09
C GLY A 247 11.27 17.70 16.59
N PHE A 248 10.77 18.87 16.17
CA PHE A 248 10.64 19.22 14.75
C PHE A 248 11.79 20.14 14.26
N GLY A 249 12.96 19.98 14.85
CA GLY A 249 14.12 20.77 14.50
C GLY A 249 13.90 22.23 14.91
N SER A 250 14.47 23.12 14.09
CA SER A 250 14.53 24.54 14.41
C SER A 250 13.53 25.37 13.63
N GLN A 251 13.06 24.89 12.48
CA GLN A 251 12.28 25.73 11.57
C GLN A 251 10.75 25.66 11.78
N ILE A 252 10.26 24.79 12.67
CA ILE A 252 8.84 24.51 12.77
C ILE A 252 8.34 24.87 14.16
N ARG A 253 7.12 25.39 14.22
CA ARG A 253 6.40 25.56 15.48
C ARG A 253 4.96 25.16 15.21
N LEU A 254 4.41 24.28 16.02
CA LEU A 254 3.11 23.68 15.73
C LEU A 254 1.97 24.39 16.42
N THR A 255 0.81 24.36 15.76
CA THR A 255 -0.44 24.94 16.25
C THR A 255 -0.97 24.23 17.49
N ALA A 256 -1.74 24.98 18.28
CA ALA A 256 -2.23 24.46 19.56
C ALA A 256 -3.12 23.21 19.39
N GLU A 257 -3.90 23.11 18.31
CA GLU A 257 -4.73 21.90 18.13
C GLU A 257 -3.86 20.66 18.05
N GLN A 258 -2.72 20.74 17.34
CA GLN A 258 -1.88 19.58 17.18
C GLN A 258 -1.14 19.28 18.47
N THR A 259 -0.73 20.33 19.20
CA THR A 259 -0.06 20.13 20.49
C THR A 259 -0.94 19.32 21.43
N ALA A 260 -2.22 19.66 21.50
CA ALA A 260 -3.12 18.91 22.34
C ALA A 260 -3.25 17.47 21.87
N ALA A 261 -3.19 17.25 20.56
CA ALA A 261 -3.28 15.88 20.04
C ALA A 261 -1.99 15.11 20.30
N LEU A 262 -0.84 15.76 20.02
CA LEU A 262 0.46 15.14 20.25
C LEU A 262 0.69 14.87 21.73
N ALA A 263 0.34 15.83 22.59
CA ALA A 263 0.42 15.60 24.03
C ALA A 263 -0.51 14.50 24.49
N ALA A 264 -1.68 14.37 23.85
CA ALA A 264 -2.63 13.35 24.23
C ALA A 264 -2.07 11.96 24.01
N ALA A 265 -1.44 11.74 22.85
CA ALA A 265 -0.84 10.45 22.56
C ALA A 265 0.21 10.09 23.59
N LEU A 266 1.02 11.07 24.00
CA LEU A 266 2.10 10.82 24.94
C LEU A 266 1.57 10.43 26.31
N GLU A 267 0.52 11.11 26.78
CA GLU A 267 -0.13 10.75 28.05
C GLU A 267 -0.72 9.36 27.95
N LYS A 268 -1.30 9.06 26.80
CA LYS A 268 -1.97 7.79 26.59
C LYS A 268 -0.98 6.67 26.31
N SER A 269 0.23 6.98 25.84
CA SER A 269 1.14 5.97 25.34
C SER A 269 1.87 5.21 26.43
N SER A 270 2.02 5.79 27.62
CA SER A 270 2.64 5.17 28.78
C SER A 270 4.16 5.12 28.63
N VAL A 271 4.69 5.69 27.57
CA VAL A 271 6.13 5.70 27.35
C VAL A 271 6.71 6.97 27.93
N ARG A 272 8.02 6.94 28.17
CA ARG A 272 8.74 8.05 28.77
C ARG A 272 9.43 8.84 27.65
N PHE A 273 9.55 10.16 27.85
CA PHE A 273 9.83 10.96 26.67
C PHE A 273 10.48 12.29 27.04
N ILE A 274 11.04 12.92 26.02
CA ILE A 274 11.54 14.28 26.06
C ILE A 274 10.84 14.99 24.90
N TRP A 275 10.44 16.23 25.11
CA TRP A 275 9.75 16.97 24.06
C TRP A 275 10.37 18.35 23.95
N ALA A 276 10.77 18.72 22.73
CA ALA A 276 11.55 19.91 22.47
C ALA A 276 10.70 20.95 21.75
N VAL A 277 10.12 21.86 22.51
CA VAL A 277 9.28 22.89 21.88
C VAL A 277 10.11 24.14 21.70
N ARG A 278 9.78 24.93 20.67
CA ARG A 278 10.61 26.01 20.14
C ARG A 278 9.84 27.33 20.15
N ASP A 279 10.52 28.39 19.66
CA ASP A 279 10.04 29.78 19.67
C ASP A 279 9.71 30.29 18.26
N ALA A 280 8.92 31.37 18.20
CA ALA A 280 8.63 32.09 16.95
C ALA A 280 9.12 33.52 17.10
N ALA A 281 9.21 34.27 15.98
CA ALA A 281 9.55 35.70 16.04
C ALA A 281 9.13 36.41 14.75
N LYS A 282 8.69 37.67 14.90
CA LYS A 282 8.24 38.57 13.81
C LYS A 282 8.05 39.98 14.34
N LYS A 283 8.72 40.97 13.74
CA LYS A 283 8.72 42.31 14.31
C LYS A 283 9.10 43.37 13.27
N PRO A 297 2.57 25.80 25.10
CA PRO A 297 2.19 25.02 26.29
C PRO A 297 1.09 24.01 25.95
N ALA A 298 1.00 22.91 26.71
CA ALA A 298 0.00 21.88 26.44
C ALA A 298 -1.29 22.04 27.23
N GLY A 299 -1.20 22.52 28.47
CA GLY A 299 -2.39 22.77 29.25
C GLY A 299 -2.16 22.68 30.74
N PHE A 300 -1.32 21.75 31.16
CA PHE A 300 -1.21 21.39 32.57
C PHE A 300 -0.14 20.34 32.82
N GLU A 301 0.30 19.69 31.76
CA GLU A 301 0.79 18.33 31.88
C GLU A 301 2.26 18.21 32.20
N GLU A 302 3.03 19.30 32.15
CA GLU A 302 4.45 19.18 32.38
C GLU A 302 4.74 18.43 33.66
N ARG A 303 3.88 18.58 34.67
CA ARG A 303 4.01 17.86 35.93
C ARG A 303 2.83 16.94 36.16
N VAL A 304 2.03 16.68 35.12
CA VAL A 304 1.04 15.62 35.21
C VAL A 304 1.60 14.30 34.67
N LYS A 305 2.58 14.38 33.74
CA LYS A 305 3.25 13.22 33.17
C LYS A 305 4.76 13.18 33.41
N GLU A 306 5.18 12.56 34.53
CA GLU A 306 6.53 12.07 34.75
C GLU A 306 6.54 10.55 34.57
N LYS A 307 7.46 10.03 33.76
CA LYS A 307 8.45 10.83 33.04
C LYS A 307 8.15 11.09 31.54
N GLY A 308 8.34 12.33 31.08
CA GLY A 308 8.68 13.41 32.00
C GLY A 308 9.18 14.80 31.63
N LEU A 309 10.02 14.93 30.60
CA LEU A 309 10.71 16.19 30.41
C LEU A 309 10.19 16.96 29.18
N VAL A 310 10.18 18.28 29.30
CA VAL A 310 9.70 19.18 28.26
C VAL A 310 10.72 20.30 28.08
N ILE A 311 11.75 20.06 27.29
CA ILE A 311 12.77 21.08 27.05
C ILE A 311 12.23 22.17 26.11
N ARG A 312 11.86 23.32 26.66
CA ARG A 312 11.48 24.44 25.80
C ARG A 312 12.73 25.21 25.36
N GLY A 313 12.65 25.84 24.19
CA GLY A 313 13.78 26.54 23.62
C GLY A 313 14.58 25.73 22.61
N TRP A 314 15.72 25.22 23.03
CA TRP A 314 16.66 24.49 22.17
C TRP A 314 17.32 23.44 23.05
N ALA A 315 17.53 22.26 22.50
CA ALA A 315 17.73 21.08 23.34
C ALA A 315 18.95 20.32 22.87
N PRO A 316 19.52 19.47 23.74
CA PRO A 316 20.69 18.66 23.34
C PRO A 316 20.29 17.56 22.38
N GLN A 317 19.94 17.90 21.14
CA GLN A 317 19.34 16.90 20.27
C GLN A 317 20.26 15.68 20.11
N THR A 318 21.53 15.90 19.72
CA THR A 318 22.46 14.77 19.50
C THR A 318 22.86 14.06 20.78
N MET A 319 22.94 14.75 21.90
CA MET A 319 23.22 13.97 23.11
C MET A 319 22.05 13.07 23.43
N ILE A 320 20.86 13.50 23.07
CA ILE A 320 19.66 12.76 23.38
C ILE A 320 19.49 11.60 22.42
N LEU A 321 19.74 11.83 21.13
CA LEU A 321 19.50 10.77 20.15
C LEU A 321 20.56 9.67 20.22
N GLU A 322 21.71 9.95 20.82
CA GLU A 322 22.72 8.92 20.95
C GLU A 322 22.76 8.33 22.34
N HIS A 323 21.97 8.86 23.26
CA HIS A 323 21.84 8.25 24.56
C HIS A 323 21.28 6.83 24.45
N ARG A 324 21.66 6.00 25.45
CA ARG A 324 21.35 4.57 25.43
C ARG A 324 19.86 4.30 25.39
N ALA A 325 19.09 4.94 26.24
CA ALA A 325 17.69 4.53 26.33
C ALA A 325 16.77 5.44 25.52
N VAL A 326 17.14 5.78 24.30
CA VAL A 326 16.29 6.57 23.41
C VAL A 326 16.13 5.77 22.14
N GLY A 327 14.91 5.34 21.87
CA GLY A 327 14.72 4.33 20.86
C GLY A 327 13.85 4.80 19.73
N SER A 328 13.19 5.93 19.92
CA SER A 328 12.32 6.46 18.88
C SER A 328 12.40 7.97 18.83
N TYR A 329 12.29 8.49 17.61
CA TYR A 329 12.39 9.93 17.34
C TYR A 329 11.27 10.36 16.39
N LEU A 330 10.40 11.26 16.86
CA LEU A 330 9.28 11.75 16.06
C LEU A 330 9.64 13.12 15.53
N THR A 331 9.77 13.22 14.22
CA THR A 331 10.40 14.38 13.63
C THR A 331 9.68 14.79 12.37
N HIS A 332 10.05 15.96 11.88
CA HIS A 332 9.64 16.43 10.57
C HIS A 332 10.36 15.72 9.44
N LEU A 333 11.30 14.81 9.76
CA LEU A 333 12.14 14.15 8.78
C LEU A 333 12.97 15.17 8.00
N GLY A 334 13.53 16.15 8.70
CA GLY A 334 14.56 16.97 8.09
C GLY A 334 15.82 16.17 7.86
N TRP A 335 16.61 16.61 6.88
CA TRP A 335 17.72 15.73 6.49
C TRP A 335 18.78 15.63 7.59
N GLY A 336 19.13 16.73 8.25
CA GLY A 336 20.05 16.63 9.37
C GLY A 336 19.52 15.72 10.45
N SER A 337 18.22 15.81 10.72
CA SER A 337 17.58 14.98 11.74
C SER A 337 17.51 13.53 11.30
N VAL A 338 17.35 13.28 10.00
CA VAL A 338 17.42 11.91 9.50
C VAL A 338 18.79 11.33 9.84
N LEU A 339 19.84 12.10 9.59
CA LEU A 339 21.19 11.62 9.84
C LEU A 339 21.52 11.61 11.32
N GLU A 340 21.04 12.59 12.08
CA GLU A 340 21.26 12.47 13.52
C GLU A 340 20.54 11.24 14.06
N GLY A 341 19.28 11.07 13.66
CA GLY A 341 18.53 9.94 14.16
C GLY A 341 19.14 8.62 13.75
N MET A 342 19.56 8.52 12.50
CA MET A 342 20.18 7.27 12.04
C MET A 342 21.43 6.93 12.84
N VAL A 343 22.35 7.89 12.94
CA VAL A 343 23.57 7.66 13.72
C VAL A 343 23.22 7.23 15.14
N GLY A 344 22.28 7.94 15.77
CA GLY A 344 21.83 7.67 17.12
C GLY A 344 21.29 6.27 17.32
N GLY A 345 21.00 5.55 16.24
CA GLY A 345 20.45 4.19 16.30
C GLY A 345 19.01 4.14 16.74
N VAL A 346 18.21 5.11 16.31
CA VAL A 346 16.86 5.29 16.82
C VAL A 346 15.85 5.23 15.68
N MET A 347 14.71 4.62 15.97
CA MET A 347 13.62 4.53 15.02
C MET A 347 13.07 5.92 14.67
N LEU A 348 12.90 6.18 13.37
CA LEU A 348 12.36 7.45 12.90
C LEU A 348 10.84 7.37 12.75
N LEU A 349 10.14 8.32 13.39
CA LEU A 349 8.69 8.52 13.23
C LEU A 349 8.49 9.80 12.45
N ALA A 350 8.02 9.70 11.20
CA ALA A 350 8.07 10.79 10.24
C ALA A 350 6.76 11.54 10.15
N TRP A 351 6.83 12.88 10.22
CA TRP A 351 5.68 13.77 10.04
C TRP A 351 6.10 14.96 9.21
N PRO A 352 6.16 14.82 7.89
CA PRO A 352 6.70 15.88 7.05
C PRO A 352 5.82 17.12 7.15
N MET A 353 6.42 18.30 6.95
CA MET A 353 5.60 19.51 7.01
C MET A 353 5.94 20.56 5.95
N GLN A 354 7.17 20.64 5.44
CA GLN A 354 7.52 21.64 4.43
C GLN A 354 8.92 21.33 3.94
N ALA A 355 9.48 22.22 3.13
CA ALA A 355 10.89 22.17 2.73
C ALA A 355 11.15 20.82 2.06
N ASP A 356 12.30 20.21 2.29
CA ASP A 356 12.63 18.93 1.68
C ASP A 356 11.97 17.76 2.38
N HIS A 357 11.09 18.03 3.35
CA HIS A 357 10.58 16.95 4.19
C HIS A 357 9.87 15.89 3.39
N PHE A 358 9.14 16.28 2.35
CA PHE A 358 8.41 15.25 1.62
C PHE A 358 9.34 14.39 0.79
N PHE A 359 10.31 15.01 0.13
CA PHE A 359 11.28 14.22 -0.62
C PHE A 359 11.97 13.22 0.29
N ASN A 360 12.20 13.61 1.56
CA ASN A 360 12.79 12.72 2.56
C ASN A 360 11.87 11.55 2.85
N THR A 361 10.57 11.82 2.89
CA THR A 361 9.55 10.80 3.12
C THR A 361 9.45 9.84 1.95
N THR A 362 9.47 10.38 0.73
CA THR A 362 9.48 9.53 -0.46
C THR A 362 10.65 8.55 -0.47
N LEU A 363 11.85 9.01 -0.09
CA LEU A 363 13.03 8.16 -0.08
C LEU A 363 13.08 7.24 1.16
N ILE A 364 13.02 7.82 2.36
CA ILE A 364 13.28 7.04 3.56
C ILE A 364 12.08 6.16 3.92
N VAL A 365 10.87 6.73 3.86
CA VAL A 365 9.68 6.00 4.30
C VAL A 365 9.22 5.10 3.20
N ASP A 366 8.93 5.70 2.04
CA ASP A 366 8.34 4.96 0.94
C ASP A 366 9.33 3.98 0.33
N LYS A 367 10.52 4.47 -0.06
CA LYS A 367 11.40 3.66 -0.88
C LYS A 367 12.18 2.66 -0.04
N LEU A 368 12.80 3.08 1.05
CA LEU A 368 13.71 2.19 1.78
C LEU A 368 13.08 1.56 2.99
N ARG A 369 11.84 1.91 3.34
CA ARG A 369 11.12 1.30 4.44
C ARG A 369 11.91 1.40 5.74
N ALA A 370 12.40 2.61 6.03
CA ALA A 370 13.26 2.88 7.19
C ALA A 370 12.67 3.89 8.18
N ALA A 371 11.41 4.27 8.02
CA ALA A 371 10.71 5.07 9.01
C ALA A 371 9.24 4.83 8.86
N VAL A 372 8.52 4.99 9.97
CA VAL A 372 7.06 4.86 10.01
C VAL A 372 6.49 6.27 9.90
N ARG A 373 5.66 6.51 8.91
CA ARG A 373 4.99 7.81 8.84
C ARG A 373 3.93 7.90 9.92
N VAL A 374 3.86 9.04 10.60
CA VAL A 374 2.87 9.17 11.67
C VAL A 374 2.06 10.45 11.53
N GLY A 375 2.24 11.17 10.43
CA GLY A 375 1.46 12.37 10.18
C GLY A 375 1.63 12.72 8.73
N GLU A 376 0.71 13.52 8.22
CA GLU A 376 0.61 13.68 6.78
C GLU A 376 1.02 15.06 6.27
N ASN A 377 0.63 16.13 6.93
CA ASN A 377 0.70 17.44 6.31
C ASN A 377 1.19 18.45 7.33
N ARG A 378 1.46 19.65 6.82
CA ARG A 378 1.76 20.81 7.65
C ARG A 378 0.59 21.16 8.57
N ASP A 379 -0.62 20.74 8.21
CA ASP A 379 -1.85 21.07 8.93
C ASP A 379 -2.47 19.89 9.67
N SER A 380 -1.88 18.70 9.57
CA SER A 380 -2.52 17.50 10.08
C SER A 380 -2.74 17.58 11.58
N VAL A 381 -3.74 16.84 12.04
CA VAL A 381 -3.97 16.60 13.46
C VAL A 381 -4.24 15.09 13.51
N PRO A 382 -3.54 14.34 14.36
CA PRO A 382 -3.64 12.88 14.29
C PRO A 382 -4.70 12.29 15.22
N ASP A 383 -5.12 11.07 14.87
CA ASP A 383 -5.98 10.30 15.76
C ASP A 383 -5.19 10.15 17.05
N SER A 384 -5.65 10.81 18.10
CA SER A 384 -4.94 10.74 19.37
C SER A 384 -4.67 9.29 19.75
N ASP A 385 -5.64 8.40 19.44
CA ASP A 385 -5.56 7.00 19.83
C ASP A 385 -4.60 6.21 18.93
N LYS A 386 -4.60 6.50 17.63
CA LYS A 386 -3.69 5.82 16.72
C LYS A 386 -2.25 6.18 17.04
N LEU A 387 -1.95 7.47 17.13
CA LEU A 387 -0.59 7.93 17.41
C LEU A 387 -0.05 7.38 18.71
N ALA A 388 -0.89 7.19 19.72
CA ALA A 388 -0.38 6.69 20.99
C ALA A 388 0.20 5.29 20.84
N ARG A 389 -0.46 4.41 20.05
CA ARG A 389 0.03 3.04 19.88
C ARG A 389 1.27 2.98 19.00
N ILE A 390 1.27 3.69 17.87
CA ILE A 390 2.48 3.76 17.06
C ILE A 390 3.64 4.20 17.95
N LEU A 391 3.36 5.15 18.86
CA LEU A 391 4.39 5.61 19.79
C LEU A 391 4.80 4.53 20.79
N ALA A 392 3.84 3.73 21.27
CA ALA A 392 4.24 2.73 22.23
C ALA A 392 5.08 1.65 21.55
N GLU A 393 4.64 1.19 20.39
CA GLU A 393 5.34 0.08 19.75
C GLU A 393 6.60 0.51 19.01
N SER A 394 6.92 1.81 19.01
CA SER A 394 7.92 2.34 18.08
C SER A 394 9.33 2.05 18.52
N ALA A 395 9.55 1.90 19.81
CA ALA A 395 10.93 1.75 20.25
C ALA A 395 11.44 0.33 20.10
N ARG A 396 10.54 -0.67 20.01
CA ARG A 396 11.00 -2.06 20.03
C ARG A 396 11.73 -2.40 18.74
N GLU A 397 12.93 -2.99 18.92
CA GLU A 397 13.88 -3.22 17.84
C GLU A 397 13.39 -4.22 16.79
N ASP A 398 12.31 -4.95 17.08
CA ASP A 398 11.81 -5.93 16.13
C ASP A 398 11.33 -5.33 14.82
N LEU A 399 10.91 -4.07 14.80
CA LEU A 399 10.13 -3.67 13.65
C LEU A 399 11.03 -3.65 12.43
N PRO A 400 10.49 -4.06 11.28
CA PRO A 400 11.31 -4.08 10.05
C PRO A 400 11.67 -2.70 9.54
N GLU A 401 11.02 -1.65 10.07
CA GLU A 401 11.44 -0.28 9.80
C GLU A 401 12.67 0.11 10.62
N ARG A 402 12.81 -0.41 11.84
CA ARG A 402 13.97 -0.04 12.64
C ARG A 402 15.21 -0.73 12.12
N VAL A 403 15.10 -2.02 11.79
CA VAL A 403 16.29 -2.78 11.38
C VAL A 403 16.76 -2.33 10.01
N THR A 404 15.84 -1.97 9.13
CA THR A 404 16.25 -1.42 7.84
C THR A 404 17.02 -0.12 8.03
N LEU A 405 16.69 0.67 9.07
CA LEU A 405 17.51 1.84 9.40
C LEU A 405 18.80 1.44 10.12
N MET A 406 18.75 0.47 11.03
CA MET A 406 19.99 -0.02 11.62
C MET A 406 20.96 -0.61 10.60
N LYS A 407 20.45 -1.21 9.52
CA LYS A 407 21.30 -1.58 8.40
C LYS A 407 21.89 -0.33 7.72
N LEU A 408 21.05 0.68 7.45
CA LEU A 408 21.55 1.89 6.79
C LEU A 408 22.61 2.60 7.61
N ARG A 409 22.40 2.69 8.93
CA ARG A 409 23.45 3.17 9.81
C ARG A 409 24.74 2.39 9.59
N GLU A 410 24.65 1.07 9.42
CA GLU A 410 25.85 0.30 9.12
C GLU A 410 26.51 0.83 7.85
N LYS A 411 25.72 1.05 6.78
CA LYS A 411 26.28 1.59 5.54
C LYS A 411 26.76 3.03 5.70
N ALA A 412 26.04 3.84 6.47
CA ALA A 412 26.45 5.23 6.65
C ALA A 412 27.68 5.32 7.51
N MET A 413 27.72 4.57 8.61
CA MET A 413 28.82 4.69 9.56
C MET A 413 30.13 4.21 8.97
N GLU A 414 30.09 3.29 8.02
CA GLU A 414 31.32 2.87 7.41
C GLU A 414 31.62 3.63 6.13
N ALA A 415 30.66 4.37 5.59
CA ALA A 415 31.02 5.24 4.48
C ALA A 415 31.80 6.47 4.94
N ILE A 416 31.84 6.74 6.24
CA ILE A 416 32.63 7.84 6.78
C ILE A 416 33.90 7.39 7.47
N LYS A 417 34.09 6.08 7.69
CA LYS A 417 35.39 5.59 8.13
C LYS A 417 36.40 5.64 6.99
N GLU A 418 37.68 5.57 7.34
CA GLU A 418 38.73 5.64 6.33
C GLU A 418 38.44 4.64 5.21
N GLY A 419 38.68 5.05 3.98
CA GLY A 419 38.34 4.22 2.84
C GLY A 419 36.88 4.27 2.42
N GLY A 420 35.98 4.85 3.24
CA GLY A 420 34.59 5.01 2.86
C GLY A 420 34.41 6.01 1.72
N SER A 421 33.21 6.04 1.13
CA SER A 421 32.96 6.98 0.04
C SER A 421 33.14 8.40 0.54
N SER A 422 32.65 8.69 1.74
CA SER A 422 32.70 10.04 2.25
C SER A 422 34.08 10.40 2.79
N TYR A 423 34.80 9.48 3.45
CA TYR A 423 36.18 9.80 3.79
C TYR A 423 36.99 10.12 2.54
N LYS A 424 36.90 9.26 1.52
CA LYS A 424 37.62 9.52 0.28
C LYS A 424 37.15 10.82 -0.37
N ASN A 425 35.83 11.05 -0.43
CA ASN A 425 35.28 12.20 -1.13
C ASN A 425 35.75 13.51 -0.54
N LEU A 426 35.89 13.55 0.79
CA LEU A 426 36.40 14.74 1.42
C LEU A 426 37.87 14.93 1.06
N ASP A 427 38.65 13.83 1.07
CA ASP A 427 40.03 13.90 0.62
C ASP A 427 40.12 14.42 -0.81
N GLU A 428 39.45 13.74 -1.73
CA GLU A 428 39.46 14.18 -3.12
C GLU A 428 39.00 15.64 -3.24
N LEU A 429 38.13 16.08 -2.33
CA LEU A 429 37.62 17.45 -2.39
C LEU A 429 38.67 18.46 -1.93
N VAL A 430 39.24 18.26 -0.75
CA VAL A 430 40.29 19.17 -0.28
C VAL A 430 41.35 19.29 -1.35
N ALA A 431 41.70 18.16 -1.98
CA ALA A 431 42.68 18.14 -3.05
C ALA A 431 42.19 19.01 -4.20
N GLU A 432 41.08 18.61 -4.82
CA GLU A 432 40.67 19.36 -6.00
C GLU A 432 40.52 20.83 -5.70
N MET A 433 40.38 21.21 -4.43
CA MET A 433 40.30 22.63 -4.12
C MET A 433 41.57 23.38 -4.51
N CYS A 434 42.72 22.70 -4.65
CA CYS A 434 43.98 23.39 -4.88
C CYS A 434 44.29 23.63 -6.34
N LEU A 435 43.77 22.78 -7.22
CA LEU A 435 44.06 22.75 -8.65
C LEU A 435 44.14 24.13 -9.32
N THR B 6 -17.00 4.85 14.80
CA THR B 6 -16.62 5.68 15.95
C THR B 6 -17.01 4.91 17.23
N LYS B 7 -16.15 4.03 17.78
CA LYS B 7 -14.84 3.59 17.25
C LYS B 7 -14.85 2.07 17.44
N LYS B 8 -14.52 1.29 16.42
CA LYS B 8 -14.65 -0.16 16.51
C LYS B 8 -13.29 -0.86 16.51
N PRO B 9 -13.24 -2.12 17.02
CA PRO B 9 -11.92 -2.73 17.26
C PRO B 9 -11.41 -3.64 16.16
N HIS B 10 -10.11 -3.89 16.25
CA HIS B 10 -9.47 -4.98 15.54
C HIS B 10 -9.31 -6.18 16.48
N VAL B 11 -9.99 -7.27 16.14
CA VAL B 11 -10.05 -8.46 16.96
C VAL B 11 -9.26 -9.54 16.27
N LEU B 12 -8.32 -10.17 17.00
CA LEU B 12 -7.57 -11.31 16.47
C LEU B 12 -8.19 -12.55 17.09
N VAL B 13 -9.04 -13.22 16.31
CA VAL B 13 -9.75 -14.40 16.78
C VAL B 13 -8.89 -15.64 16.54
N ILE B 14 -8.74 -16.44 17.59
CA ILE B 14 -8.01 -17.71 17.57
C ILE B 14 -8.93 -18.82 18.06
N PRO B 15 -9.65 -19.51 17.18
CA PRO B 15 -10.52 -20.60 17.63
C PRO B 15 -9.70 -21.83 18.05
N PHE B 16 -10.39 -22.76 18.77
CA PHE B 16 -9.82 -24.08 19.03
C PHE B 16 -10.30 -25.07 17.98
N PRO B 17 -9.40 -25.85 17.36
CA PRO B 17 -9.82 -26.72 16.24
C PRO B 17 -10.69 -27.89 16.69
N GLN B 18 -11.97 -27.64 16.90
CA GLN B 18 -12.93 -28.69 17.23
C GLN B 18 -14.32 -28.10 17.04
N SER B 19 -15.23 -28.86 16.41
CA SER B 19 -16.54 -28.33 16.06
C SER B 19 -17.18 -27.59 17.22
N GLY B 20 -17.15 -28.19 18.40
CA GLY B 20 -17.82 -27.59 19.54
C GLY B 20 -17.32 -26.21 19.82
N HIS B 21 -16.05 -25.97 19.55
CA HIS B 21 -15.45 -24.67 19.74
C HIS B 21 -15.53 -23.85 18.47
N MET B 22 -15.02 -24.38 17.38
CA MET B 22 -14.88 -23.60 16.17
C MET B 22 -16.23 -23.06 15.71
N VAL B 23 -17.30 -23.83 15.84
CA VAL B 23 -18.57 -23.39 15.24
C VAL B 23 -19.12 -22.14 15.94
N PRO B 24 -19.37 -22.13 17.26
CA PRO B 24 -19.89 -20.90 17.86
C PRO B 24 -18.86 -19.78 17.92
N HIS B 25 -17.57 -20.11 18.02
CA HIS B 25 -16.55 -19.06 17.99
C HIS B 25 -16.56 -18.30 16.67
N LEU B 26 -16.91 -18.96 15.57
CA LEU B 26 -17.06 -18.25 14.32
C LEU B 26 -18.37 -17.51 14.24
N ASP B 27 -19.45 -18.09 14.77
CA ASP B 27 -20.71 -17.35 14.89
C ASP B 27 -20.52 -16.10 15.75
N LEU B 28 -19.82 -16.22 16.88
CA LEU B 28 -19.48 -15.02 17.64
C LEU B 28 -18.62 -14.09 16.80
N THR B 29 -17.74 -14.63 15.97
CA THR B 29 -16.99 -13.74 15.08
C THR B 29 -17.94 -12.94 14.20
N HIS B 30 -18.87 -13.63 13.52
CA HIS B 30 -19.84 -12.92 12.69
C HIS B 30 -20.60 -11.89 13.48
N GLN B 31 -20.87 -12.15 14.76
CA GLN B 31 -21.62 -11.18 15.56
C GLN B 31 -20.81 -9.91 15.77
N ILE B 32 -19.54 -10.04 16.15
CA ILE B 32 -18.78 -8.82 16.34
C ILE B 32 -18.50 -8.19 14.99
N LEU B 33 -18.51 -8.99 13.93
CA LEU B 33 -18.39 -8.41 12.60
C LEU B 33 -19.56 -7.52 12.29
N LEU B 34 -20.77 -7.95 12.68
CA LEU B 34 -21.97 -7.21 12.30
C LEU B 34 -22.00 -5.85 12.96
N ARG B 35 -21.52 -5.76 14.19
CA ARG B 35 -21.34 -4.46 14.81
C ARG B 35 -20.06 -3.76 14.36
N GLY B 36 -19.65 -3.93 13.10
CA GLY B 36 -18.59 -3.12 12.51
C GLY B 36 -17.19 -3.30 13.06
N ALA B 37 -16.86 -4.46 13.59
CA ALA B 37 -15.51 -4.68 14.05
C ALA B 37 -14.68 -5.20 12.88
N THR B 38 -13.40 -5.40 13.11
CA THR B 38 -12.51 -6.01 12.15
C THR B 38 -11.80 -7.18 12.78
N VAL B 39 -11.79 -8.30 12.07
CA VAL B 39 -11.30 -9.55 12.63
C VAL B 39 -10.17 -10.08 11.76
N THR B 40 -9.16 -10.65 12.41
CA THR B 40 -8.16 -11.48 11.75
C THR B 40 -8.21 -12.87 12.39
N VAL B 41 -8.52 -13.87 11.59
CA VAL B 41 -8.72 -15.21 12.08
C VAL B 41 -7.49 -16.05 11.79
N LEU B 42 -6.96 -16.68 12.85
CA LEU B 42 -5.74 -17.48 12.82
C LEU B 42 -6.10 -18.97 12.82
N VAL B 43 -5.83 -19.66 11.71
CA VAL B 43 -6.13 -21.07 11.61
C VAL B 43 -4.97 -21.83 10.96
N THR B 44 -4.95 -23.14 11.19
CA THR B 44 -3.99 -23.96 10.46
C THR B 44 -4.61 -24.35 9.12
N PRO B 45 -3.79 -24.74 8.13
CA PRO B 45 -4.27 -24.78 6.72
C PRO B 45 -5.44 -25.69 6.46
N LYS B 46 -5.48 -26.84 7.11
CA LYS B 46 -6.61 -27.72 6.84
C LYS B 46 -7.90 -27.20 7.44
N ASN B 47 -7.83 -26.12 8.25
CA ASN B 47 -8.96 -25.43 8.87
C ASN B 47 -9.35 -24.15 8.15
N SER B 48 -8.76 -23.86 7.00
CA SER B 48 -9.13 -22.63 6.31
C SER B 48 -10.46 -22.77 5.63
N SER B 49 -10.91 -24.03 5.50
CA SER B 49 -12.19 -24.30 4.90
C SER B 49 -13.35 -23.68 5.69
N TYR B 50 -13.28 -23.73 7.03
CA TYR B 50 -14.40 -23.28 7.85
C TYR B 50 -14.64 -21.79 7.83
N LEU B 51 -13.69 -21.00 7.32
CA LEU B 51 -13.85 -19.57 7.20
C LEU B 51 -14.53 -19.13 5.93
N ASP B 52 -14.75 -20.02 4.97
CA ASP B 52 -15.28 -19.58 3.67
C ASP B 52 -16.63 -18.88 3.76
N ALA B 53 -17.64 -19.60 4.26
CA ALA B 53 -18.98 -19.03 4.32
C ALA B 53 -18.94 -17.71 5.06
N LEU B 54 -18.17 -17.65 6.13
CA LEU B 54 -18.03 -16.39 6.83
C LEU B 54 -17.40 -15.34 5.92
N ARG B 55 -16.45 -15.76 5.06
CA ARG B 55 -15.76 -14.82 4.17
C ARG B 55 -16.68 -14.26 3.11
N SER B 56 -17.60 -15.08 2.59
CA SER B 56 -18.51 -14.61 1.56
C SER B 56 -19.46 -13.50 2.02
N LEU B 57 -19.50 -13.18 3.33
CA LEU B 57 -20.43 -12.19 3.82
C LEU B 57 -19.77 -10.95 4.41
N HIS B 58 -18.47 -10.75 4.21
CA HIS B 58 -17.80 -9.61 4.79
C HIS B 58 -16.67 -9.19 3.89
N SER B 59 -16.30 -7.92 3.97
CA SER B 59 -15.26 -7.41 3.10
C SER B 59 -13.90 -8.02 3.46
N PRO B 60 -13.02 -8.17 2.46
CA PRO B 60 -11.60 -8.51 2.73
C PRO B 60 -10.85 -7.42 3.49
N GLU B 61 -11.47 -6.26 3.70
CA GLU B 61 -10.90 -5.21 4.51
C GLU B 61 -11.34 -5.28 5.96
N HIS B 62 -12.45 -5.98 6.23
CA HIS B 62 -12.94 -6.22 7.59
C HIS B 62 -12.64 -7.61 8.11
N PHE B 63 -12.41 -8.57 7.21
CA PHE B 63 -12.17 -9.95 7.58
C PHE B 63 -10.82 -10.36 7.06
N LYS B 64 -9.92 -10.70 7.95
CA LYS B 64 -8.60 -11.13 7.53
C LYS B 64 -8.28 -12.50 8.08
N THR B 65 -7.40 -13.20 7.38
CA THR B 65 -7.03 -14.56 7.75
C THR B 65 -5.53 -14.66 7.89
N LEU B 66 -5.05 -15.05 9.06
CA LEU B 66 -3.68 -15.48 9.18
C LEU B 66 -3.70 -17.00 9.19
N ILE B 67 -2.85 -17.61 8.36
CA ILE B 67 -2.74 -19.07 8.24
C ILE B 67 -1.31 -19.47 8.55
N LEU B 68 -1.15 -20.36 9.52
CA LEU B 68 0.11 -20.91 9.94
C LEU B 68 0.08 -22.42 9.82
N PRO B 69 1.20 -23.07 9.49
CA PRO B 69 1.18 -24.52 9.40
C PRO B 69 0.93 -25.09 10.78
N PHE B 70 0.24 -26.21 10.81
CA PHE B 70 -0.01 -26.94 12.04
C PHE B 70 1.33 -27.51 12.52
N PRO B 71 1.82 -27.08 13.68
CA PRO B 71 3.07 -27.66 14.19
C PRO B 71 2.92 -29.16 14.36
N SER B 72 3.83 -29.91 13.76
CA SER B 72 3.70 -31.37 13.77
C SER B 72 3.95 -31.93 15.16
N HIS B 73 3.22 -32.99 15.49
CA HIS B 73 3.33 -33.65 16.79
C HIS B 73 3.39 -35.16 16.62
N PRO B 74 4.24 -35.84 17.41
CA PRO B 74 4.39 -37.30 17.24
C PRO B 74 3.11 -38.09 17.53
N CYS B 75 2.31 -37.65 18.49
CA CYS B 75 1.10 -38.40 18.80
C CYS B 75 -0.05 -38.09 17.86
N ILE B 76 0.11 -37.16 16.94
CA ILE B 76 -0.97 -36.72 16.07
C ILE B 76 -0.72 -37.22 14.64
N PRO B 77 -1.70 -37.87 14.01
CA PRO B 77 -1.54 -38.27 12.61
C PRO B 77 -1.18 -37.10 11.71
N SER B 78 -0.22 -37.32 10.82
CA SER B 78 0.18 -36.26 9.89
C SER B 78 -1.04 -35.79 9.12
N GLY B 79 -1.13 -34.48 8.89
CA GLY B 79 -2.25 -33.96 8.16
C GLY B 79 -3.55 -33.89 8.92
N VAL B 80 -3.54 -34.16 10.23
CA VAL B 80 -4.72 -33.97 11.06
C VAL B 80 -4.58 -32.67 11.84
N GLU B 81 -5.57 -31.80 11.73
CA GLU B 81 -5.47 -30.52 12.39
C GLU B 81 -6.76 -30.17 13.15
N SER B 82 -7.62 -31.14 13.38
CA SER B 82 -8.88 -30.88 14.06
C SER B 82 -9.15 -32.05 15.00
N LEU B 83 -9.40 -31.72 16.26
CA LEU B 83 -9.57 -32.76 17.25
C LEU B 83 -10.83 -33.60 17.05
N GLN B 84 -11.79 -33.10 16.29
CA GLN B 84 -13.01 -33.86 16.06
C GLN B 84 -12.75 -35.12 15.26
N GLN B 85 -11.55 -35.27 14.72
CA GLN B 85 -11.17 -36.50 14.04
C GLN B 85 -10.49 -37.52 14.95
N LEU B 86 -10.35 -37.24 16.24
CA LEU B 86 -9.55 -38.00 17.20
C LEU B 86 -10.32 -38.27 18.48
N PRO B 87 -9.87 -39.25 19.27
CA PRO B 87 -10.48 -39.46 20.60
C PRO B 87 -10.26 -38.23 21.50
N LEU B 88 -11.36 -37.78 22.13
CA LEU B 88 -11.33 -36.54 22.88
C LEU B 88 -10.18 -36.51 23.90
N GLU B 89 -9.75 -37.68 24.37
CA GLU B 89 -8.60 -37.69 25.26
C GLU B 89 -7.30 -37.38 24.52
N ALA B 90 -7.30 -37.42 23.18
CA ALA B 90 -6.10 -37.07 22.42
C ALA B 90 -5.83 -35.58 22.46
N ILE B 91 -6.80 -34.81 22.97
CA ILE B 91 -6.74 -33.37 23.03
C ILE B 91 -5.51 -32.87 23.73
N VAL B 92 -4.91 -33.68 24.60
CA VAL B 92 -3.79 -33.20 25.40
C VAL B 92 -2.56 -32.95 24.55
N HIS B 93 -2.40 -33.73 23.48
CA HIS B 93 -1.31 -33.47 22.54
C HIS B 93 -1.66 -32.35 21.58
N MET B 94 -2.94 -32.18 21.27
CA MET B 94 -3.36 -31.03 20.51
C MET B 94 -2.98 -29.73 21.20
N PHE B 95 -3.17 -29.68 22.53
CA PHE B 95 -2.74 -28.54 23.32
C PHE B 95 -1.27 -28.22 23.12
N ASP B 96 -0.44 -29.26 23.25
CA ASP B 96 1.00 -29.11 23.09
C ASP B 96 1.35 -28.58 21.72
N ALA B 97 0.85 -29.26 20.67
CA ALA B 97 1.21 -28.85 19.32
C ALA B 97 0.86 -27.40 19.10
N LEU B 98 -0.42 -27.07 19.31
CA LEU B 98 -0.93 -25.72 19.04
C LEU B 98 -0.16 -24.67 19.82
N SER B 99 0.35 -25.01 20.99
CA SER B 99 1.11 -24.04 21.76
C SER B 99 2.36 -23.61 21.01
N ARG B 100 2.81 -24.40 20.03
CA ARG B 100 3.92 -24.02 19.19
C ARG B 100 3.51 -23.08 18.07
N LEU B 101 2.24 -22.75 17.95
CA LEU B 101 1.91 -21.62 17.11
C LEU B 101 2.30 -20.30 17.77
N HIS B 102 2.73 -20.35 19.04
CA HIS B 102 3.04 -19.14 19.79
C HIS B 102 4.11 -18.30 19.11
N ASP B 103 5.28 -18.89 18.83
CA ASP B 103 6.35 -18.13 18.18
C ASP B 103 6.03 -17.59 16.79
N PRO B 104 5.41 -18.35 15.85
CA PRO B 104 5.06 -17.74 14.55
C PRO B 104 4.16 -16.55 14.70
N LEU B 105 3.24 -16.61 15.66
CA LEU B 105 2.38 -15.48 15.95
C LEU B 105 3.22 -14.30 16.39
N VAL B 106 4.15 -14.56 17.31
CA VAL B 106 4.98 -13.47 17.83
C VAL B 106 5.80 -12.83 16.70
N ASP B 107 6.32 -13.63 15.75
CA ASP B 107 6.97 -13.05 14.56
C ASP B 107 5.99 -12.27 13.69
N PHE B 108 4.79 -12.82 13.47
CA PHE B 108 3.84 -12.07 12.65
C PHE B 108 3.50 -10.71 13.28
N LEU B 109 3.19 -10.71 14.59
CA LEU B 109 2.84 -9.46 15.26
C LEU B 109 4.04 -8.52 15.32
N SER B 110 5.25 -9.07 15.50
CA SER B 110 6.44 -8.23 15.58
C SER B 110 6.64 -7.46 14.30
N ARG B 111 6.50 -8.14 13.16
CA ARG B 111 6.66 -7.47 11.89
C ARG B 111 5.39 -6.77 11.46
N GLN B 112 4.44 -6.63 12.38
CA GLN B 112 3.23 -5.97 11.90
C GLN B 112 3.34 -4.49 12.14
N PRO B 113 2.83 -3.68 11.21
CA PRO B 113 2.89 -2.23 11.41
C PRO B 113 2.26 -1.87 12.73
N PRO B 114 2.75 -0.81 13.37
CA PRO B 114 2.20 -0.46 14.68
C PRO B 114 0.72 -0.17 14.63
N SER B 115 0.20 0.24 13.46
CA SER B 115 -1.19 0.65 13.32
C SER B 115 -2.12 -0.55 13.31
N ASP B 116 -1.75 -1.61 12.62
CA ASP B 116 -2.64 -2.73 12.36
C ASP B 116 -2.74 -3.70 13.54
N LEU B 117 -2.05 -3.44 14.63
CA LEU B 117 -2.07 -4.37 15.75
C LEU B 117 -3.48 -4.55 16.30
N PRO B 118 -3.85 -5.75 16.74
CA PRO B 118 -5.18 -5.97 17.29
C PRO B 118 -5.38 -5.21 18.58
N ASP B 119 -6.62 -4.82 18.82
CA ASP B 119 -6.99 -4.23 20.10
C ASP B 119 -7.16 -5.30 21.16
N ALA B 120 -7.74 -6.44 20.77
CA ALA B 120 -8.00 -7.52 21.68
C ALA B 120 -7.78 -8.85 20.96
N ILE B 121 -7.51 -9.88 21.75
CA ILE B 121 -7.44 -11.25 21.25
C ILE B 121 -8.65 -11.97 21.80
N LEU B 122 -9.50 -12.47 20.90
CA LEU B 122 -10.64 -13.31 21.25
C LEU B 122 -10.29 -14.76 20.90
N GLY B 123 -9.52 -15.40 21.79
CA GLY B 123 -9.02 -16.76 21.55
C GLY B 123 -9.65 -17.85 22.39
N SER B 124 -9.51 -19.12 22.02
CA SER B 124 -10.14 -20.15 22.82
C SER B 124 -9.51 -20.26 24.19
N SER B 125 -10.36 -20.25 25.20
CA SER B 125 -9.92 -20.50 26.57
C SER B 125 -9.01 -21.72 26.65
N PHE B 126 -9.15 -22.66 25.71
CA PHE B 126 -8.26 -23.81 25.75
C PHE B 126 -6.86 -23.44 25.33
N LEU B 127 -6.71 -22.39 24.53
CA LEU B 127 -5.38 -21.94 24.14
C LEU B 127 -4.85 -20.80 25.02
N SER B 128 -5.58 -20.46 26.09
CA SER B 128 -5.29 -19.23 26.82
C SER B 128 -3.91 -19.16 27.46
N PRO B 129 -3.27 -20.24 27.94
CA PRO B 129 -1.89 -20.11 28.44
C PRO B 129 -0.92 -19.35 27.52
N TRP B 130 -0.76 -19.77 26.27
CA TRP B 130 0.17 -19.05 25.41
C TRP B 130 -0.51 -17.85 24.75
N ILE B 131 -1.81 -17.91 24.49
CA ILE B 131 -2.48 -16.75 23.91
C ILE B 131 -2.35 -15.55 24.84
N ASN B 132 -2.40 -15.78 26.14
CA ASN B 132 -2.16 -14.71 27.10
C ASN B 132 -0.73 -14.19 27.01
N LYS B 133 0.25 -15.11 26.95
CA LYS B 133 1.64 -14.71 26.85
C LYS B 133 1.88 -13.89 25.59
N VAL B 134 1.22 -14.26 24.48
CA VAL B 134 1.36 -13.44 23.28
C VAL B 134 0.68 -12.11 23.52
N ALA B 135 -0.41 -12.10 24.28
CA ALA B 135 -1.12 -10.84 24.51
C ALA B 135 -0.31 -9.91 25.40
N ASP B 136 0.31 -10.42 26.46
CA ASP B 136 1.03 -9.53 27.36
C ASP B 136 2.13 -8.79 26.65
N ALA B 137 2.91 -9.52 25.85
CA ALA B 137 4.08 -8.90 25.23
C ALA B 137 3.72 -7.83 24.21
N PHE B 138 2.44 -7.58 23.94
CA PHE B 138 2.08 -6.52 23.02
C PHE B 138 1.06 -5.55 23.61
N SER B 139 0.77 -5.64 24.92
CA SER B 139 -0.21 -4.81 25.62
C SER B 139 -1.59 -4.88 24.97
N ILE B 140 -2.04 -6.11 24.74
CA ILE B 140 -3.30 -6.43 24.08
C ILE B 140 -4.12 -7.27 25.05
N LYS B 141 -5.36 -6.85 25.31
CA LYS B 141 -6.21 -7.61 26.22
C LYS B 141 -6.59 -8.93 25.58
N SER B 142 -6.56 -9.98 26.41
CA SER B 142 -6.83 -11.35 26.00
C SER B 142 -8.16 -11.85 26.59
N ILE B 143 -9.25 -11.58 25.87
CA ILE B 143 -10.57 -12.10 26.21
C ILE B 143 -10.71 -13.53 25.72
N SER B 144 -11.22 -14.39 26.59
CA SER B 144 -11.32 -15.81 26.31
C SER B 144 -12.74 -16.18 25.91
N PHE B 145 -12.86 -17.19 25.06
CA PHE B 145 -14.15 -17.71 24.67
C PHE B 145 -14.29 -19.17 25.07
N LEU B 146 -15.50 -19.57 25.48
CA LEU B 146 -15.79 -20.97 25.83
C LEU B 146 -17.13 -21.37 25.25
N PRO B 147 -17.24 -22.59 24.71
CA PRO B 147 -18.57 -23.08 24.30
C PRO B 147 -19.41 -23.74 25.39
N ILE B 148 -18.85 -24.07 26.56
CA ILE B 148 -19.61 -24.63 27.68
C ILE B 148 -20.19 -23.48 28.49
N ASN B 149 -21.06 -23.74 29.47
CA ASN B 149 -21.77 -22.65 30.15
C ASN B 149 -21.19 -22.37 31.53
N ALA B 150 -21.68 -21.30 32.16
CA ALA B 150 -21.13 -20.88 33.44
C ALA B 150 -21.29 -21.96 34.49
N HIS B 151 -22.37 -22.72 34.45
CA HIS B 151 -22.48 -23.81 35.39
C HIS B 151 -21.33 -24.77 35.19
N SER B 152 -21.17 -25.32 33.97
CA SER B 152 -20.09 -26.27 33.78
C SER B 152 -18.77 -25.72 34.32
N ILE B 153 -18.47 -24.45 34.00
CA ILE B 153 -17.21 -23.85 34.40
C ILE B 153 -17.05 -23.88 35.91
N SER B 154 -18.11 -23.51 36.65
CA SER B 154 -17.97 -23.42 38.09
C SER B 154 -17.63 -24.79 38.68
N VAL B 155 -18.31 -25.85 38.22
CA VAL B 155 -18.00 -27.19 38.73
C VAL B 155 -16.55 -27.57 38.40
N MET B 156 -16.09 -27.18 37.22
CA MET B 156 -14.82 -27.64 36.67
C MET B 156 -13.63 -26.86 37.25
N TRP B 157 -13.83 -25.55 37.45
CA TRP B 157 -12.75 -24.68 37.91
C TRP B 157 -12.41 -24.95 39.37
N ALA B 158 -13.38 -25.44 40.12
CA ALA B 158 -13.29 -25.61 41.56
C ALA B 158 -12.69 -26.94 41.97
N GLN B 159 -12.54 -27.89 41.04
CA GLN B 159 -11.89 -29.15 41.34
C GLN B 159 -10.52 -28.89 41.96
N GLU B 160 -10.06 -29.81 42.81
CA GLU B 160 -8.69 -29.58 43.28
C GLU B 160 -7.66 -30.05 42.26
N ASP B 161 -7.83 -31.25 41.66
CA ASP B 161 -6.86 -31.78 40.71
C ASP B 161 -7.41 -31.54 39.31
N ARG B 162 -6.86 -30.54 38.65
CA ARG B 162 -7.49 -30.00 37.46
C ARG B 162 -6.90 -30.50 36.16
N SER B 163 -5.63 -30.92 36.14
CA SER B 163 -4.95 -31.15 34.88
C SER B 163 -5.49 -32.40 34.20
N PHE B 164 -5.37 -32.47 32.87
CA PHE B 164 -4.53 -31.59 32.03
C PHE B 164 -5.09 -30.20 31.66
N PHE B 165 -6.25 -29.88 32.20
CA PHE B 165 -6.83 -28.57 32.00
C PHE B 165 -6.30 -27.49 32.91
N ASN B 166 -5.55 -27.82 33.96
CA ASN B 166 -5.23 -26.82 34.98
C ASN B 166 -4.66 -25.54 34.38
N ASP B 167 -3.54 -25.65 33.66
CA ASP B 167 -2.84 -24.44 33.23
C ASP B 167 -3.76 -23.58 32.38
N LEU B 168 -4.62 -24.21 31.55
CA LEU B 168 -5.56 -23.42 30.75
C LEU B 168 -6.69 -22.82 31.57
N GLU B 169 -7.15 -23.49 32.62
CA GLU B 169 -8.25 -22.93 33.40
C GLU B 169 -7.79 -21.69 34.15
N THR B 170 -6.60 -21.77 34.75
CA THR B 170 -6.09 -20.64 35.49
C THR B 170 -5.68 -19.50 34.56
N ALA B 171 -5.25 -19.79 33.32
CA ALA B 171 -4.97 -18.68 32.43
C ALA B 171 -6.25 -17.96 32.05
N THR B 172 -7.37 -18.67 32.01
CA THR B 172 -8.62 -17.99 31.70
C THR B 172 -8.97 -17.06 32.85
N THR B 173 -8.59 -17.45 34.08
CA THR B 173 -8.83 -16.56 35.22
C THR B 173 -7.99 -15.30 35.07
N GLU B 174 -6.73 -15.46 34.79
CA GLU B 174 -5.84 -14.40 34.46
C GLU B 174 -6.17 -13.77 33.11
N SER B 175 -7.29 -14.02 32.46
CA SER B 175 -7.53 -13.31 31.22
C SER B 175 -8.21 -11.97 31.53
N TYR B 176 -8.44 -11.17 30.47
CA TYR B 176 -9.16 -9.91 30.59
C TYR B 176 -10.59 -10.17 30.98
N GLY B 177 -11.31 -10.88 30.13
CA GLY B 177 -12.69 -11.23 30.36
C GLY B 177 -12.94 -12.59 29.75
N LEU B 178 -14.19 -13.03 29.91
CA LEU B 178 -14.63 -14.32 29.38
C LEU B 178 -15.91 -14.12 28.56
N VAL B 179 -15.97 -14.73 27.39
CA VAL B 179 -17.19 -14.81 26.61
C VAL B 179 -17.66 -16.26 26.61
N ILE B 180 -18.91 -16.50 27.01
CA ILE B 180 -19.44 -17.85 26.98
C ILE B 180 -20.77 -17.81 26.26
N ASN B 181 -21.15 -18.97 25.73
CA ASN B 181 -22.29 -19.15 24.83
C ASN B 181 -23.49 -19.75 25.58
N SER B 182 -23.99 -19.03 26.59
CA SER B 182 -25.31 -19.29 27.16
C SER B 182 -25.86 -17.92 27.54
N PHE B 183 -27.04 -17.89 28.17
CA PHE B 183 -27.69 -16.63 28.52
C PHE B 183 -27.77 -16.52 30.03
N TYR B 184 -27.97 -15.27 30.51
CA TYR B 184 -27.96 -15.01 31.96
C TYR B 184 -29.10 -15.71 32.67
N ASP B 185 -30.32 -15.47 32.18
CA ASP B 185 -31.50 -16.00 32.85
C ASP B 185 -31.38 -17.48 33.08
N LEU B 186 -30.71 -18.21 32.18
CA LEU B 186 -30.62 -19.66 32.29
C LEU B 186 -30.02 -20.10 33.60
N GLU B 187 -28.94 -19.49 33.99
CA GLU B 187 -28.13 -19.94 35.10
C GLU B 187 -27.53 -18.72 35.77
N PRO B 188 -28.37 -17.84 36.34
CA PRO B 188 -27.78 -16.64 36.93
C PRO B 188 -26.95 -16.98 38.13
N GLU B 189 -27.37 -18.00 38.90
CA GLU B 189 -26.62 -18.44 40.08
C GLU B 189 -25.15 -18.66 39.78
N PHE B 190 -24.85 -19.29 38.66
CA PHE B 190 -23.49 -19.72 38.42
C PHE B 190 -22.68 -18.71 37.62
N VAL B 191 -23.35 -17.92 36.78
CA VAL B 191 -22.65 -16.86 36.08
C VAL B 191 -21.97 -15.95 37.10
N GLU B 192 -22.69 -15.59 38.15
CA GLU B 192 -22.10 -14.77 39.21
C GLU B 192 -21.05 -15.54 39.97
N THR B 193 -21.26 -16.85 40.16
CA THR B 193 -20.27 -17.67 40.84
C THR B 193 -18.97 -17.71 40.07
N VAL B 194 -19.04 -17.72 38.74
CA VAL B 194 -17.83 -17.62 37.90
C VAL B 194 -17.28 -16.21 37.88
N LYS B 195 -18.16 -15.20 37.75
CA LYS B 195 -17.73 -13.81 37.61
C LYS B 195 -16.97 -13.33 38.82
N THR B 196 -17.33 -13.82 40.00
CA THR B 196 -16.75 -13.36 41.25
C THR B 196 -15.67 -14.29 41.79
N ARG B 197 -15.88 -15.61 41.70
CA ARG B 197 -14.95 -16.58 42.26
C ARG B 197 -13.83 -16.99 41.29
N PHE B 198 -14.08 -17.01 39.99
CA PHE B 198 -13.10 -17.62 39.10
C PHE B 198 -12.67 -16.68 37.97
N LEU B 199 -12.85 -15.36 38.11
CA LEU B 199 -12.35 -14.41 37.11
C LEU B 199 -11.72 -13.20 37.80
N ASN B 200 -10.39 -13.18 37.83
CA ASN B 200 -9.60 -12.18 38.55
C ASN B 200 -9.94 -10.75 38.18
N HIS B 201 -10.41 -10.50 36.97
CA HIS B 201 -10.88 -9.17 36.66
C HIS B 201 -12.39 -9.09 36.51
N HIS B 202 -13.09 -10.18 36.87
CA HIS B 202 -14.53 -10.19 37.13
C HIS B 202 -15.36 -9.66 35.95
N ARG B 203 -14.88 -9.87 34.72
CA ARG B 203 -15.60 -9.50 33.50
C ARG B 203 -15.96 -10.77 32.74
N ILE B 204 -17.25 -10.95 32.46
CA ILE B 204 -17.73 -12.11 31.72
C ILE B 204 -18.89 -11.66 30.85
N TRP B 205 -19.01 -12.23 29.67
CA TRP B 205 -20.11 -11.89 28.78
C TRP B 205 -20.82 -13.19 28.44
N THR B 206 -22.14 -13.18 28.54
CA THR B 206 -22.97 -14.24 28.02
C THR B 206 -23.57 -13.66 26.74
N VAL B 207 -23.30 -14.32 25.61
CA VAL B 207 -23.72 -13.91 24.28
C VAL B 207 -24.59 -14.96 23.60
N GLY B 208 -24.99 -16.01 24.31
CA GLY B 208 -25.73 -17.09 23.70
C GLY B 208 -27.24 -17.01 23.86
N PRO B 209 -27.97 -17.86 23.08
CA PRO B 209 -27.44 -18.81 22.10
C PRO B 209 -26.88 -18.17 20.85
N LEU B 210 -25.61 -18.46 20.58
CA LEU B 210 -24.99 -18.02 19.33
C LEU B 210 -25.54 -18.90 18.25
N LEU B 211 -26.50 -18.34 17.48
CA LEU B 211 -27.11 -19.01 16.37
C LEU B 211 -26.51 -18.54 15.07
N PRO B 212 -26.60 -19.38 14.03
CA PRO B 212 -25.73 -19.21 12.86
C PRO B 212 -26.30 -18.38 11.74
N PHE B 213 -25.38 -17.84 10.96
CA PHE B 213 -25.56 -17.53 9.55
C PHE B 213 -25.55 -18.86 8.80
N LYS B 214 -26.08 -18.90 7.58
CA LYS B 214 -26.70 -17.81 6.88
C LYS B 214 -28.18 -18.25 6.66
N ASP B 218 -23.58 -25.86 5.63
CA ASP B 218 -23.34 -24.63 6.37
C ASP B 218 -22.50 -24.81 7.64
N ARG B 219 -23.13 -25.08 8.79
CA ARG B 219 -22.40 -25.24 10.07
C ARG B 219 -21.28 -26.25 9.88
N GLY B 220 -20.23 -26.15 10.70
CA GLY B 220 -18.91 -26.65 10.34
C GLY B 220 -18.70 -28.15 10.23
N GLY B 221 -18.67 -28.65 9.00
CA GLY B 221 -18.71 -27.77 7.85
C GLY B 221 -19.70 -28.14 6.74
N GLN B 222 -19.50 -29.32 6.14
CA GLN B 222 -20.36 -29.83 5.09
C GLN B 222 -20.84 -31.21 5.49
N SER B 223 -22.16 -31.40 5.40
CA SER B 223 -22.86 -32.64 5.77
C SER B 223 -22.39 -33.81 4.89
N SER B 224 -23.03 -34.98 5.01
CA SER B 224 -22.58 -36.14 4.25
C SER B 224 -23.62 -36.72 3.31
N ILE B 225 -24.88 -36.78 3.73
CA ILE B 225 -26.00 -36.85 2.80
C ILE B 225 -26.36 -35.40 2.46
N PRO B 226 -26.70 -35.07 1.22
CA PRO B 226 -26.97 -33.65 0.86
C PRO B 226 -28.25 -33.14 1.51
N PRO B 227 -28.23 -31.89 2.02
CA PRO B 227 -29.37 -31.40 2.83
C PRO B 227 -30.69 -31.38 2.10
N ALA B 228 -30.66 -31.16 0.77
CA ALA B 228 -31.87 -31.23 -0.05
C ALA B 228 -32.46 -32.64 -0.01
N LYS B 229 -31.60 -33.66 0.02
CA LYS B 229 -32.08 -35.03 0.15
C LYS B 229 -32.65 -35.29 1.55
N VAL B 230 -32.33 -34.45 2.53
CA VAL B 230 -32.92 -34.57 3.86
C VAL B 230 -34.16 -33.71 3.98
N SER B 231 -34.15 -32.52 3.36
CA SER B 231 -35.39 -31.76 3.24
C SER B 231 -36.51 -32.56 2.59
N ALA B 232 -36.17 -33.47 1.69
CA ALA B 232 -37.18 -34.26 1.01
C ALA B 232 -37.33 -35.63 1.64
N TRP B 233 -37.03 -35.72 2.93
CA TRP B 233 -37.41 -36.83 3.76
C TRP B 233 -38.42 -36.36 4.78
N LEU B 234 -38.20 -35.14 5.26
CA LEU B 234 -38.97 -34.50 6.33
C LEU B 234 -40.23 -33.87 5.77
N ASP B 235 -40.11 -33.09 4.68
CA ASP B 235 -41.30 -32.56 4.03
C ASP B 235 -42.30 -33.67 3.79
N SER B 236 -41.84 -34.89 3.58
CA SER B 236 -42.73 -36.02 3.40
C SER B 236 -42.72 -36.83 4.68
N CYS B 237 -43.45 -36.32 5.67
CA CYS B 237 -43.74 -37.02 6.91
C CYS B 237 -45.15 -36.72 7.37
N PRO B 238 -45.81 -37.66 8.00
CA PRO B 238 -47.26 -37.55 8.17
C PRO B 238 -47.71 -36.41 9.06
N GLU B 239 -47.19 -36.34 10.29
CA GLU B 239 -47.67 -35.38 11.27
C GLU B 239 -46.52 -34.45 11.62
N ASP B 240 -46.86 -33.31 12.24
CA ASP B 240 -45.92 -32.21 12.42
C ASP B 240 -45.07 -32.31 13.66
N ASN B 241 -44.95 -33.48 14.28
CA ASN B 241 -44.04 -33.54 15.41
C ASN B 241 -43.75 -34.99 15.78
N SER B 242 -43.39 -35.81 14.79
CA SER B 242 -43.28 -37.23 14.99
C SER B 242 -41.92 -37.81 14.70
N VAL B 243 -40.98 -37.04 14.19
CA VAL B 243 -39.67 -37.57 13.88
C VAL B 243 -38.74 -37.25 15.03
N VAL B 244 -37.89 -38.22 15.39
CA VAL B 244 -36.87 -38.04 16.42
C VAL B 244 -35.52 -38.19 15.75
N TYR B 245 -34.58 -37.33 16.15
CA TYR B 245 -33.23 -37.27 15.58
C TYR B 245 -32.21 -37.76 16.61
N VAL B 246 -31.35 -38.68 16.18
CA VAL B 246 -30.36 -39.27 17.08
C VAL B 246 -28.98 -38.92 16.56
N GLY B 247 -28.17 -38.34 17.44
CA GLY B 247 -26.84 -37.93 17.09
C GLY B 247 -26.09 -37.56 18.33
N PHE B 248 -24.86 -38.07 18.46
CA PHE B 248 -24.01 -37.75 19.60
C PHE B 248 -22.97 -36.69 19.26
N GLY B 249 -23.40 -35.74 18.40
CA GLY B 249 -22.56 -34.63 18.02
C GLY B 249 -21.38 -35.11 17.19
N SER B 250 -20.20 -34.55 17.47
CA SER B 250 -19.02 -34.77 16.65
C SER B 250 -18.00 -35.73 17.24
N GLN B 251 -17.95 -35.89 18.56
CA GLN B 251 -16.82 -36.57 19.19
C GLN B 251 -17.02 -38.05 19.57
N ILE B 252 -18.20 -38.65 19.40
CA ILE B 252 -18.41 -39.95 20.01
C ILE B 252 -18.75 -41.03 18.99
N ARG B 253 -18.22 -42.23 19.23
CA ARG B 253 -18.53 -43.45 18.49
C ARG B 253 -19.05 -44.50 19.47
N LEU B 254 -20.13 -45.17 19.09
CA LEU B 254 -20.87 -46.11 19.93
C LEU B 254 -20.41 -47.55 19.72
N THR B 255 -20.18 -48.29 20.81
CA THR B 255 -19.87 -49.70 20.66
C THR B 255 -21.04 -50.41 20.00
N ALA B 256 -20.74 -51.49 19.28
CA ALA B 256 -21.78 -52.20 18.55
C ALA B 256 -22.86 -52.77 19.48
N GLU B 257 -22.49 -53.19 20.71
CA GLU B 257 -23.49 -53.71 21.64
C GLU B 257 -24.59 -52.69 21.90
N GLN B 258 -24.22 -51.42 22.10
CA GLN B 258 -25.21 -50.38 22.33
C GLN B 258 -25.91 -49.98 21.04
N THR B 259 -25.15 -49.88 19.94
CA THR B 259 -25.73 -49.57 18.65
C THR B 259 -26.85 -50.53 18.31
N ALA B 260 -26.65 -51.81 18.58
CA ALA B 260 -27.73 -52.76 18.34
C ALA B 260 -28.92 -52.44 19.23
N ALA B 261 -28.66 -52.04 20.49
CA ALA B 261 -29.74 -51.79 21.44
C ALA B 261 -30.54 -50.56 21.06
N LEU B 262 -29.85 -49.49 20.66
CA LEU B 262 -30.49 -48.28 20.20
C LEU B 262 -31.28 -48.51 18.91
N ALA B 263 -30.68 -49.20 17.94
CA ALA B 263 -31.43 -49.52 16.74
C ALA B 263 -32.65 -50.37 17.07
N ALA B 264 -32.53 -51.26 18.06
CA ALA B 264 -33.66 -52.07 18.46
C ALA B 264 -34.78 -51.19 19.01
N ALA B 265 -34.43 -50.25 19.91
CA ALA B 265 -35.44 -49.39 20.50
C ALA B 265 -36.18 -48.59 19.43
N LEU B 266 -35.46 -48.03 18.45
CA LEU B 266 -36.18 -47.30 17.41
C LEU B 266 -37.03 -48.24 16.57
N GLU B 267 -36.48 -49.41 16.22
CA GLU B 267 -37.26 -50.38 15.46
C GLU B 267 -38.52 -50.74 16.21
N LYS B 268 -38.41 -50.81 17.53
CA LYS B 268 -39.48 -51.18 18.45
C LYS B 268 -40.51 -50.05 18.68
N SER B 269 -40.23 -48.81 18.29
CA SER B 269 -41.11 -47.70 18.67
C SER B 269 -42.02 -47.23 17.55
N SER B 270 -42.00 -47.90 16.39
CA SER B 270 -42.90 -47.59 15.29
C SER B 270 -42.84 -46.12 14.90
N VAL B 271 -41.86 -45.42 15.44
CA VAL B 271 -41.72 -44.01 15.16
C VAL B 271 -40.77 -43.84 13.99
N ARG B 272 -40.86 -42.68 13.36
CA ARG B 272 -39.99 -42.31 12.25
C ARG B 272 -38.89 -41.39 12.75
N PHE B 273 -37.71 -41.47 12.10
CA PHE B 273 -36.51 -40.93 12.73
C PHE B 273 -35.45 -40.60 11.68
N ILE B 274 -34.45 -39.86 12.15
CA ILE B 274 -33.18 -39.69 11.45
C ILE B 274 -32.10 -40.01 12.48
N TRP B 275 -31.07 -40.72 12.04
CA TRP B 275 -29.98 -41.10 12.92
C TRP B 275 -28.68 -40.80 12.21
N ALA B 276 -27.85 -39.99 12.87
CA ALA B 276 -26.59 -39.52 12.33
C ALA B 276 -25.51 -40.27 13.11
N VAL B 277 -24.52 -40.79 12.39
CA VAL B 277 -23.48 -41.58 13.03
C VAL B 277 -22.15 -41.36 12.32
N ARG B 278 -21.07 -41.31 13.12
CA ARG B 278 -19.78 -40.74 12.78
C ARG B 278 -18.69 -41.82 12.82
N ASP B 279 -17.45 -41.37 12.57
CA ASP B 279 -16.31 -42.17 12.12
C ASP B 279 -15.34 -42.34 13.31
N ALA B 280 -14.02 -42.43 13.02
CA ALA B 280 -12.93 -42.44 14.01
C ALA B 280 -11.56 -42.58 13.34
N ALA B 281 -10.63 -41.61 13.51
CA ALA B 281 -9.38 -41.56 12.73
C ALA B 281 -8.14 -41.61 13.62
N LYS B 282 -7.12 -42.35 13.16
CA LYS B 282 -5.85 -42.60 13.87
C LYS B 282 -5.03 -43.70 13.17
N PRO B 297 -22.56 -51.08 11.13
CA PRO B 297 -23.43 -51.23 12.32
C PRO B 297 -24.79 -50.58 12.11
N ALA B 298 -25.87 -51.27 12.48
CA ALA B 298 -25.83 -52.64 12.98
C ALA B 298 -26.83 -53.46 12.19
N GLY B 299 -26.94 -53.14 10.91
CA GLY B 299 -28.17 -53.25 10.18
C GLY B 299 -28.30 -54.35 9.15
N PHE B 300 -29.27 -55.22 9.38
CA PHE B 300 -30.21 -55.68 8.38
C PHE B 300 -31.30 -54.60 8.27
N GLU B 301 -30.94 -53.32 8.52
CA GLU B 301 -31.89 -52.34 9.03
C GLU B 301 -32.16 -51.15 8.14
N GLU B 302 -31.16 -50.55 7.50
CA GLU B 302 -31.49 -49.36 6.74
C GLU B 302 -32.53 -49.62 5.66
N ARG B 303 -32.87 -50.90 5.38
CA ARG B 303 -33.91 -51.28 4.43
C ARG B 303 -35.09 -52.03 5.05
N VAL B 304 -34.92 -52.61 6.25
CA VAL B 304 -36.07 -53.14 6.97
C VAL B 304 -36.78 -52.03 7.73
N LYS B 305 -36.12 -50.86 7.86
CA LYS B 305 -36.72 -49.68 8.48
C LYS B 305 -36.69 -48.50 7.49
N GLU B 306 -37.77 -48.35 6.70
CA GLU B 306 -38.04 -47.12 5.97
C GLU B 306 -39.10 -46.26 6.66
N LYS B 307 -39.12 -46.29 7.99
CA LYS B 307 -39.57 -45.18 8.82
C LYS B 307 -38.39 -44.32 9.26
N GLY B 308 -37.34 -44.26 8.47
CA GLY B 308 -36.10 -43.76 9.02
C GLY B 308 -34.85 -43.83 8.17
N LEU B 309 -34.12 -42.74 8.21
CA LEU B 309 -32.97 -42.48 7.37
C LEU B 309 -31.72 -42.59 8.24
N VAL B 310 -30.60 -42.92 7.61
CA VAL B 310 -29.35 -43.08 8.34
C VAL B 310 -28.34 -42.16 7.67
N ILE B 311 -27.79 -41.22 8.42
CA ILE B 311 -26.88 -40.25 7.85
C ILE B 311 -25.46 -40.45 8.38
N ARG B 312 -24.70 -41.32 7.74
CA ARG B 312 -23.31 -41.49 8.11
C ARG B 312 -22.53 -40.24 7.73
N GLY B 313 -21.42 -40.03 8.43
CA GLY B 313 -20.57 -38.87 8.15
C GLY B 313 -20.96 -37.64 8.99
N TRP B 314 -21.52 -36.63 8.33
CA TRP B 314 -21.91 -35.39 9.00
C TRP B 314 -23.30 -35.01 8.53
N ALA B 315 -24.14 -34.56 9.46
CA ALA B 315 -25.54 -34.42 9.13
C ALA B 315 -25.92 -32.95 9.13
N PRO B 316 -26.94 -32.56 8.35
CA PRO B 316 -27.44 -31.18 8.45
C PRO B 316 -28.18 -30.94 9.75
N GLN B 317 -27.47 -31.11 10.88
CA GLN B 317 -28.11 -31.16 12.18
C GLN B 317 -29.09 -30.00 12.40
N THR B 318 -28.64 -28.74 12.23
CA THR B 318 -29.55 -27.62 12.49
C THR B 318 -30.69 -27.53 11.48
N MET B 319 -30.50 -27.96 10.24
CA MET B 319 -31.65 -28.00 9.35
C MET B 319 -32.63 -29.05 9.82
N ILE B 320 -32.11 -30.09 10.44
CA ILE B 320 -32.95 -31.18 10.88
C ILE B 320 -33.68 -30.77 12.15
N LEU B 321 -32.99 -30.12 13.08
CA LEU B 321 -33.60 -29.80 14.35
C LEU B 321 -34.65 -28.70 14.25
N GLU B 322 -34.65 -27.93 13.18
CA GLU B 322 -35.65 -26.87 13.03
C GLU B 322 -36.78 -27.22 12.10
N HIS B 323 -36.69 -28.36 11.43
CA HIS B 323 -37.80 -28.82 10.61
C HIS B 323 -39.07 -29.05 11.43
N ARG B 324 -40.19 -28.88 10.74
CA ARG B 324 -41.51 -28.92 11.36
C ARG B 324 -41.76 -30.24 12.05
N ALA B 325 -41.42 -31.34 11.39
CA ALA B 325 -41.85 -32.63 11.89
C ALA B 325 -40.80 -33.33 12.74
N VAL B 326 -40.00 -32.60 13.51
CA VAL B 326 -39.00 -33.18 14.39
C VAL B 326 -39.25 -32.74 15.80
N GLY B 327 -39.53 -33.69 16.68
CA GLY B 327 -40.04 -33.34 17.98
C GLY B 327 -39.17 -33.83 19.11
N SER B 328 -38.21 -34.68 18.80
CA SER B 328 -37.36 -35.22 19.83
C SER B 328 -35.93 -35.29 19.35
N TYR B 329 -35.01 -35.06 20.26
CA TYR B 329 -33.58 -35.10 19.96
C TYR B 329 -32.88 -35.90 21.04
N LEU B 330 -32.27 -37.03 20.65
CA LEU B 330 -31.58 -37.90 21.58
C LEU B 330 -30.10 -37.64 21.43
N THR B 331 -29.48 -37.11 22.47
CA THR B 331 -28.16 -36.54 22.35
C THR B 331 -27.33 -36.86 23.57
N HIS B 332 -26.04 -36.61 23.45
CA HIS B 332 -25.09 -36.69 24.56
C HIS B 332 -25.20 -35.51 25.50
N LEU B 333 -26.12 -34.59 25.22
CA LEU B 333 -26.32 -33.37 26.01
C LEU B 333 -25.04 -32.54 26.04
N GLY B 334 -24.36 -32.44 24.91
CA GLY B 334 -23.34 -31.42 24.78
C GLY B 334 -23.98 -30.04 24.69
N TRP B 335 -23.21 -29.03 25.07
CA TRP B 335 -23.83 -27.72 25.19
C TRP B 335 -24.29 -27.20 23.84
N GLY B 336 -23.48 -27.40 22.79
CA GLY B 336 -23.93 -26.99 21.48
C GLY B 336 -25.24 -27.65 21.09
N SER B 337 -25.35 -28.95 21.35
CA SER B 337 -26.59 -29.65 21.04
C SER B 337 -27.72 -29.21 21.95
N VAL B 338 -27.44 -28.92 23.21
CA VAL B 338 -28.47 -28.41 24.10
C VAL B 338 -29.04 -27.11 23.55
N LEU B 339 -28.17 -26.19 23.13
CA LEU B 339 -28.69 -24.93 22.63
C LEU B 339 -29.27 -25.08 21.23
N GLU B 340 -28.69 -25.91 20.38
CA GLU B 340 -29.31 -26.13 19.08
C GLU B 340 -30.70 -26.74 19.24
N GLY B 341 -30.80 -27.78 20.05
CA GLY B 341 -32.08 -28.41 20.25
C GLY B 341 -33.09 -27.48 20.87
N MET B 342 -32.62 -26.63 21.80
CA MET B 342 -33.53 -25.70 22.45
C MET B 342 -34.17 -24.73 21.46
N VAL B 343 -33.34 -24.09 20.61
CA VAL B 343 -33.88 -23.22 19.58
C VAL B 343 -34.89 -23.98 18.74
N GLY B 344 -34.50 -25.14 18.23
CA GLY B 344 -35.30 -25.99 17.35
C GLY B 344 -36.65 -26.36 17.91
N GLY B 345 -36.90 -26.13 19.20
CA GLY B 345 -38.17 -26.42 19.82
C GLY B 345 -38.43 -27.90 19.98
N VAL B 346 -37.40 -28.68 20.27
CA VAL B 346 -37.49 -30.12 20.28
C VAL B 346 -37.10 -30.64 21.65
N MET B 347 -37.81 -31.67 22.10
CA MET B 347 -37.50 -32.23 23.40
C MET B 347 -36.13 -32.91 23.44
N LEU B 348 -35.39 -32.64 24.52
CA LEU B 348 -34.07 -33.20 24.71
C LEU B 348 -34.19 -34.55 25.41
N LEU B 349 -33.56 -35.58 24.84
CA LEU B 349 -33.38 -36.88 25.48
C LEU B 349 -31.91 -37.05 25.79
N ALA B 350 -31.55 -37.09 27.07
CA ALA B 350 -30.14 -36.93 27.49
C ALA B 350 -29.44 -38.25 27.71
N TRP B 351 -28.24 -38.40 27.14
CA TRP B 351 -27.37 -39.56 27.38
C TRP B 351 -25.93 -39.09 27.50
N PRO B 352 -25.56 -38.59 28.65
CA PRO B 352 -24.21 -38.01 28.82
C PRO B 352 -23.11 -39.07 28.77
N MET B 353 -21.91 -38.66 28.29
CA MET B 353 -20.81 -39.61 28.18
C MET B 353 -19.44 -39.07 28.58
N GLN B 354 -19.16 -37.78 28.50
CA GLN B 354 -17.84 -37.21 28.85
C GLN B 354 -18.02 -35.69 28.87
N ALA B 355 -16.91 -34.96 29.00
CA ALA B 355 -16.92 -33.51 28.85
C ALA B 355 -17.97 -32.88 29.78
N ASP B 356 -18.63 -31.81 29.31
CA ASP B 356 -19.60 -31.11 30.15
C ASP B 356 -20.95 -31.80 30.19
N HIS B 357 -21.05 -33.00 29.64
CA HIS B 357 -22.35 -33.66 29.50
C HIS B 357 -23.02 -33.91 30.84
N PHE B 358 -22.25 -34.26 31.87
CA PHE B 358 -22.90 -34.54 33.14
C PHE B 358 -23.36 -33.25 33.80
N PHE B 359 -22.50 -32.23 33.74
CA PHE B 359 -22.86 -30.91 34.24
C PHE B 359 -24.09 -30.38 33.51
N ASN B 360 -24.25 -30.74 32.23
CA ASN B 360 -25.46 -30.37 31.49
C ASN B 360 -26.66 -31.15 32.00
N THR B 361 -26.45 -32.41 32.38
CA THR B 361 -27.52 -33.25 32.91
C THR B 361 -27.96 -32.77 34.29
N THR B 362 -26.99 -32.40 35.11
CA THR B 362 -27.33 -31.77 36.37
C THR B 362 -28.18 -30.51 36.18
N LEU B 363 -27.81 -29.65 35.24
CA LEU B 363 -28.53 -28.39 35.07
C LEU B 363 -29.85 -28.59 34.32
N ILE B 364 -29.79 -29.16 33.11
CA ILE B 364 -30.98 -29.20 32.27
C ILE B 364 -31.96 -30.27 32.76
N VAL B 365 -31.45 -31.44 33.16
CA VAL B 365 -32.35 -32.54 33.52
C VAL B 365 -32.67 -32.40 35.00
N ASP B 366 -31.63 -32.41 35.85
CA ASP B 366 -31.88 -32.49 37.28
C ASP B 366 -32.54 -31.21 37.79
N LYS B 367 -31.93 -30.05 37.51
CA LYS B 367 -32.41 -28.84 38.16
C LYS B 367 -33.62 -28.25 37.45
N LEU B 368 -33.59 -28.15 36.12
CA LEU B 368 -34.61 -27.39 35.41
C LEU B 368 -35.72 -28.23 34.78
N ARG B 369 -35.62 -29.57 34.77
CA ARG B 369 -36.62 -30.48 34.22
C ARG B 369 -36.98 -30.16 32.76
N ALA B 370 -35.93 -30.05 31.92
CA ALA B 370 -36.08 -29.70 30.51
C ALA B 370 -35.60 -30.79 29.54
N ALA B 371 -35.26 -31.98 30.06
CA ALA B 371 -34.96 -33.16 29.28
C ALA B 371 -35.18 -34.36 30.16
N VAL B 372 -35.52 -35.50 29.55
CA VAL B 372 -35.60 -36.77 30.30
C VAL B 372 -34.31 -37.52 30.03
N ARG B 373 -33.64 -37.94 31.09
CA ARG B 373 -32.44 -38.75 30.93
C ARG B 373 -32.83 -40.08 30.34
N VAL B 374 -32.08 -40.55 29.35
CA VAL B 374 -32.39 -41.85 28.73
C VAL B 374 -31.13 -42.69 28.65
N GLY B 375 -30.09 -42.30 29.37
CA GLY B 375 -28.86 -43.07 29.44
C GLY B 375 -27.98 -42.61 30.58
N GLU B 376 -27.07 -43.47 30.98
CA GLU B 376 -26.30 -43.23 32.20
C GLU B 376 -24.83 -42.95 31.97
N ASN B 377 -24.14 -43.68 31.09
CA ASN B 377 -22.68 -43.60 31.03
C ASN B 377 -22.21 -43.73 29.59
N ARG B 378 -20.91 -43.47 29.40
CA ARG B 378 -20.26 -43.69 28.11
C ARG B 378 -20.27 -45.16 27.71
N ASP B 379 -20.36 -46.08 28.68
CA ASP B 379 -20.39 -47.50 28.40
C ASP B 379 -21.76 -48.14 28.65
N SER B 380 -22.77 -47.35 29.00
CA SER B 380 -24.10 -47.88 29.33
C SER B 380 -24.69 -48.64 28.15
N VAL B 381 -25.61 -49.54 28.44
CA VAL B 381 -26.42 -50.19 27.40
C VAL B 381 -27.86 -50.17 27.91
N PRO B 382 -28.84 -49.75 27.11
CA PRO B 382 -30.19 -49.55 27.66
C PRO B 382 -31.12 -50.74 27.47
N ASP B 383 -32.15 -50.82 28.30
CA ASP B 383 -33.22 -51.77 28.06
C ASP B 383 -33.98 -51.35 26.82
N SER B 384 -33.87 -52.14 25.75
CA SER B 384 -34.52 -51.80 24.48
C SER B 384 -36.02 -51.54 24.63
N ASP B 385 -36.68 -52.30 25.50
CA ASP B 385 -38.13 -52.15 25.63
C ASP B 385 -38.48 -50.87 26.36
N LYS B 386 -37.68 -50.54 27.38
CA LYS B 386 -37.86 -49.29 28.11
C LYS B 386 -37.46 -48.08 27.24
N LEU B 387 -36.28 -48.14 26.58
CA LEU B 387 -35.86 -47.03 25.73
C LEU B 387 -36.87 -46.76 24.62
N ALA B 388 -37.51 -47.82 24.11
CA ALA B 388 -38.45 -47.65 23.01
C ALA B 388 -39.65 -46.81 23.45
N ARG B 389 -40.18 -47.05 24.66
CA ARG B 389 -41.38 -46.31 25.07
C ARG B 389 -41.05 -44.86 25.35
N ILE B 390 -39.91 -44.60 26.01
CA ILE B 390 -39.44 -43.23 26.16
C ILE B 390 -39.32 -42.59 24.79
N LEU B 391 -38.85 -43.36 23.80
CA LEU B 391 -38.73 -42.88 22.42
C LEU B 391 -40.09 -42.63 21.79
N ALA B 392 -41.07 -43.49 22.06
CA ALA B 392 -42.40 -43.28 21.51
C ALA B 392 -43.07 -42.08 22.16
N GLU B 393 -43.01 -41.99 23.48
CA GLU B 393 -43.72 -40.90 24.14
C GLU B 393 -42.99 -39.55 24.10
N SER B 394 -41.81 -39.45 23.49
CA SER B 394 -41.03 -38.23 23.72
C SER B 394 -41.55 -37.04 22.93
N ALA B 395 -41.97 -37.24 21.68
CA ALA B 395 -42.39 -36.08 20.92
C ALA B 395 -43.78 -35.56 21.31
N ARG B 396 -44.49 -36.21 22.25
CA ARG B 396 -45.70 -35.63 22.81
C ARG B 396 -45.40 -34.28 23.42
N GLU B 397 -46.10 -33.24 22.94
CA GLU B 397 -45.90 -31.89 23.45
C GLU B 397 -46.68 -31.63 24.73
N ASP B 398 -47.26 -32.68 25.32
CA ASP B 398 -47.80 -32.67 26.68
C ASP B 398 -46.72 -32.72 27.76
N LEU B 399 -45.50 -33.23 27.43
CA LEU B 399 -44.67 -33.59 28.57
C LEU B 399 -44.13 -32.33 29.23
N PRO B 400 -44.10 -32.32 30.56
CA PRO B 400 -43.63 -31.12 31.29
C PRO B 400 -42.16 -30.84 31.07
N GLU B 401 -41.43 -31.78 30.49
CA GLU B 401 -40.05 -31.60 30.09
C GLU B 401 -40.00 -30.83 28.78
N ARG B 402 -40.97 -31.06 27.89
CA ARG B 402 -40.98 -30.30 26.65
C ARG B 402 -41.34 -28.86 26.90
N VAL B 403 -42.45 -28.64 27.62
CA VAL B 403 -42.97 -27.28 27.79
C VAL B 403 -42.03 -26.44 28.63
N THR B 404 -41.39 -27.05 29.65
CA THR B 404 -40.40 -26.30 30.40
C THR B 404 -39.26 -25.87 29.51
N LEU B 405 -38.91 -26.70 28.51
CA LEU B 405 -37.90 -26.28 27.56
C LEU B 405 -38.43 -25.21 26.64
N MET B 406 -39.66 -25.36 26.19
CA MET B 406 -40.24 -24.31 25.38
C MET B 406 -40.31 -22.99 26.12
N LYS B 407 -40.50 -23.02 27.45
CA LYS B 407 -40.37 -21.79 28.23
C LYS B 407 -38.96 -21.26 28.17
N LEU B 408 -37.96 -22.14 28.35
CA LEU B 408 -36.57 -21.71 28.34
C LEU B 408 -36.20 -21.09 27.00
N ARG B 409 -36.64 -21.70 25.92
CA ARG B 409 -36.45 -21.10 24.62
C ARG B 409 -36.94 -19.66 24.62
N GLU B 410 -38.11 -19.41 25.24
CA GLU B 410 -38.66 -18.05 25.34
C GLU B 410 -37.67 -17.11 26.04
N LYS B 411 -37.10 -17.56 27.17
CA LYS B 411 -36.08 -16.75 27.85
C LYS B 411 -34.81 -16.64 27.00
N ALA B 412 -34.46 -17.70 26.28
CA ALA B 412 -33.26 -17.65 25.44
C ALA B 412 -33.48 -16.77 24.22
N MET B 413 -34.67 -16.88 23.59
CA MET B 413 -34.98 -16.15 22.35
C MET B 413 -35.13 -14.64 22.57
N GLU B 414 -35.53 -14.24 23.77
CA GLU B 414 -35.57 -12.85 24.17
C GLU B 414 -34.26 -12.37 24.74
N ALA B 415 -33.36 -13.27 25.17
CA ALA B 415 -32.07 -12.79 25.64
C ALA B 415 -31.11 -12.46 24.49
N ILE B 416 -31.38 -12.92 23.27
CA ILE B 416 -30.63 -12.53 22.08
C ILE B 416 -31.39 -11.58 21.18
N LYS B 417 -32.67 -11.34 21.45
CA LYS B 417 -33.39 -10.31 20.73
C LYS B 417 -32.83 -8.94 21.14
N GLU B 418 -33.10 -7.93 20.31
CA GLU B 418 -32.61 -6.60 20.62
C GLU B 418 -33.00 -6.18 22.03
N GLY B 419 -32.05 -5.64 22.78
CA GLY B 419 -32.30 -5.34 24.17
C GLY B 419 -32.19 -6.53 25.10
N GLY B 420 -32.03 -7.75 24.57
CA GLY B 420 -31.84 -8.92 25.40
C GLY B 420 -30.50 -8.89 26.13
N SER B 421 -30.34 -9.77 27.12
CA SER B 421 -29.12 -9.74 27.92
C SER B 421 -27.90 -9.97 27.04
N SER B 422 -27.99 -10.98 26.20
CA SER B 422 -26.83 -11.33 25.41
C SER B 422 -26.65 -10.37 24.24
N TYR B 423 -27.73 -9.83 23.68
CA TYR B 423 -27.60 -8.76 22.69
C TYR B 423 -26.82 -7.59 23.27
N LYS B 424 -27.20 -7.15 24.46
CA LYS B 424 -26.48 -6.09 25.11
C LYS B 424 -25.03 -6.51 25.35
N ASN B 425 -24.82 -7.74 25.79
CA ASN B 425 -23.47 -8.18 26.09
C ASN B 425 -22.61 -8.20 24.83
N LEU B 426 -23.23 -8.45 23.67
CA LEU B 426 -22.45 -8.36 22.44
C LEU B 426 -22.06 -6.92 22.13
N ASP B 427 -23.01 -5.98 22.29
CA ASP B 427 -22.73 -4.57 22.20
C ASP B 427 -21.65 -4.17 23.20
N GLU B 428 -21.90 -4.48 24.48
CA GLU B 428 -20.93 -4.17 25.50
C GLU B 428 -19.57 -4.73 25.11
N LEU B 429 -19.56 -5.86 24.39
CA LEU B 429 -18.32 -6.56 24.10
C LEU B 429 -17.49 -5.89 23.01
N VAL B 430 -18.10 -5.61 21.85
CA VAL B 430 -17.38 -4.89 20.79
C VAL B 430 -16.81 -3.60 21.37
N ALA B 431 -17.58 -2.97 22.25
CA ALA B 431 -17.20 -1.73 22.90
C ALA B 431 -15.94 -1.99 23.73
N GLU B 432 -16.08 -2.73 24.83
CA GLU B 432 -14.94 -2.90 25.72
C GLU B 432 -13.73 -3.45 25.00
N MET B 433 -13.91 -4.04 23.83
CA MET B 433 -12.74 -4.46 23.08
C MET B 433 -11.83 -3.31 22.67
N CYS B 434 -12.35 -2.08 22.58
CA CYS B 434 -11.53 -1.00 22.04
C CYS B 434 -10.71 -0.27 23.09
N LEU B 435 -10.77 -0.71 24.34
CA LEU B 435 -10.18 0.05 25.43
C LEU B 435 -8.67 -0.21 25.52
N THR C 6 30.04 -18.91 0.42
CA THR C 6 30.05 -17.55 -0.11
C THR C 6 28.66 -16.97 0.11
N LYS C 7 28.18 -16.13 -0.80
CA LYS C 7 26.83 -15.60 -0.70
C LYS C 7 25.87 -16.45 -1.52
N LYS C 8 24.84 -16.96 -0.86
CA LYS C 8 23.82 -17.77 -1.49
C LYS C 8 22.50 -17.04 -1.33
N PRO C 9 21.51 -17.32 -2.17
CA PRO C 9 20.31 -16.48 -2.18
C PRO C 9 19.19 -17.04 -1.31
N HIS C 10 18.23 -16.18 -0.97
CA HIS C 10 16.96 -16.58 -0.37
C HIS C 10 15.91 -16.57 -1.49
N VAL C 11 15.29 -17.70 -1.75
CA VAL C 11 14.44 -17.87 -2.92
C VAL C 11 12.98 -17.94 -2.49
N LEU C 12 12.12 -17.24 -3.21
CA LEU C 12 10.68 -17.32 -2.98
C LEU C 12 10.10 -18.22 -4.07
N VAL C 13 9.84 -19.48 -3.70
CA VAL C 13 9.32 -20.46 -4.64
C VAL C 13 7.82 -20.30 -4.70
N ILE C 14 7.29 -20.18 -5.92
CA ILE C 14 5.84 -20.07 -6.11
C ILE C 14 5.45 -21.05 -7.21
N PRO C 15 5.10 -22.28 -6.85
CA PRO C 15 4.72 -23.27 -7.85
C PRO C 15 3.31 -23.02 -8.36
N PHE C 16 3.02 -23.63 -9.52
CA PHE C 16 1.67 -23.58 -10.05
C PHE C 16 0.89 -24.78 -9.54
N PRO C 17 -0.35 -24.60 -9.08
CA PRO C 17 -1.12 -25.75 -8.60
C PRO C 17 -1.52 -26.74 -9.70
N GLN C 18 -0.60 -27.61 -10.12
CA GLN C 18 -0.84 -28.75 -11.00
C GLN C 18 0.40 -29.63 -11.02
N SER C 19 0.21 -30.95 -10.88
CA SER C 19 1.33 -31.89 -10.70
C SER C 19 2.45 -31.64 -11.67
N GLY C 20 2.12 -31.42 -12.93
CA GLY C 20 3.15 -31.28 -13.94
C GLY C 20 4.12 -30.17 -13.61
N HIS C 21 3.62 -29.09 -12.99
CA HIS C 21 4.43 -27.96 -12.54
C HIS C 21 4.96 -28.15 -11.12
N MET C 22 4.06 -28.45 -10.18
CA MET C 22 4.43 -28.50 -8.77
C MET C 22 5.49 -29.55 -8.50
N VAL C 23 5.40 -30.71 -9.13
CA VAL C 23 6.29 -31.79 -8.75
C VAL C 23 7.72 -31.40 -9.10
N PRO C 24 8.03 -31.00 -10.34
CA PRO C 24 9.42 -30.60 -10.62
C PRO C 24 9.82 -29.31 -9.93
N HIS C 25 8.89 -28.39 -9.72
CA HIS C 25 9.25 -27.12 -9.08
C HIS C 25 9.74 -27.33 -7.65
N LEU C 26 9.21 -28.33 -6.95
CA LEU C 26 9.67 -28.68 -5.62
C LEU C 26 10.95 -29.49 -5.66
N ASP C 27 11.06 -30.44 -6.60
CA ASP C 27 12.34 -31.11 -6.84
C ASP C 27 13.41 -30.08 -7.24
N LEU C 28 13.06 -29.13 -8.12
CA LEU C 28 13.97 -28.03 -8.42
C LEU C 28 14.29 -27.24 -7.17
N THR C 29 13.30 -27.08 -6.28
CA THR C 29 13.57 -26.44 -4.99
C THR C 29 14.57 -27.26 -4.17
N HIS C 30 14.33 -28.55 -4.05
CA HIS C 30 15.22 -29.41 -3.27
C HIS C 30 16.66 -29.34 -3.74
N GLN C 31 16.84 -29.17 -5.05
CA GLN C 31 18.18 -29.13 -5.60
C GLN C 31 18.92 -27.88 -5.18
N ILE C 32 18.25 -26.72 -5.31
CA ILE C 32 18.91 -25.46 -4.98
C ILE C 32 19.06 -25.33 -3.48
N LEU C 33 18.18 -25.97 -2.73
CA LEU C 33 18.29 -25.97 -1.27
C LEU C 33 19.52 -26.75 -0.83
N LEU C 34 19.78 -27.90 -1.47
CA LEU C 34 20.96 -28.68 -1.14
C LEU C 34 22.24 -27.95 -1.55
N ARG C 35 22.17 -27.17 -2.62
CA ARG C 35 23.23 -26.23 -2.93
C ARG C 35 23.16 -24.98 -2.03
N GLY C 36 22.76 -25.17 -0.78
CA GLY C 36 22.87 -24.14 0.26
C GLY C 36 21.96 -22.92 0.15
N ALA C 37 20.80 -23.08 -0.45
CA ALA C 37 19.88 -21.95 -0.50
C ALA C 37 18.97 -21.96 0.72
N THR C 38 18.14 -20.91 0.82
CA THR C 38 17.04 -20.87 1.76
C THR C 38 15.80 -20.43 0.98
N VAL C 39 14.74 -21.22 1.05
CA VAL C 39 13.60 -20.97 0.19
C VAL C 39 12.36 -20.77 1.05
N THR C 40 11.50 -19.89 0.58
CA THR C 40 10.16 -19.74 1.13
C THR C 40 9.19 -20.11 0.03
N VAL C 41 8.42 -21.15 0.26
CA VAL C 41 7.49 -21.65 -0.71
C VAL C 41 6.13 -21.10 -0.33
N LEU C 42 5.45 -20.51 -1.30
CA LEU C 42 4.11 -19.95 -1.14
C LEU C 42 3.04 -20.87 -1.77
N VAL C 43 2.16 -21.46 -0.95
CA VAL C 43 1.07 -22.34 -1.39
C VAL C 43 -0.21 -21.93 -0.69
N THR C 44 -1.37 -22.28 -1.31
CA THR C 44 -2.65 -22.05 -0.65
C THR C 44 -2.97 -23.25 0.22
N PRO C 45 -3.93 -23.15 1.17
CA PRO C 45 -4.01 -24.19 2.22
C PRO C 45 -4.11 -25.63 1.72
N LYS C 46 -4.90 -25.90 0.67
CA LYS C 46 -5.05 -27.28 0.24
C LYS C 46 -3.79 -27.86 -0.37
N ASN C 47 -2.82 -27.01 -0.67
CA ASN C 47 -1.56 -27.41 -1.29
C ASN C 47 -0.39 -27.40 -0.33
N SER C 48 -0.62 -27.31 0.98
CA SER C 48 0.53 -27.36 1.87
C SER C 48 0.98 -28.79 2.16
N SER C 49 0.13 -29.79 1.88
CA SER C 49 0.51 -31.19 2.07
C SER C 49 1.71 -31.57 1.21
N TYR C 50 1.81 -31.01 0.02
CA TYR C 50 2.93 -31.31 -0.86
C TYR C 50 4.25 -30.74 -0.34
N LEU C 51 4.21 -29.87 0.66
CA LEU C 51 5.44 -29.43 1.26
C LEU C 51 5.92 -30.33 2.37
N ASP C 52 5.10 -31.30 2.81
CA ASP C 52 5.54 -32.21 3.84
C ASP C 52 6.83 -32.90 3.43
N ALA C 53 6.79 -33.60 2.29
CA ALA C 53 7.94 -34.37 1.82
C ALA C 53 9.15 -33.49 1.71
N LEU C 54 8.97 -32.29 1.16
CA LEU C 54 10.10 -31.41 1.02
C LEU C 54 10.59 -30.90 2.37
N ARG C 55 9.68 -30.57 3.29
CA ARG C 55 10.15 -29.97 4.53
C ARG C 55 10.89 -30.98 5.41
N SER C 56 10.48 -32.25 5.41
CA SER C 56 11.18 -33.20 6.26
C SER C 56 12.67 -33.32 5.93
N LEU C 57 13.15 -32.65 4.86
CA LEU C 57 14.55 -32.74 4.46
C LEU C 57 15.26 -31.40 4.54
N HIS C 58 14.67 -30.41 5.19
CA HIS C 58 15.35 -29.12 5.30
C HIS C 58 14.98 -28.47 6.63
N SER C 59 15.85 -27.55 7.05
CA SER C 59 15.65 -26.89 8.33
C SER C 59 14.39 -26.01 8.28
N PRO C 60 13.74 -25.84 9.42
CA PRO C 60 12.69 -24.81 9.52
C PRO C 60 13.20 -23.39 9.32
N GLU C 61 14.52 -23.17 9.28
CA GLU C 61 15.02 -21.88 8.81
C GLU C 61 15.95 -21.99 7.60
N HIS C 62 16.01 -23.18 6.96
CA HIS C 62 16.39 -23.29 5.56
C HIS C 62 15.16 -23.45 4.67
N PHE C 63 14.08 -23.99 5.22
CA PHE C 63 12.84 -24.21 4.49
C PHE C 63 11.70 -23.49 5.21
N LYS C 64 11.12 -22.49 4.58
CA LYS C 64 9.99 -21.80 5.19
C LYS C 64 8.77 -21.95 4.29
N THR C 65 7.59 -21.82 4.92
CA THR C 65 6.31 -21.97 4.25
C THR C 65 5.48 -20.72 4.49
N LEU C 66 5.15 -19.99 3.44
CA LEU C 66 4.13 -18.96 3.53
C LEU C 66 2.85 -19.49 2.91
N ILE C 67 1.73 -19.34 3.62
CA ILE C 67 0.43 -19.86 3.19
C ILE C 67 -0.57 -18.71 3.04
N LEU C 68 -1.14 -18.58 1.86
CA LEU C 68 -2.12 -17.54 1.65
C LEU C 68 -3.44 -18.18 1.24
N PRO C 69 -4.56 -17.60 1.62
CA PRO C 69 -5.83 -18.19 1.25
C PRO C 69 -6.00 -18.15 -0.26
N PHE C 70 -6.64 -19.17 -0.77
CA PHE C 70 -6.96 -19.22 -2.19
C PHE C 70 -8.02 -18.18 -2.52
N PRO C 71 -7.71 -17.14 -3.32
CA PRO C 71 -8.75 -16.16 -3.66
C PRO C 71 -9.92 -16.88 -4.33
N SER C 72 -11.11 -16.67 -3.79
CA SER C 72 -12.27 -17.35 -4.32
C SER C 72 -12.66 -16.75 -5.66
N HIS C 73 -13.12 -17.63 -6.56
CA HIS C 73 -13.50 -17.29 -7.90
C HIS C 73 -14.81 -17.99 -8.23
N PRO C 74 -15.72 -17.32 -8.95
CA PRO C 74 -17.03 -17.93 -9.20
C PRO C 74 -16.93 -19.19 -10.04
N CYS C 75 -16.03 -19.18 -11.03
CA CYS C 75 -15.92 -20.31 -11.94
C CYS C 75 -15.13 -21.45 -11.38
N ILE C 76 -14.53 -21.28 -10.20
CA ILE C 76 -13.73 -22.32 -9.57
C ILE C 76 -14.54 -22.86 -8.40
N PRO C 77 -14.79 -24.17 -8.36
CA PRO C 77 -15.56 -24.75 -7.24
C PRO C 77 -14.94 -24.42 -5.89
N SER C 78 -15.78 -24.02 -4.95
CA SER C 78 -15.27 -23.73 -3.62
C SER C 78 -14.51 -24.94 -3.12
N GLY C 79 -13.46 -24.69 -2.37
CA GLY C 79 -12.67 -25.78 -1.83
C GLY C 79 -11.80 -26.49 -2.84
N VAL C 80 -11.78 -26.03 -4.09
CA VAL C 80 -10.86 -26.52 -5.11
C VAL C 80 -9.77 -25.46 -5.30
N GLU C 81 -8.49 -25.89 -5.16
CA GLU C 81 -7.35 -25.00 -5.29
C GLU C 81 -6.25 -25.55 -6.16
N SER C 82 -6.51 -26.60 -6.93
CA SER C 82 -5.49 -27.18 -7.79
C SER C 82 -6.10 -27.55 -9.13
N LEU C 83 -5.42 -27.17 -10.19
CA LEU C 83 -5.92 -27.46 -11.52
C LEU C 83 -5.85 -28.93 -11.86
N GLN C 84 -5.11 -29.72 -11.08
CA GLN C 84 -5.03 -31.14 -11.43
C GLN C 84 -6.38 -31.82 -11.30
N GLN C 85 -7.28 -31.20 -10.54
CA GLN C 85 -8.60 -31.75 -10.35
C GLN C 85 -9.62 -31.26 -11.37
N LEU C 86 -9.22 -30.43 -12.33
CA LEU C 86 -10.14 -29.61 -13.09
C LEU C 86 -9.93 -29.79 -14.58
N PRO C 87 -10.95 -29.47 -15.40
CA PRO C 87 -10.76 -29.48 -16.87
C PRO C 87 -9.81 -28.37 -17.31
N LEU C 88 -8.81 -28.73 -18.12
CA LEU C 88 -7.82 -27.72 -18.49
C LEU C 88 -8.45 -26.48 -19.12
N GLU C 89 -9.68 -26.59 -19.64
CA GLU C 89 -10.37 -25.42 -20.17
C GLU C 89 -10.69 -24.42 -19.06
N ALA C 90 -10.67 -24.87 -17.80
CA ALA C 90 -10.84 -24.04 -16.62
C ALA C 90 -9.56 -23.29 -16.24
N ILE C 91 -8.44 -23.58 -16.89
CA ILE C 91 -7.17 -23.00 -16.45
C ILE C 91 -7.24 -21.49 -16.39
N VAL C 92 -8.14 -20.88 -17.16
CA VAL C 92 -8.16 -19.42 -17.32
C VAL C 92 -8.58 -18.74 -16.03
N HIS C 93 -9.44 -19.38 -15.25
CA HIS C 93 -9.85 -18.89 -13.96
C HIS C 93 -8.81 -19.21 -12.89
N MET C 94 -8.07 -20.31 -13.04
CA MET C 94 -6.96 -20.55 -12.14
C MET C 94 -5.92 -19.45 -12.28
N PHE C 95 -5.62 -19.05 -13.53
CA PHE C 95 -4.80 -17.88 -13.78
C PHE C 95 -5.37 -16.65 -13.08
N ASP C 96 -6.67 -16.43 -13.28
CA ASP C 96 -7.35 -15.28 -12.73
C ASP C 96 -7.24 -15.25 -11.22
N ALA C 97 -7.72 -16.31 -10.56
CA ALA C 97 -7.74 -16.31 -9.10
C ALA C 97 -6.35 -16.10 -8.56
N LEU C 98 -5.39 -16.96 -8.95
CA LEU C 98 -4.05 -16.88 -8.39
C LEU C 98 -3.44 -15.50 -8.57
N SER C 99 -3.85 -14.77 -9.59
CA SER C 99 -3.36 -13.41 -9.78
C SER C 99 -3.85 -12.45 -8.69
N ARG C 100 -4.86 -12.82 -7.92
CA ARG C 100 -5.26 -12.02 -6.78
C ARG C 100 -4.44 -12.33 -5.52
N LEU C 101 -3.46 -13.23 -5.63
CA LEU C 101 -2.45 -13.35 -4.61
C LEU C 101 -1.46 -12.20 -4.60
N HIS C 102 -1.56 -11.26 -5.55
CA HIS C 102 -0.62 -10.14 -5.70
C HIS C 102 -0.56 -9.27 -4.45
N ASP C 103 -1.70 -8.73 -4.04
CA ASP C 103 -1.73 -7.89 -2.86
C ASP C 103 -1.27 -8.60 -1.60
N PRO C 104 -1.70 -9.84 -1.28
CA PRO C 104 -1.22 -10.47 -0.05
C PRO C 104 0.30 -10.59 -0.01
N LEU C 105 0.90 -10.91 -1.16
CA LEU C 105 2.35 -11.09 -1.23
C LEU C 105 3.09 -9.80 -0.94
N VAL C 106 2.64 -8.70 -1.54
CA VAL C 106 3.36 -7.44 -1.33
C VAL C 106 3.40 -7.12 0.17
N ASP C 107 2.32 -7.43 0.89
CA ASP C 107 2.25 -7.22 2.33
C ASP C 107 3.26 -8.09 3.10
N PHE C 108 3.28 -9.41 2.82
CA PHE C 108 4.29 -10.26 3.47
C PHE C 108 5.67 -9.76 3.17
N LEU C 109 5.89 -9.33 1.93
CA LEU C 109 7.18 -8.79 1.55
C LEU C 109 7.47 -7.47 2.25
N SER C 110 6.46 -6.59 2.37
CA SER C 110 6.71 -5.28 2.96
C SER C 110 7.14 -5.40 4.41
N ARG C 111 6.47 -6.26 5.17
CA ARG C 111 6.77 -6.43 6.57
C ARG C 111 8.00 -7.32 6.82
N GLN C 112 8.86 -7.47 5.82
CA GLN C 112 10.00 -8.35 6.04
C GLN C 112 11.30 -7.56 6.30
N PRO C 113 12.16 -8.02 7.21
CA PRO C 113 13.44 -7.36 7.44
C PRO C 113 14.30 -7.39 6.20
N PRO C 114 15.24 -6.43 6.04
CA PRO C 114 16.14 -6.45 4.86
C PRO C 114 16.97 -7.74 4.77
N SER C 115 17.12 -8.45 5.88
CA SER C 115 17.75 -9.77 5.86
C SER C 115 16.85 -10.79 5.20
N ASP C 116 15.69 -11.08 5.82
CA ASP C 116 14.94 -12.26 5.44
C ASP C 116 14.25 -12.14 4.09
N LEU C 117 14.31 -10.97 3.45
CA LEU C 117 13.67 -10.76 2.15
C LEU C 117 14.33 -11.63 1.08
N PRO C 118 13.57 -12.10 0.09
CA PRO C 118 14.17 -12.89 -0.98
C PRO C 118 15.04 -12.06 -1.93
N ASP C 119 16.08 -12.72 -2.45
CA ASP C 119 16.89 -12.17 -3.53
C ASP C 119 16.20 -12.32 -4.88
N ALA C 120 15.61 -13.48 -5.12
CA ALA C 120 14.96 -13.74 -6.39
C ALA C 120 13.72 -14.57 -6.13
N ILE C 121 12.80 -14.50 -7.08
CA ILE C 121 11.57 -15.28 -7.09
C ILE C 121 11.70 -16.34 -8.18
N LEU C 122 11.58 -17.61 -7.75
CA LEU C 122 11.55 -18.73 -8.68
C LEU C 122 10.11 -19.16 -8.78
N GLY C 123 9.35 -18.46 -9.62
CA GLY C 123 7.94 -18.73 -9.72
C GLY C 123 7.59 -19.41 -11.03
N SER C 124 6.43 -20.06 -11.08
CA SER C 124 6.07 -20.74 -12.30
C SER C 124 5.82 -19.69 -13.36
N SER C 125 6.39 -19.94 -14.54
CA SER C 125 6.13 -19.07 -15.67
C SER C 125 4.66 -18.73 -15.85
N PHE C 126 3.73 -19.61 -15.45
CA PHE C 126 2.34 -19.26 -15.66
C PHE C 126 1.90 -18.12 -14.76
N LEU C 127 2.56 -17.96 -13.61
CA LEU C 127 2.24 -16.92 -12.64
C LEU C 127 3.06 -15.65 -12.82
N SER C 128 3.85 -15.59 -13.89
CA SER C 128 4.80 -14.49 -14.13
C SER C 128 4.16 -13.14 -14.42
N PRO C 129 2.96 -13.03 -15.08
CA PRO C 129 2.33 -11.71 -15.21
C PRO C 129 2.34 -10.92 -13.91
N TRP C 130 1.77 -11.45 -12.84
CA TRP C 130 1.77 -10.68 -11.59
C TRP C 130 3.02 -10.88 -10.74
N ILE C 131 3.64 -12.06 -10.81
CA ILE C 131 4.89 -12.22 -10.07
C ILE C 131 5.89 -11.20 -10.53
N ASN C 132 5.84 -10.85 -11.82
CA ASN C 132 6.75 -9.82 -12.32
C ASN C 132 6.49 -8.47 -11.67
N LYS C 133 5.23 -8.08 -11.55
CA LYS C 133 4.96 -6.77 -10.98
C LYS C 133 5.47 -6.70 -9.55
N VAL C 134 5.33 -7.79 -8.80
CA VAL C 134 5.81 -7.83 -7.41
C VAL C 134 7.34 -7.78 -7.34
N ALA C 135 8.03 -8.45 -8.25
CA ALA C 135 9.49 -8.49 -8.20
C ALA C 135 10.09 -7.14 -8.55
N ASP C 136 9.48 -6.44 -9.51
CA ASP C 136 9.96 -5.12 -9.90
C ASP C 136 9.82 -4.12 -8.77
N ALA C 137 8.65 -4.10 -8.12
CA ALA C 137 8.40 -3.19 -7.01
C ALA C 137 9.26 -3.51 -5.79
N PHE C 138 10.09 -4.55 -5.86
CA PHE C 138 11.02 -4.91 -4.81
C PHE C 138 12.44 -5.14 -5.32
N SER C 139 12.74 -4.77 -6.57
CA SER C 139 14.07 -4.92 -7.14
C SER C 139 14.56 -6.36 -7.00
N ILE C 140 13.70 -7.28 -7.41
CA ILE C 140 13.94 -8.71 -7.28
C ILE C 140 13.93 -9.38 -8.65
N LYS C 141 14.89 -10.29 -8.85
CA LYS C 141 14.91 -11.09 -10.07
C LYS C 141 13.69 -12.00 -10.07
N SER C 142 12.98 -12.00 -11.19
CA SER C 142 11.79 -12.82 -11.35
C SER C 142 12.22 -13.90 -12.33
N ILE C 143 12.83 -14.94 -11.79
CA ILE C 143 13.17 -16.09 -12.61
C ILE C 143 11.92 -16.94 -12.77
N SER C 144 11.60 -17.31 -14.01
CA SER C 144 10.39 -18.06 -14.32
C SER C 144 10.73 -19.53 -14.50
N PHE C 145 9.79 -20.39 -14.12
CA PHE C 145 9.93 -21.84 -14.28
C PHE C 145 8.81 -22.41 -15.13
N LEU C 146 9.16 -23.41 -15.95
CA LEU C 146 8.28 -24.17 -16.79
C LEU C 146 8.68 -25.64 -16.69
N PRO C 147 7.72 -26.58 -16.58
CA PRO C 147 8.05 -27.99 -16.69
C PRO C 147 8.08 -28.55 -18.11
N ILE C 148 7.67 -27.78 -19.11
CA ILE C 148 7.70 -28.23 -20.50
C ILE C 148 9.11 -28.01 -21.03
N ASN C 149 9.37 -28.43 -22.28
CA ASN C 149 10.73 -28.40 -22.81
C ASN C 149 10.93 -27.21 -23.75
N ALA C 150 12.19 -27.00 -24.13
CA ALA C 150 12.54 -25.88 -25.00
C ALA C 150 11.85 -25.99 -26.34
N HIS C 151 11.65 -27.22 -26.84
CA HIS C 151 10.92 -27.41 -28.09
C HIS C 151 9.52 -26.84 -28.00
N SER C 152 8.74 -27.34 -27.04
CA SER C 152 7.36 -26.89 -26.88
C SER C 152 7.29 -25.37 -26.73
N ILE C 153 8.22 -24.79 -25.99
CA ILE C 153 8.20 -23.34 -25.81
C ILE C 153 8.28 -22.63 -27.15
N SER C 154 9.19 -23.09 -28.03
CA SER C 154 9.41 -22.43 -29.31
C SER C 154 8.19 -22.52 -30.21
N VAL C 155 7.59 -23.71 -30.32
CA VAL C 155 6.39 -23.86 -31.16
C VAL C 155 5.22 -23.08 -30.56
N MET C 156 5.15 -23.01 -29.24
CA MET C 156 3.96 -22.44 -28.64
C MET C 156 3.99 -20.93 -28.65
N TRP C 157 5.18 -20.35 -28.47
CA TRP C 157 5.31 -18.90 -28.47
C TRP C 157 5.13 -18.32 -29.86
N ALA C 158 5.44 -19.10 -30.89
CA ALA C 158 5.51 -18.55 -32.22
C ALA C 158 4.14 -18.41 -32.88
N GLN C 159 3.11 -19.01 -32.30
CA GLN C 159 1.74 -18.90 -32.80
C GLN C 159 1.32 -17.44 -32.98
N GLU C 160 0.39 -17.22 -33.91
CA GLU C 160 -0.22 -15.92 -34.10
C GLU C 160 -1.31 -15.66 -33.06
N ASP C 161 -2.17 -16.65 -32.83
CA ASP C 161 -3.27 -16.56 -31.89
C ASP C 161 -2.89 -17.33 -30.61
N ARG C 162 -2.39 -16.59 -29.62
CA ARG C 162 -1.76 -17.16 -28.43
C ARG C 162 -2.68 -17.22 -27.22
N SER C 163 -3.66 -16.33 -27.13
CA SER C 163 -4.44 -16.22 -25.91
C SER C 163 -5.30 -17.48 -25.78
N PHE C 164 -5.65 -17.83 -24.55
CA PHE C 164 -5.38 -17.08 -23.31
C PHE C 164 -4.02 -17.26 -22.61
N PHE C 165 -3.10 -17.98 -23.23
CA PHE C 165 -1.74 -18.07 -22.74
C PHE C 165 -0.90 -16.84 -23.05
N ASN C 166 -1.43 -15.89 -23.81
CA ASN C 166 -0.62 -14.80 -24.33
C ASN C 166 0.10 -14.05 -23.21
N ASP C 167 -0.66 -13.53 -22.24
CA ASP C 167 -0.09 -12.61 -21.25
C ASP C 167 0.97 -13.28 -20.37
N LEU C 168 0.77 -14.55 -19.99
CA LEU C 168 1.82 -15.28 -19.28
C LEU C 168 3.01 -15.54 -20.18
N GLU C 169 2.76 -15.72 -21.48
CA GLU C 169 3.83 -15.96 -22.43
C GLU C 169 4.68 -14.70 -22.63
N THR C 170 4.04 -13.55 -22.82
CA THR C 170 4.80 -12.32 -23.03
C THR C 170 5.49 -11.85 -21.77
N ALA C 171 4.88 -12.09 -20.60
CA ALA C 171 5.54 -11.71 -19.35
C ALA C 171 6.74 -12.60 -19.07
N THR C 172 6.69 -13.86 -19.51
CA THR C 172 7.83 -14.73 -19.27
C THR C 172 9.02 -14.33 -20.12
N THR C 173 8.75 -13.82 -21.32
CA THR C 173 9.83 -13.31 -22.18
C THR C 173 10.53 -12.10 -21.54
N GLU C 174 9.75 -11.11 -21.07
CA GLU C 174 10.28 -9.96 -20.33
C GLU C 174 10.69 -10.29 -18.89
N SER C 175 10.90 -11.57 -18.61
CA SER C 175 11.36 -11.97 -17.28
C SER C 175 12.88 -11.83 -17.19
N TYR C 176 13.40 -12.12 -15.99
CA TYR C 176 14.84 -12.14 -15.80
C TYR C 176 15.46 -13.32 -16.52
N GLY C 177 15.03 -14.52 -16.17
CA GLY C 177 15.49 -15.74 -16.81
C GLY C 177 14.37 -16.77 -16.84
N LEU C 178 14.68 -17.92 -17.43
CA LEU C 178 13.77 -19.06 -17.51
C LEU C 178 14.50 -20.32 -17.07
N VAL C 179 13.86 -21.12 -16.22
CA VAL C 179 14.38 -22.42 -15.83
C VAL C 179 13.44 -23.47 -16.40
N ILE C 180 13.97 -24.42 -17.16
CA ILE C 180 13.14 -25.47 -17.73
C ILE C 180 13.72 -26.83 -17.44
N ASN C 181 12.84 -27.83 -17.46
CA ASN C 181 13.15 -29.21 -17.10
C ASN C 181 13.33 -30.07 -18.35
N SER C 182 14.34 -29.67 -19.13
CA SER C 182 14.84 -30.47 -20.26
C SER C 182 16.36 -30.30 -20.29
N PHE C 183 16.97 -30.72 -21.40
CA PHE C 183 18.42 -30.64 -21.58
C PHE C 183 18.84 -29.75 -22.74
N TYR C 184 20.09 -29.25 -22.66
CA TYR C 184 20.64 -28.52 -23.80
C TYR C 184 20.95 -29.48 -24.94
N ASP C 185 21.71 -30.55 -24.65
CA ASP C 185 22.07 -31.48 -25.70
C ASP C 185 20.84 -32.00 -26.43
N LEU C 186 19.76 -32.26 -25.69
CA LEU C 186 18.56 -32.85 -26.28
C LEU C 186 18.00 -31.98 -27.40
N GLU C 187 17.96 -30.65 -27.20
CA GLU C 187 17.33 -29.74 -28.15
C GLU C 187 18.04 -28.39 -28.15
N PRO C 188 19.28 -28.35 -28.65
CA PRO C 188 19.97 -27.05 -28.68
C PRO C 188 19.39 -26.15 -29.74
N GLU C 189 19.02 -26.72 -30.91
CA GLU C 189 18.42 -25.97 -31.99
C GLU C 189 17.29 -25.10 -31.46
N PHE C 190 16.54 -25.64 -30.49
CA PHE C 190 15.35 -25.04 -29.92
C PHE C 190 15.62 -24.28 -28.62
N VAL C 191 16.61 -24.71 -27.82
CA VAL C 191 16.96 -23.96 -26.61
C VAL C 191 17.38 -22.54 -26.95
N GLU C 192 18.27 -22.40 -27.94
CA GLU C 192 18.73 -21.07 -28.30
C GLU C 192 17.60 -20.25 -28.91
N THR C 193 16.74 -20.89 -29.71
CA THR C 193 15.63 -20.18 -30.33
C THR C 193 14.74 -19.54 -29.27
N VAL C 194 14.60 -20.20 -28.12
CA VAL C 194 13.93 -19.57 -26.99
C VAL C 194 14.84 -18.51 -26.37
N LYS C 195 16.13 -18.82 -26.26
CA LYS C 195 17.05 -17.90 -25.59
C LYS C 195 17.29 -16.64 -26.43
N THR C 196 17.31 -16.76 -27.76
CA THR C 196 17.61 -15.58 -28.57
C THR C 196 16.37 -14.88 -29.10
N ARG C 197 15.37 -15.62 -29.58
CA ARG C 197 14.20 -14.91 -30.08
C ARG C 197 13.18 -14.63 -28.99
N PHE C 198 13.08 -15.48 -27.96
CA PHE C 198 11.93 -15.48 -27.05
C PHE C 198 12.30 -15.22 -25.58
N LEU C 199 13.45 -14.58 -25.30
CA LEU C 199 13.79 -14.14 -23.95
C LEU C 199 14.40 -12.75 -24.02
N ASN C 200 13.64 -11.72 -23.62
CA ASN C 200 14.13 -10.33 -23.75
C ASN C 200 15.50 -10.12 -23.10
N HIS C 201 15.85 -10.92 -22.10
CA HIS C 201 17.17 -10.83 -21.48
C HIS C 201 18.04 -12.04 -21.78
N HIS C 202 17.56 -12.95 -22.64
CA HIS C 202 18.39 -13.96 -23.33
C HIS C 202 19.22 -14.79 -22.37
N ARG C 203 18.67 -15.08 -21.20
CA ARG C 203 19.28 -15.99 -20.24
C ARG C 203 18.27 -17.11 -19.94
N ILE C 204 18.74 -18.38 -20.04
CA ILE C 204 17.93 -19.58 -19.81
C ILE C 204 18.79 -20.65 -19.15
N TRP C 205 18.17 -21.47 -18.30
CA TRP C 205 18.88 -22.57 -17.63
C TRP C 205 18.15 -23.88 -17.88
N THR C 206 18.89 -24.93 -18.21
CA THR C 206 18.37 -26.30 -18.28
C THR C 206 18.89 -27.09 -17.09
N VAL C 207 17.97 -27.55 -16.24
CA VAL C 207 18.36 -28.23 -15.01
C VAL C 207 17.82 -29.65 -14.94
N GLY C 208 17.13 -30.12 -15.97
CA GLY C 208 16.47 -31.41 -15.96
C GLY C 208 17.34 -32.50 -16.53
N PRO C 209 16.93 -33.77 -16.39
CA PRO C 209 15.69 -34.21 -15.74
C PRO C 209 15.70 -34.13 -14.22
N LEU C 210 14.74 -33.39 -13.70
CA LEU C 210 14.55 -33.30 -12.26
C LEU C 210 13.92 -34.59 -11.76
N LEU C 211 14.66 -35.32 -10.95
CA LEU C 211 14.13 -36.52 -10.30
C LEU C 211 13.78 -36.23 -8.85
N PRO C 212 12.87 -37.00 -8.26
CA PRO C 212 12.42 -36.69 -6.89
C PRO C 212 13.28 -37.35 -5.82
N PHE C 213 13.31 -36.69 -4.65
CA PHE C 213 13.99 -37.19 -3.45
C PHE C 213 13.19 -38.29 -2.74
N LYS C 214 11.95 -38.00 -2.36
CA LYS C 214 11.06 -38.94 -1.64
C LYS C 214 11.74 -39.54 -0.40
N PRO C 227 -0.22 -51.20 -3.30
CA PRO C 227 1.18 -50.89 -3.04
C PRO C 227 1.92 -52.04 -2.38
N ALA C 228 1.61 -52.26 -1.09
CA ALA C 228 2.19 -53.37 -0.35
C ALA C 228 1.65 -54.72 -0.81
N LYS C 229 0.33 -54.79 -1.03
CA LYS C 229 -0.24 -56.00 -1.64
C LYS C 229 0.25 -56.14 -3.08
N VAL C 230 0.40 -55.03 -3.78
CA VAL C 230 1.02 -55.06 -5.11
C VAL C 230 2.53 -55.17 -5.02
N SER C 231 3.11 -55.03 -3.83
CA SER C 231 4.54 -55.29 -3.69
C SER C 231 4.82 -56.78 -3.82
N ALA C 232 3.84 -57.63 -3.48
CA ALA C 232 3.94 -59.05 -3.77
C ALA C 232 3.85 -59.29 -5.26
N TRP C 233 3.28 -58.34 -6.01
CA TRP C 233 3.37 -58.30 -7.45
C TRP C 233 4.33 -57.23 -7.96
N LEU C 234 5.04 -56.55 -7.05
CA LEU C 234 6.11 -55.63 -7.44
C LEU C 234 7.41 -56.39 -7.67
N ASP C 235 7.32 -57.60 -8.23
CA ASP C 235 8.50 -58.37 -8.60
C ASP C 235 8.17 -59.67 -9.34
N SER C 236 6.89 -60.04 -9.36
CA SER C 236 6.44 -61.22 -10.08
C SER C 236 5.67 -60.78 -11.32
N CYS C 237 5.98 -61.36 -12.47
CA CYS C 237 7.03 -62.39 -12.59
C CYS C 237 7.99 -62.17 -13.77
N PRO C 238 9.28 -62.41 -13.52
CA PRO C 238 10.30 -62.03 -14.51
C PRO C 238 10.23 -62.89 -15.78
N GLU C 239 10.67 -62.30 -16.89
CA GLU C 239 10.84 -63.04 -18.15
C GLU C 239 11.83 -62.34 -19.08
N ASP C 240 12.95 -61.88 -18.51
CA ASP C 240 13.94 -61.06 -19.21
C ASP C 240 13.31 -59.87 -19.95
N TYR C 245 3.95 -51.32 -19.60
CA TYR C 245 3.17 -50.53 -18.64
C TYR C 245 2.35 -49.40 -19.32
N VAL C 246 1.06 -49.37 -18.97
CA VAL C 246 0.06 -48.50 -19.57
C VAL C 246 -0.63 -47.66 -18.51
N GLY C 247 -0.66 -46.34 -18.70
CA GLY C 247 -1.40 -45.50 -17.76
C GLY C 247 -1.52 -44.07 -18.23
N PHE C 248 -2.73 -43.51 -18.27
CA PHE C 248 -2.92 -42.12 -18.68
C PHE C 248 -3.21 -41.17 -17.53
N GLY C 249 -2.83 -41.54 -16.31
CA GLY C 249 -2.93 -40.62 -15.19
C GLY C 249 -4.35 -40.17 -14.86
N SER C 250 -4.47 -38.89 -14.54
CA SER C 250 -5.73 -38.30 -14.09
C SER C 250 -6.42 -37.43 -15.12
N GLN C 251 -5.70 -36.71 -15.99
CA GLN C 251 -6.33 -35.72 -16.86
C GLN C 251 -6.87 -36.34 -18.14
N ILE C 252 -6.79 -37.65 -18.27
CA ILE C 252 -7.18 -38.35 -19.47
C ILE C 252 -8.37 -39.20 -19.06
N ARG C 253 -9.31 -39.37 -19.98
CA ARG C 253 -10.50 -40.14 -19.73
C ARG C 253 -10.50 -41.35 -20.64
N LEU C 254 -10.77 -42.52 -20.07
CA LEU C 254 -10.65 -43.77 -20.81
C LEU C 254 -12.01 -43.99 -21.48
N THR C 255 -12.16 -43.46 -22.70
CA THR C 255 -13.45 -43.56 -23.39
C THR C 255 -13.84 -45.02 -23.65
N ALA C 256 -15.15 -45.28 -23.66
CA ALA C 256 -15.67 -46.64 -23.75
C ALA C 256 -15.33 -47.28 -25.09
N GLU C 257 -15.37 -46.50 -26.17
CA GLU C 257 -15.03 -47.05 -27.49
C GLU C 257 -13.58 -47.52 -27.52
N GLN C 258 -12.65 -46.69 -26.98
CA GLN C 258 -11.22 -47.01 -27.00
C GLN C 258 -10.79 -47.97 -25.89
N THR C 259 -11.37 -47.89 -24.69
CA THR C 259 -10.98 -48.80 -23.61
C THR C 259 -11.14 -50.26 -24.03
N ALA C 260 -12.31 -50.62 -24.58
CA ALA C 260 -12.54 -51.99 -25.02
C ALA C 260 -11.62 -52.34 -26.17
N ALA C 261 -11.30 -51.38 -27.03
CA ALA C 261 -10.36 -51.63 -28.11
C ALA C 261 -8.96 -51.85 -27.54
N LEU C 262 -8.59 -51.04 -26.53
CA LEU C 262 -7.31 -51.26 -25.87
C LEU C 262 -7.32 -52.61 -25.16
N ALA C 263 -8.41 -52.89 -24.45
CA ALA C 263 -8.58 -54.23 -23.89
C ALA C 263 -8.67 -55.28 -24.98
N ALA C 264 -9.23 -54.93 -26.15
CA ALA C 264 -9.21 -55.87 -27.26
C ALA C 264 -7.77 -56.18 -27.64
N ALA C 265 -6.95 -55.13 -27.68
CA ALA C 265 -5.53 -55.32 -27.84
C ALA C 265 -5.00 -56.18 -26.71
N LEU C 266 -5.55 -55.99 -25.50
CA LEU C 266 -5.04 -56.66 -24.31
C LEU C 266 -5.08 -58.18 -24.40
N GLU C 267 -6.18 -58.75 -24.93
CA GLU C 267 -6.20 -60.20 -25.15
C GLU C 267 -5.14 -60.60 -26.17
N LYS C 268 -5.10 -59.87 -27.32
CA LYS C 268 -4.24 -60.21 -28.45
C LYS C 268 -2.80 -59.73 -28.23
N SER C 269 -2.62 -58.67 -27.46
CA SER C 269 -1.33 -58.04 -27.18
C SER C 269 -1.14 -58.31 -25.70
N SER C 270 -0.15 -59.12 -25.35
CA SER C 270 -0.06 -59.48 -23.95
C SER C 270 1.36 -59.79 -23.50
N VAL C 271 1.56 -59.64 -22.18
CA VAL C 271 2.78 -59.97 -21.45
C VAL C 271 2.44 -59.92 -19.96
N ARG C 272 2.22 -58.72 -19.45
CA ARG C 272 1.75 -58.40 -18.11
C ARG C 272 1.89 -56.88 -18.00
N PHE C 273 0.94 -56.26 -17.32
CA PHE C 273 0.72 -54.82 -17.44
C PHE C 273 -0.23 -54.38 -16.34
N ILE C 274 -0.24 -53.06 -16.09
CA ILE C 274 -1.22 -52.42 -15.21
C ILE C 274 -1.68 -51.12 -15.85
N TRP C 275 -2.98 -50.82 -15.75
CA TRP C 275 -3.49 -49.50 -16.07
C TRP C 275 -4.56 -49.15 -15.03
N ALA C 276 -4.52 -47.92 -14.51
CA ALA C 276 -5.34 -47.58 -13.35
C ALA C 276 -6.56 -46.74 -13.75
N VAL C 277 -7.32 -46.35 -12.72
CA VAL C 277 -8.58 -45.59 -12.88
C VAL C 277 -8.42 -44.42 -13.84
N GLU C 302 -16.42 -52.83 -18.61
CA GLU C 302 -15.18 -53.26 -17.96
C GLU C 302 -15.21 -54.74 -17.55
N ARG C 303 -14.69 -55.60 -18.43
CA ARG C 303 -14.59 -57.06 -18.21
C ARG C 303 -13.12 -57.48 -18.19
N VAL C 304 -12.53 -57.54 -16.98
CA VAL C 304 -11.15 -57.99 -16.82
C VAL C 304 -11.08 -59.51 -16.83
N LYS C 305 -10.13 -60.05 -17.58
CA LYS C 305 -9.86 -61.49 -17.53
C LYS C 305 -8.45 -61.68 -17.00
N GLU C 306 -8.19 -62.87 -16.49
CA GLU C 306 -6.84 -63.24 -16.11
C GLU C 306 -6.16 -63.97 -17.27
N LYS C 307 -4.83 -63.80 -17.37
CA LYS C 307 -3.98 -63.14 -16.38
C LYS C 307 -3.83 -61.66 -16.68
N GLY C 308 -3.66 -60.85 -15.62
CA GLY C 308 -3.58 -59.40 -15.74
C GLY C 308 -3.68 -58.64 -14.42
N LEU C 309 -3.11 -57.44 -14.37
CA LEU C 309 -2.94 -56.69 -13.12
C LEU C 309 -3.89 -55.48 -13.07
N VAL C 310 -4.16 -55.02 -11.85
CA VAL C 310 -5.17 -54.00 -11.55
C VAL C 310 -4.57 -52.87 -10.70
N ILE C 311 -4.74 -51.62 -11.19
CA ILE C 311 -4.28 -50.39 -10.51
C ILE C 311 -2.90 -50.55 -9.88
N PRO C 316 1.87 -47.53 -7.87
CA PRO C 316 2.89 -46.50 -7.92
C PRO C 316 3.18 -46.14 -9.36
N GLN C 317 4.44 -45.86 -9.65
CA GLN C 317 4.90 -45.46 -10.98
C GLN C 317 6.41 -45.62 -11.06
N THR C 318 7.15 -44.83 -10.28
CA THR C 318 8.60 -44.94 -10.31
C THR C 318 9.01 -46.29 -9.73
N MET C 319 8.17 -46.85 -8.84
CA MET C 319 8.37 -48.22 -8.38
C MET C 319 8.03 -49.20 -9.49
N ILE C 320 7.10 -48.84 -10.39
CA ILE C 320 6.74 -49.75 -11.46
C ILE C 320 7.78 -49.74 -12.57
N LEU C 321 8.26 -48.57 -12.97
CA LEU C 321 9.19 -48.49 -14.09
C LEU C 321 10.60 -48.99 -13.75
N GLU C 322 10.89 -49.34 -12.48
CA GLU C 322 12.27 -49.67 -12.07
C GLU C 322 12.63 -51.15 -12.17
N HIS C 323 11.69 -52.07 -12.40
CA HIS C 323 12.11 -53.44 -12.69
C HIS C 323 12.96 -53.43 -13.96
N ARG C 324 13.99 -54.26 -14.00
CA ARG C 324 14.83 -54.27 -15.19
C ARG C 324 14.14 -54.91 -16.40
N ALA C 325 13.29 -55.93 -16.21
CA ALA C 325 12.76 -56.60 -17.39
C ALA C 325 11.39 -56.07 -17.81
N VAL C 326 11.21 -54.75 -17.71
CA VAL C 326 10.04 -54.04 -18.22
C VAL C 326 10.61 -53.03 -19.20
N GLY C 327 10.21 -53.14 -20.47
CA GLY C 327 11.01 -52.49 -21.48
C GLY C 327 10.36 -51.39 -22.28
N SER C 328 9.04 -51.23 -22.16
CA SER C 328 8.33 -50.21 -22.92
C SER C 328 7.31 -49.58 -21.99
N TYR C 329 7.03 -48.30 -22.27
CA TYR C 329 6.11 -47.49 -21.50
C TYR C 329 5.15 -46.82 -22.48
N LEU C 330 3.87 -47.14 -22.35
CA LEU C 330 2.86 -46.55 -23.22
C LEU C 330 2.11 -45.47 -22.44
N THR C 331 2.26 -44.23 -22.85
CA THR C 331 1.75 -43.09 -22.10
C THR C 331 1.22 -42.05 -23.05
N HIS C 332 0.62 -41.02 -22.48
CA HIS C 332 0.14 -39.88 -23.25
C HIS C 332 1.27 -39.01 -23.80
N LEU C 333 2.52 -39.37 -23.58
CA LEU C 333 3.67 -38.57 -24.01
C LEU C 333 3.69 -37.18 -23.40
N GLY C 334 3.32 -37.08 -22.12
CA GLY C 334 3.63 -35.89 -21.36
C GLY C 334 5.11 -35.82 -21.03
N TRP C 335 5.61 -34.61 -20.86
CA TRP C 335 7.05 -34.46 -20.72
C TRP C 335 7.56 -35.06 -19.41
N GLY C 336 6.84 -34.81 -18.31
CA GLY C 336 7.23 -35.44 -17.07
C GLY C 336 7.32 -36.93 -17.24
N SER C 337 6.36 -37.51 -17.95
CA SER C 337 6.33 -38.94 -18.21
C SER C 337 7.46 -39.37 -19.15
N VAL C 338 7.79 -38.54 -20.15
CA VAL C 338 8.89 -38.88 -21.04
C VAL C 338 10.17 -39.07 -20.25
N LEU C 339 10.44 -38.18 -19.31
CA LEU C 339 11.69 -38.24 -18.55
C LEU C 339 11.69 -39.42 -17.58
N GLU C 340 10.53 -39.79 -17.03
CA GLU C 340 10.46 -40.98 -16.20
C GLU C 340 10.87 -42.21 -16.98
N GLY C 341 10.35 -42.38 -18.19
CA GLY C 341 10.70 -43.55 -18.96
C GLY C 341 12.16 -43.55 -19.39
N MET C 342 12.65 -42.42 -19.88
CA MET C 342 14.03 -42.34 -20.34
C MET C 342 15.01 -42.68 -19.21
N VAL C 343 14.90 -41.98 -18.08
CA VAL C 343 15.69 -42.35 -16.90
C VAL C 343 15.41 -43.79 -16.52
N GLY C 344 14.13 -44.18 -16.51
CA GLY C 344 13.81 -45.57 -16.24
C GLY C 344 14.44 -46.55 -17.21
N GLY C 345 14.94 -46.05 -18.35
CA GLY C 345 15.54 -46.88 -19.36
C GLY C 345 14.53 -47.74 -20.07
N VAL C 346 13.31 -47.25 -20.20
CA VAL C 346 12.19 -48.00 -20.74
C VAL C 346 11.63 -47.21 -21.92
N MET C 347 11.42 -47.89 -23.04
CA MET C 347 10.97 -47.21 -24.24
C MET C 347 9.55 -46.69 -24.09
N LEU C 348 9.30 -45.52 -24.70
CA LEU C 348 7.98 -44.91 -24.70
C LEU C 348 7.17 -45.36 -25.91
N LEU C 349 5.92 -45.75 -25.67
CA LEU C 349 4.95 -45.92 -26.72
C LEU C 349 4.01 -44.72 -26.60
N ALA C 350 4.02 -43.85 -27.60
CA ALA C 350 3.45 -42.50 -27.46
C ALA C 350 2.02 -42.45 -27.94
N TRP C 351 1.14 -41.84 -27.15
CA TRP C 351 -0.24 -41.59 -27.55
C TRP C 351 -0.62 -40.20 -27.10
N PRO C 352 -0.28 -39.18 -27.89
CA PRO C 352 -0.57 -37.80 -27.48
C PRO C 352 -2.06 -37.56 -27.47
N MET C 353 -2.50 -36.64 -26.60
CA MET C 353 -3.92 -36.29 -26.60
C MET C 353 -4.23 -34.81 -26.36
N GLN C 354 -3.35 -34.04 -25.74
CA GLN C 354 -3.64 -32.65 -25.40
C GLN C 354 -2.33 -32.00 -25.02
N ALA C 355 -2.39 -30.75 -24.57
CA ALA C 355 -1.22 -30.07 -24.01
C ALA C 355 -0.05 -30.16 -24.97
N ASP C 356 1.16 -30.31 -24.43
CA ASP C 356 2.34 -30.36 -25.27
C ASP C 356 2.59 -31.73 -25.85
N HIS C 357 1.65 -32.67 -25.73
CA HIS C 357 1.87 -34.04 -26.16
C HIS C 357 2.23 -34.13 -27.63
N PHE C 358 1.63 -33.28 -28.46
CA PHE C 358 1.98 -33.30 -29.87
C PHE C 358 3.37 -32.70 -30.07
N PHE C 359 3.68 -31.61 -29.37
CA PHE C 359 5.04 -31.08 -29.43
C PHE C 359 6.04 -32.13 -28.97
N ASN C 360 5.67 -32.96 -27.99
CA ASN C 360 6.59 -33.98 -27.54
C ASN C 360 6.84 -35.01 -28.62
N THR C 361 5.78 -35.36 -29.37
CA THR C 361 5.89 -36.39 -30.40
C THR C 361 6.79 -35.93 -31.54
N THR C 362 6.64 -34.69 -31.97
CA THR C 362 7.55 -34.15 -32.97
C THR C 362 9.01 -34.30 -32.53
N LEU C 363 9.27 -34.12 -31.23
CA LEU C 363 10.65 -34.23 -30.75
C LEU C 363 11.07 -35.68 -30.55
N ILE C 364 10.31 -36.43 -29.74
CA ILE C 364 10.75 -37.75 -29.30
C ILE C 364 10.62 -38.77 -30.44
N VAL C 365 9.54 -38.66 -31.21
CA VAL C 365 9.28 -39.60 -32.30
C VAL C 365 9.94 -39.13 -33.58
N ASP C 366 9.53 -37.96 -34.07
CA ASP C 366 9.86 -37.54 -35.43
C ASP C 366 11.34 -37.20 -35.58
N LYS C 367 11.86 -36.31 -34.72
CA LYS C 367 13.21 -35.79 -34.95
C LYS C 367 14.28 -36.75 -34.46
N LEU C 368 14.11 -37.32 -33.27
CA LEU C 368 15.13 -38.15 -32.64
C LEU C 368 14.86 -39.66 -32.71
N ARG C 369 13.62 -40.07 -33.02
CA ARG C 369 13.24 -41.48 -33.17
C ARG C 369 13.65 -42.35 -31.97
N ALA C 370 13.17 -41.96 -30.79
CA ALA C 370 13.42 -42.68 -29.54
C ALA C 370 12.14 -43.23 -28.91
N ALA C 371 11.00 -43.13 -29.61
CA ALA C 371 9.74 -43.76 -29.19
C ALA C 371 8.87 -43.97 -30.43
N VAL C 372 8.00 -44.99 -30.39
CA VAL C 372 7.08 -45.25 -31.50
C VAL C 372 5.69 -44.74 -31.15
N ARG C 373 5.15 -43.91 -32.03
CA ARG C 373 3.77 -43.45 -31.91
C ARG C 373 2.83 -44.63 -32.11
N VAL C 374 1.80 -44.72 -31.27
CA VAL C 374 0.84 -45.81 -31.33
C VAL C 374 -0.60 -45.31 -31.33
N GLY C 375 -0.82 -43.99 -31.38
CA GLY C 375 -2.14 -43.40 -31.44
C GLY C 375 -1.97 -41.98 -31.91
N GLU C 376 -3.06 -41.41 -32.41
CA GLU C 376 -2.93 -40.12 -33.10
C GLU C 376 -3.67 -38.98 -32.42
N ASN C 377 -4.81 -39.23 -31.78
CA ASN C 377 -5.73 -38.15 -31.45
C ASN C 377 -6.30 -38.39 -30.06
N ARG C 378 -6.97 -37.38 -29.50
CA ARG C 378 -7.74 -37.60 -28.27
C ARG C 378 -8.97 -38.48 -28.49
N ASP C 379 -9.57 -38.46 -29.69
CA ASP C 379 -10.75 -39.28 -30.01
C ASP C 379 -10.45 -40.45 -30.93
N SER C 380 -9.21 -40.60 -31.38
CA SER C 380 -8.88 -41.71 -32.25
C SER C 380 -9.02 -43.01 -31.46
N VAL C 381 -9.27 -44.09 -32.18
CA VAL C 381 -9.35 -45.44 -31.62
C VAL C 381 -8.49 -46.35 -32.48
N PRO C 382 -7.66 -47.22 -31.91
CA PRO C 382 -6.76 -48.03 -32.75
C PRO C 382 -7.32 -49.39 -33.11
N ASP C 383 -6.87 -49.90 -34.25
CA ASP C 383 -7.11 -51.30 -34.56
C ASP C 383 -6.24 -52.15 -33.63
N SER C 384 -6.88 -52.97 -32.80
CA SER C 384 -6.12 -53.81 -31.88
C SER C 384 -5.00 -54.54 -32.59
N ASP C 385 -5.19 -54.84 -33.89
CA ASP C 385 -4.33 -55.77 -34.62
C ASP C 385 -2.94 -55.21 -34.92
N LYS C 386 -2.82 -53.95 -35.38
CA LYS C 386 -1.49 -53.46 -35.78
C LYS C 386 -0.59 -53.22 -34.57
N LEU C 387 -1.10 -52.54 -33.55
CA LEU C 387 -0.28 -52.21 -32.38
C LEU C 387 0.32 -53.45 -31.75
N ALA C 388 -0.32 -54.61 -31.94
CA ALA C 388 0.20 -55.84 -31.33
C ALA C 388 1.64 -56.09 -31.75
N ARG C 389 1.98 -55.85 -33.03
CA ARG C 389 3.37 -56.04 -33.47
C ARG C 389 4.28 -54.96 -32.90
N ILE C 390 3.85 -53.70 -32.97
CA ILE C 390 4.59 -52.57 -32.37
C ILE C 390 4.71 -52.77 -30.86
N LEU C 391 3.61 -53.19 -30.22
CA LEU C 391 3.63 -53.41 -28.77
C LEU C 391 4.45 -54.64 -28.42
N ALA C 392 4.37 -55.71 -29.22
CA ALA C 392 5.13 -56.91 -28.93
C ALA C 392 6.61 -56.70 -29.17
N GLU C 393 6.98 -56.10 -30.32
CA GLU C 393 8.40 -55.99 -30.67
C GLU C 393 9.13 -54.88 -29.91
N SER C 394 8.44 -53.99 -29.21
CA SER C 394 9.13 -53.17 -28.22
C SER C 394 9.76 -54.06 -27.14
N ALA C 395 8.93 -54.80 -26.40
CA ALA C 395 9.37 -55.70 -25.35
C ALA C 395 9.06 -57.13 -25.76
N ARG C 396 10.09 -57.90 -26.09
CA ARG C 396 11.47 -57.47 -25.87
C ARG C 396 12.16 -56.87 -27.10
N GLU C 397 12.92 -55.81 -26.81
CA GLU C 397 14.08 -55.30 -27.56
C GLU C 397 14.54 -56.13 -28.76
N ASP C 398 14.14 -55.71 -29.96
CA ASP C 398 14.75 -56.09 -31.25
C ASP C 398 14.75 -54.94 -32.24
N LEU C 399 14.56 -53.55 -31.66
CA LEU C 399 14.35 -52.15 -31.98
C LEU C 399 15.67 -51.48 -32.35
N PRO C 400 15.62 -50.59 -33.35
CA PRO C 400 16.44 -49.39 -33.31
C PRO C 400 15.84 -48.33 -32.39
N GLU C 401 14.55 -48.48 -32.04
CA GLU C 401 13.87 -47.48 -31.22
C GLU C 401 14.15 -47.61 -29.72
N ARG C 402 14.21 -48.83 -29.17
CA ARG C 402 14.42 -48.97 -27.73
C ARG C 402 15.85 -48.60 -27.35
N VAL C 403 16.83 -49.05 -28.14
CA VAL C 403 18.21 -48.73 -27.80
C VAL C 403 18.49 -47.23 -28.00
N THR C 404 17.91 -46.61 -29.04
CA THR C 404 18.13 -45.17 -29.22
C THR C 404 17.69 -44.40 -28.01
N LEU C 405 16.68 -44.92 -27.31
CA LEU C 405 16.30 -44.31 -26.05
C LEU C 405 17.33 -44.62 -24.97
N MET C 406 17.81 -45.86 -24.88
CA MET C 406 18.92 -46.15 -23.97
C MET C 406 20.12 -45.30 -24.31
N LYS C 407 20.28 -44.97 -25.60
CA LYS C 407 21.26 -43.98 -26.01
C LYS C 407 20.97 -42.64 -25.37
N LEU C 408 19.70 -42.23 -25.38
CA LEU C 408 19.33 -40.97 -24.73
C LEU C 408 19.60 -41.02 -23.23
N ARG C 409 19.25 -42.14 -22.57
CA ARG C 409 19.52 -42.28 -21.13
C ARG C 409 20.97 -42.00 -20.77
N GLU C 410 21.92 -42.51 -21.55
CA GLU C 410 23.32 -42.18 -21.31
C GLU C 410 23.53 -40.67 -21.47
N LYS C 411 23.02 -40.10 -22.56
CA LYS C 411 23.15 -38.66 -22.77
C LYS C 411 22.39 -37.88 -21.70
N ALA C 412 21.23 -38.39 -21.29
CA ALA C 412 20.46 -37.62 -20.32
C ALA C 412 21.05 -37.74 -18.91
N MET C 413 21.26 -38.97 -18.43
CA MET C 413 21.69 -39.13 -17.04
C MET C 413 23.12 -38.66 -16.81
N GLU C 414 23.94 -38.49 -17.86
CA GLU C 414 25.32 -38.06 -17.65
C GLU C 414 25.45 -36.56 -17.46
N ALA C 415 24.50 -35.77 -17.94
CA ALA C 415 24.55 -34.35 -17.65
C ALA C 415 24.01 -34.04 -16.25
N ILE C 416 23.57 -35.06 -15.51
CA ILE C 416 23.19 -34.92 -14.10
C ILE C 416 24.26 -35.44 -13.14
N LYS C 417 25.27 -36.13 -13.64
CA LYS C 417 26.43 -36.38 -12.81
C LYS C 417 27.18 -35.06 -12.59
N GLU C 418 28.08 -35.02 -11.60
CA GLU C 418 28.84 -33.81 -11.34
C GLU C 418 29.54 -33.31 -12.60
N GLY C 419 29.45 -31.99 -12.82
CA GLY C 419 29.98 -31.33 -14.00
C GLY C 419 29.10 -31.35 -15.23
N GLY C 420 27.98 -32.06 -15.20
CA GLY C 420 27.10 -32.12 -16.35
C GLY C 420 26.50 -30.76 -16.70
N SER C 421 25.87 -30.72 -17.88
CA SER C 421 25.29 -29.48 -18.38
C SER C 421 24.22 -28.95 -17.44
N SER C 422 23.34 -29.84 -16.96
CA SER C 422 22.33 -29.38 -16.04
C SER C 422 22.89 -29.22 -14.63
N TYR C 423 23.77 -30.14 -14.20
CA TYR C 423 24.32 -30.09 -12.85
C TYR C 423 24.99 -28.76 -12.56
N LYS C 424 25.92 -28.34 -13.42
CA LYS C 424 26.49 -27.01 -13.26
C LYS C 424 25.44 -25.92 -13.48
N ASN C 425 24.45 -26.18 -14.33
CA ASN C 425 23.42 -25.16 -14.51
C ASN C 425 22.70 -24.82 -13.20
N LEU C 426 22.60 -25.77 -12.25
CA LEU C 426 21.99 -25.44 -10.96
C LEU C 426 22.91 -24.49 -10.16
N ASP C 427 24.21 -24.81 -10.10
CA ASP C 427 25.20 -23.93 -9.46
C ASP C 427 25.19 -22.54 -10.08
N GLU C 428 25.30 -22.49 -11.41
CA GLU C 428 25.25 -21.21 -12.14
C GLU C 428 23.97 -20.43 -11.84
N LEU C 429 22.85 -21.14 -11.69
CA LEU C 429 21.57 -20.47 -11.48
C LEU C 429 21.51 -19.84 -10.09
N VAL C 430 21.91 -20.61 -9.07
CA VAL C 430 21.96 -20.09 -7.71
C VAL C 430 22.75 -18.79 -7.67
N ALA C 431 23.79 -18.68 -8.50
CA ALA C 431 24.65 -17.51 -8.58
C ALA C 431 23.88 -16.27 -9.01
N GLU C 432 23.42 -16.23 -10.27
CA GLU C 432 22.81 -15.02 -10.81
C GLU C 432 21.62 -14.55 -9.99
N MET C 433 21.00 -15.45 -9.21
CA MET C 433 19.91 -15.09 -8.30
C MET C 433 20.35 -14.08 -7.26
N CYS C 434 21.63 -14.04 -6.99
CA CYS C 434 22.19 -13.35 -5.84
C CYS C 434 22.52 -11.89 -6.17
N LEU C 435 21.52 -11.17 -6.71
CA LEU C 435 21.67 -9.82 -7.22
C LEU C 435 22.78 -9.73 -8.28
N THR D 6 -38.90 40.49 -9.74
CA THR D 6 -38.63 41.92 -9.59
C THR D 6 -37.41 42.16 -8.69
N LYS D 7 -37.17 41.26 -7.72
CA LYS D 7 -36.18 41.50 -6.67
C LYS D 7 -34.85 40.88 -7.09
N LYS D 8 -33.81 41.70 -7.13
CA LYS D 8 -32.44 41.37 -7.49
C LYS D 8 -31.52 41.72 -6.31
N PRO D 9 -30.29 41.18 -6.25
CA PRO D 9 -29.51 41.29 -5.02
C PRO D 9 -28.59 42.51 -5.01
N HIS D 10 -28.16 42.89 -3.78
CA HIS D 10 -27.13 43.89 -3.52
C HIS D 10 -25.83 43.16 -3.14
N VAL D 11 -24.78 43.28 -3.93
CA VAL D 11 -23.54 42.53 -3.69
C VAL D 11 -22.38 43.45 -3.34
N LEU D 12 -21.51 42.97 -2.45
CA LEU D 12 -20.29 43.66 -2.05
C LEU D 12 -19.09 43.09 -2.82
N VAL D 13 -18.62 43.82 -3.84
CA VAL D 13 -17.50 43.38 -4.66
C VAL D 13 -16.21 43.79 -3.99
N ILE D 14 -15.30 42.84 -3.82
CA ILE D 14 -13.98 43.08 -3.23
C ILE D 14 -12.93 42.47 -4.15
N PRO D 15 -12.38 43.22 -5.09
CA PRO D 15 -11.39 42.65 -6.00
C PRO D 15 -10.03 42.52 -5.32
N PHE D 16 -9.19 41.70 -5.92
CA PHE D 16 -7.84 41.67 -5.42
C PHE D 16 -7.00 42.72 -6.15
N PRO D 17 -6.10 43.47 -5.43
CA PRO D 17 -5.29 44.49 -6.12
C PRO D 17 -4.23 43.90 -7.04
N GLN D 18 -4.63 43.45 -8.22
CA GLN D 18 -3.69 43.00 -9.26
C GLN D 18 -4.49 42.94 -10.54
N SER D 19 -3.94 43.53 -11.60
CA SER D 19 -4.73 43.68 -12.82
C SER D 19 -5.37 42.35 -13.26
N GLY D 20 -4.63 41.24 -13.17
CA GLY D 20 -5.14 39.98 -13.67
C GLY D 20 -6.45 39.58 -13.06
N HIS D 21 -6.63 39.87 -11.77
CA HIS D 21 -7.87 39.64 -11.01
C HIS D 21 -8.81 40.84 -11.11
N MET D 22 -8.30 42.05 -10.84
CA MET D 22 -9.22 43.18 -10.72
C MET D 22 -9.97 43.45 -12.01
N VAL D 23 -9.29 43.37 -13.16
CA VAL D 23 -9.94 43.74 -14.43
C VAL D 23 -11.13 42.85 -14.73
N PRO D 24 -11.02 41.52 -14.72
CA PRO D 24 -12.22 40.71 -14.93
C PRO D 24 -13.22 40.85 -13.81
N HIS D 25 -12.76 41.07 -12.58
CA HIS D 25 -13.69 41.19 -11.48
C HIS D 25 -14.59 42.40 -11.66
N LEU D 26 -14.05 43.45 -12.27
CA LEU D 26 -14.82 44.64 -12.56
C LEU D 26 -15.68 44.47 -13.78
N ASP D 27 -15.15 43.86 -14.85
CA ASP D 27 -16.01 43.51 -15.99
C ASP D 27 -17.14 42.59 -15.54
N LEU D 28 -16.84 41.60 -14.69
CA LEU D 28 -17.87 40.76 -14.08
C LEU D 28 -18.89 41.59 -13.33
N THR D 29 -18.43 42.64 -12.65
CA THR D 29 -19.34 43.57 -12.00
C THR D 29 -20.26 44.26 -13.01
N HIS D 30 -19.66 44.82 -14.06
CA HIS D 30 -20.44 45.51 -15.08
C HIS D 30 -21.52 44.61 -15.70
N GLN D 31 -21.27 43.31 -15.74
CA GLN D 31 -22.23 42.39 -16.31
C GLN D 31 -23.45 42.26 -15.42
N ILE D 32 -23.24 41.98 -14.13
CA ILE D 32 -24.35 41.77 -13.21
C ILE D 32 -25.04 43.07 -12.89
N LEU D 33 -24.31 44.18 -13.00
CA LEU D 33 -24.97 45.47 -12.79
C LEU D 33 -25.99 45.72 -13.90
N LEU D 34 -25.66 45.33 -15.14
CA LEU D 34 -26.57 45.49 -16.29
C LEU D 34 -27.75 44.54 -16.19
N ARG D 35 -27.56 43.36 -15.60
CA ARG D 35 -28.68 42.49 -15.21
C ARG D 35 -29.37 42.99 -13.94
N GLY D 36 -29.47 44.32 -13.79
CA GLY D 36 -30.30 44.98 -12.79
C GLY D 36 -29.89 44.83 -11.34
N ALA D 37 -28.61 44.61 -11.08
CA ALA D 37 -28.19 44.53 -9.69
C ALA D 37 -27.78 45.91 -9.20
N THR D 38 -27.46 45.97 -7.91
CA THR D 38 -26.84 47.14 -7.28
C THR D 38 -25.66 46.64 -6.46
N VAL D 39 -24.50 47.23 -6.70
CA VAL D 39 -23.26 46.70 -6.14
C VAL D 39 -22.54 47.79 -5.35
N THR D 40 -21.87 47.39 -4.28
CA THR D 40 -20.94 48.25 -3.57
C THR D 40 -19.55 47.63 -3.67
N VAL D 41 -18.62 48.39 -4.25
CA VAL D 41 -17.25 47.94 -4.47
C VAL D 41 -16.34 48.54 -3.41
N LEU D 42 -15.54 47.67 -2.79
CA LEU D 42 -14.57 48.00 -1.75
C LEU D 42 -13.16 48.06 -2.34
N VAL D 43 -12.57 49.26 -2.39
CA VAL D 43 -11.21 49.48 -2.88
C VAL D 43 -10.50 50.35 -1.88
N THR D 44 -9.22 50.26 -1.90
CA THR D 44 -8.40 51.18 -1.11
C THR D 44 -8.08 52.40 -1.96
N PRO D 45 -7.63 53.51 -1.35
CA PRO D 45 -7.59 54.79 -2.10
C PRO D 45 -6.82 54.74 -3.42
N LYS D 46 -5.65 54.11 -3.46
CA LYS D 46 -4.90 54.14 -4.70
C LYS D 46 -5.59 53.34 -5.79
N ASN D 47 -6.58 52.54 -5.43
CA ASN D 47 -7.29 51.67 -6.35
C ASN D 47 -8.66 52.22 -6.71
N SER D 48 -8.94 53.46 -6.34
CA SER D 48 -10.24 54.02 -6.65
C SER D 48 -10.31 54.52 -8.08
N SER D 49 -9.16 54.69 -8.72
CA SER D 49 -9.12 55.05 -10.14
C SER D 49 -9.77 53.97 -11.00
N TYR D 50 -9.55 52.71 -10.66
CA TYR D 50 -10.07 51.64 -11.49
C TYR D 50 -11.58 51.59 -11.43
N LEU D 51 -12.18 52.26 -10.45
CA LEU D 51 -13.63 52.36 -10.43
C LEU D 51 -14.15 53.55 -11.24
N ASP D 52 -13.27 54.47 -11.64
CA ASP D 52 -13.71 55.64 -12.37
C ASP D 52 -14.51 55.25 -13.60
N ALA D 53 -13.92 54.45 -14.49
CA ALA D 53 -14.59 54.11 -15.74
C ALA D 53 -15.93 53.46 -15.50
N LEU D 54 -15.98 52.57 -14.53
CA LEU D 54 -17.23 51.89 -14.23
C LEU D 54 -18.28 52.86 -13.71
N ARG D 55 -17.85 53.94 -13.05
CA ARG D 55 -18.81 54.90 -12.50
C ARG D 55 -19.57 55.60 -13.59
N SER D 56 -18.87 55.99 -14.65
CA SER D 56 -19.55 56.66 -15.74
C SER D 56 -20.56 55.75 -16.42
N LEU D 57 -20.62 54.48 -16.03
CA LEU D 57 -21.53 53.55 -16.69
C LEU D 57 -22.62 53.04 -15.78
N HIS D 58 -22.82 53.64 -14.61
CA HIS D 58 -23.95 53.28 -13.75
C HIS D 58 -24.35 54.47 -12.89
N SER D 59 -25.57 54.38 -12.38
CA SER D 59 -26.09 55.40 -11.48
C SER D 59 -25.42 55.32 -10.11
N PRO D 60 -25.30 56.46 -9.43
CA PRO D 60 -24.94 56.46 -8.00
C PRO D 60 -25.97 55.77 -7.12
N GLU D 61 -27.07 55.35 -7.73
CA GLU D 61 -28.04 54.54 -7.01
C GLU D 61 -27.84 53.06 -7.27
N HIS D 62 -27.04 52.71 -8.29
CA HIS D 62 -26.70 51.34 -8.60
C HIS D 62 -25.25 50.97 -8.30
N PHE D 63 -24.36 51.95 -8.28
CA PHE D 63 -22.92 51.76 -8.07
C PHE D 63 -22.47 52.61 -6.89
N LYS D 64 -22.02 51.99 -5.82
CA LYS D 64 -21.53 52.74 -4.68
C LYS D 64 -20.07 52.34 -4.45
N THR D 65 -19.32 53.21 -3.80
CA THR D 65 -17.91 53.00 -3.54
C THR D 65 -17.70 53.02 -2.04
N LEU D 66 -17.21 51.93 -1.49
CA LEU D 66 -16.68 52.00 -0.14
C LEU D 66 -15.17 52.05 -0.23
N ILE D 67 -14.57 53.03 0.47
CA ILE D 67 -13.12 53.22 0.45
C ILE D 67 -12.59 53.10 1.86
N LEU D 68 -11.66 52.18 2.06
CA LEU D 68 -11.02 51.91 3.32
C LEU D 68 -9.52 52.13 3.14
N PRO D 69 -8.81 52.62 4.14
CA PRO D 69 -7.38 52.78 3.97
C PRO D 69 -6.67 51.44 3.90
N PHE D 70 -5.60 51.40 3.11
CA PHE D 70 -4.74 50.22 3.00
C PHE D 70 -3.96 49.99 4.31
N PRO D 71 -4.25 48.94 5.06
CA PRO D 71 -3.47 48.69 6.28
C PRO D 71 -2.00 48.52 5.97
N SER D 72 -1.16 49.33 6.60
CA SER D 72 0.25 49.26 6.31
C SER D 72 0.84 47.99 6.88
N HIS D 73 1.80 47.45 6.15
CA HIS D 73 2.50 46.24 6.50
C HIS D 73 3.98 46.59 6.36
N PRO D 74 4.82 46.08 7.25
CA PRO D 74 6.23 46.49 7.22
C PRO D 74 6.91 46.14 5.91
N CYS D 75 6.56 45.01 5.31
CA CYS D 75 7.29 44.56 4.14
C CYS D 75 6.80 45.22 2.86
N ILE D 76 5.73 46.00 2.92
CA ILE D 76 5.13 46.58 1.72
C ILE D 76 5.56 48.05 1.66
N PRO D 77 6.14 48.50 0.56
CA PRO D 77 6.55 49.90 0.43
C PRO D 77 5.40 50.86 0.68
N SER D 78 5.69 51.92 1.42
CA SER D 78 4.65 52.91 1.67
C SER D 78 4.09 53.34 0.34
N GLY D 79 2.79 53.64 0.33
CA GLY D 79 2.10 54.10 -0.86
C GLY D 79 1.84 53.04 -1.91
N VAL D 80 2.15 51.78 -1.63
CA VAL D 80 1.83 50.70 -2.55
C VAL D 80 0.62 49.93 -2.01
N GLU D 81 -0.39 49.75 -2.88
CA GLU D 81 -1.61 49.00 -2.56
C GLU D 81 -2.01 48.04 -3.66
N SER D 82 -1.12 47.76 -4.60
CA SER D 82 -1.45 46.84 -5.69
C SER D 82 -0.28 45.92 -5.88
N LEU D 83 -0.58 44.65 -6.01
CA LEU D 83 0.47 43.68 -6.18
C LEU D 83 1.09 43.74 -7.56
N GLN D 84 0.46 44.41 -8.50
CA GLN D 84 1.13 44.44 -9.79
C GLN D 84 2.49 45.14 -9.74
N GLN D 85 2.69 46.03 -8.78
CA GLN D 85 3.96 46.75 -8.66
C GLN D 85 5.02 45.97 -7.87
N LEU D 86 4.73 44.73 -7.49
CA LEU D 86 5.60 44.15 -6.48
C LEU D 86 6.11 42.80 -6.97
N PRO D 87 7.26 42.35 -6.48
CA PRO D 87 7.68 40.99 -6.83
C PRO D 87 6.69 39.99 -6.24
N LEU D 88 6.24 39.04 -7.06
CA LEU D 88 5.20 38.13 -6.61
C LEU D 88 5.55 37.47 -5.28
N GLU D 89 6.84 37.40 -4.92
CA GLU D 89 7.23 36.80 -3.65
C GLU D 89 6.74 37.63 -2.47
N ALA D 90 6.38 38.89 -2.71
CA ALA D 90 5.76 39.74 -1.72
C ALA D 90 4.29 39.44 -1.53
N ILE D 91 3.69 38.60 -2.37
CA ILE D 91 2.24 38.43 -2.32
C ILE D 91 1.78 38.07 -0.93
N VAL D 92 2.64 37.40 -0.15
CA VAL D 92 2.21 36.92 1.15
C VAL D 92 2.00 38.08 2.11
N HIS D 93 2.74 39.18 1.90
CA HIS D 93 2.51 40.37 2.71
C HIS D 93 1.24 41.10 2.26
N MET D 94 0.96 41.10 0.96
CA MET D 94 -0.30 41.64 0.48
C MET D 94 -1.48 40.85 1.02
N PHE D 95 -1.37 39.52 1.06
CA PHE D 95 -2.36 38.69 1.74
C PHE D 95 -2.59 39.16 3.18
N ASP D 96 -1.48 39.38 3.89
CA ASP D 96 -1.48 39.73 5.30
C ASP D 96 -2.22 41.04 5.56
N ALA D 97 -1.78 42.12 4.91
CA ALA D 97 -2.35 43.44 5.16
C ALA D 97 -3.83 43.46 4.84
N LEU D 98 -4.19 43.06 3.62
CA LEU D 98 -5.58 43.14 3.18
C LEU D 98 -6.52 42.40 4.14
N SER D 99 -6.00 41.38 4.85
CA SER D 99 -6.79 40.68 5.84
C SER D 99 -7.16 41.57 7.03
N ARG D 100 -6.46 42.68 7.23
CA ARG D 100 -6.82 43.64 8.26
C ARG D 100 -7.92 44.60 7.82
N LEU D 101 -8.44 44.43 6.60
CA LEU D 101 -9.69 45.04 6.20
C LEU D 101 -10.89 44.41 6.88
N HIS D 102 -10.69 43.34 7.65
CA HIS D 102 -11.77 42.61 8.32
C HIS D 102 -12.58 43.52 9.26
N ASP D 103 -11.91 44.13 10.23
CA ASP D 103 -12.61 45.03 11.16
C ASP D 103 -13.30 46.21 10.48
N PRO D 104 -12.66 46.96 9.56
CA PRO D 104 -13.35 48.11 8.94
C PRO D 104 -14.64 47.75 8.23
N LEU D 105 -14.64 46.61 7.52
CA LEU D 105 -15.82 46.13 6.80
C LEU D 105 -16.94 45.79 7.76
N VAL D 106 -16.62 45.07 8.83
CA VAL D 106 -17.66 44.68 9.77
C VAL D 106 -18.33 45.91 10.36
N ASP D 107 -17.54 46.94 10.65
CA ASP D 107 -18.12 48.16 11.19
C ASP D 107 -19.05 48.83 10.16
N PHE D 108 -18.59 48.94 8.91
CA PHE D 108 -19.42 49.51 7.86
C PHE D 108 -20.73 48.74 7.74
N LEU D 109 -20.65 47.41 7.79
CA LEU D 109 -21.85 46.58 7.66
C LEU D 109 -22.76 46.75 8.87
N SER D 110 -22.17 46.85 10.06
CA SER D 110 -22.96 46.91 11.28
C SER D 110 -23.84 48.15 11.33
N ARG D 111 -23.27 49.29 10.97
CA ARG D 111 -23.96 50.56 10.92
C ARG D 111 -24.77 50.71 9.65
N GLN D 112 -25.06 49.61 9.01
CA GLN D 112 -25.83 49.75 7.80
C GLN D 112 -27.32 49.48 8.09
N PRO D 113 -27.71 48.21 8.38
CA PRO D 113 -28.79 47.52 7.62
C PRO D 113 -30.17 48.20 7.44
N PRO D 114 -30.31 49.10 6.45
CA PRO D 114 -31.65 49.66 6.19
C PRO D 114 -32.74 48.65 5.75
N SER D 115 -32.45 47.51 5.10
CA SER D 115 -31.19 47.12 4.48
C SER D 115 -30.91 47.73 3.12
N ASP D 116 -29.85 48.55 3.05
CA ASP D 116 -28.91 48.48 1.95
C ASP D 116 -27.93 47.33 2.12
N LEU D 117 -28.06 46.55 3.19
CA LEU D 117 -27.07 45.53 3.50
C LEU D 117 -26.95 44.52 2.35
N PRO D 118 -25.74 44.09 2.00
CA PRO D 118 -25.60 43.17 0.86
C PRO D 118 -26.19 41.81 1.17
N ASP D 119 -26.65 41.16 0.10
CA ASP D 119 -27.07 39.77 0.17
C ASP D 119 -25.87 38.83 0.07
N ALA D 120 -24.93 39.16 -0.79
CA ALA D 120 -23.78 38.30 -1.00
C ALA D 120 -22.56 39.17 -1.19
N ILE D 121 -21.39 38.58 -0.93
CA ILE D 121 -20.10 39.22 -1.16
C ILE D 121 -19.49 38.56 -2.38
N LEU D 122 -19.19 39.33 -3.40
CA LEU D 122 -18.50 38.78 -4.57
C LEU D 122 -17.04 39.24 -4.49
N GLY D 123 -16.25 38.53 -3.69
CA GLY D 123 -14.88 38.91 -3.45
C GLY D 123 -13.89 37.98 -4.11
N SER D 124 -12.64 38.39 -4.25
CA SER D 124 -11.67 37.51 -4.88
C SER D 124 -11.46 36.30 -3.98
N SER D 125 -11.46 35.13 -4.61
CA SER D 125 -11.09 33.89 -3.92
C SER D 125 -9.81 34.04 -3.10
N PHE D 126 -8.93 34.97 -3.48
CA PHE D 126 -7.72 35.14 -2.68
C PHE D 126 -8.03 35.75 -1.33
N LEU D 127 -9.12 36.51 -1.25
CA LEU D 127 -9.56 37.24 -0.06
C LEU D 127 -10.59 36.49 0.78
N SER D 128 -10.83 35.20 0.48
CA SER D 128 -11.88 34.40 1.10
C SER D 128 -11.67 34.08 2.59
N PRO D 129 -10.41 33.86 3.10
CA PRO D 129 -10.26 33.68 4.55
C PRO D 129 -11.05 34.69 5.38
N TRP D 130 -10.82 35.99 5.26
CA TRP D 130 -11.56 36.94 6.08
C TRP D 130 -12.89 37.37 5.47
N ILE D 131 -12.99 37.42 4.14
CA ILE D 131 -14.28 37.72 3.52
C ILE D 131 -15.31 36.70 3.91
N ASN D 132 -14.90 35.43 4.10
CA ASN D 132 -15.81 34.40 4.59
C ASN D 132 -16.30 34.68 6.02
N LYS D 133 -15.38 35.02 6.92
CA LYS D 133 -15.76 35.23 8.30
C LYS D 133 -16.75 36.38 8.40
N VAL D 134 -16.57 37.43 7.59
CA VAL D 134 -17.47 38.56 7.62
C VAL D 134 -18.85 38.19 7.09
N ALA D 135 -18.91 37.33 6.06
CA ALA D 135 -20.21 36.94 5.48
C ALA D 135 -20.99 36.04 6.42
N ASP D 136 -20.27 35.13 7.10
CA ASP D 136 -20.89 34.21 8.04
C ASP D 136 -21.54 34.99 9.17
N ALA D 137 -20.78 35.95 9.74
CA ALA D 137 -21.21 36.77 10.86
C ALA D 137 -22.35 37.72 10.50
N PHE D 138 -22.82 37.74 9.25
CA PHE D 138 -23.93 38.58 8.82
C PHE D 138 -24.98 37.84 7.98
N SER D 139 -24.93 36.49 7.91
CA SER D 139 -25.83 35.70 7.05
C SER D 139 -25.71 36.10 5.58
N ILE D 140 -24.47 36.16 5.09
CA ILE D 140 -24.16 36.65 3.75
C ILE D 140 -23.52 35.55 2.93
N LYS D 141 -23.96 35.43 1.69
CA LYS D 141 -23.35 34.46 0.79
C LYS D 141 -21.95 34.96 0.47
N SER D 142 -20.97 34.06 0.54
CA SER D 142 -19.57 34.42 0.27
C SER D 142 -19.16 33.75 -1.04
N ILE D 143 -19.50 34.40 -2.15
CA ILE D 143 -19.10 33.88 -3.46
C ILE D 143 -17.67 34.31 -3.78
N SER D 144 -16.87 33.37 -4.32
CA SER D 144 -15.46 33.55 -4.60
C SER D 144 -15.27 33.84 -6.09
N PHE D 145 -14.29 34.69 -6.44
CA PHE D 145 -13.99 34.95 -7.84
C PHE D 145 -12.54 34.62 -8.17
N LEU D 146 -12.32 34.05 -9.35
CA LEU D 146 -10.98 33.73 -9.81
C LEU D 146 -10.83 34.12 -11.28
N PRO D 147 -9.69 34.71 -11.65
CA PRO D 147 -9.41 34.94 -13.08
C PRO D 147 -8.72 33.78 -13.79
N ILE D 148 -8.23 32.78 -13.05
CA ILE D 148 -7.61 31.61 -13.65
C ILE D 148 -8.72 30.64 -14.03
N ASN D 149 -8.38 29.53 -14.70
CA ASN D 149 -9.36 28.64 -15.30
C ASN D 149 -9.61 27.41 -14.46
N ALA D 150 -10.58 26.61 -14.91
CA ALA D 150 -10.97 25.39 -14.19
C ALA D 150 -9.82 24.41 -14.12
N HIS D 151 -9.02 24.34 -15.17
CA HIS D 151 -7.84 23.49 -15.15
C HIS D 151 -6.89 23.89 -14.02
N SER D 152 -6.46 25.16 -14.01
CA SER D 152 -5.47 25.63 -13.04
C SER D 152 -5.87 25.28 -11.61
N ILE D 153 -7.15 25.45 -11.29
CA ILE D 153 -7.62 25.27 -9.92
C ILE D 153 -7.33 23.84 -9.44
N SER D 154 -7.62 22.86 -10.30
CA SER D 154 -7.48 21.44 -9.99
C SER D 154 -6.02 21.04 -9.76
N VAL D 155 -5.12 21.45 -10.67
CA VAL D 155 -3.70 21.09 -10.51
C VAL D 155 -3.13 21.75 -9.26
N MET D 156 -3.55 22.97 -8.96
CA MET D 156 -2.92 23.77 -7.92
C MET D 156 -3.43 23.37 -6.54
N TRP D 157 -4.71 23.02 -6.43
CA TRP D 157 -5.28 22.58 -5.15
C TRP D 157 -4.73 21.23 -4.71
N ALA D 158 -4.30 20.40 -5.67
CA ALA D 158 -4.00 19.02 -5.37
C ALA D 158 -2.61 18.80 -4.79
N GLN D 159 -1.73 19.80 -4.86
CA GLN D 159 -0.39 19.68 -4.30
C GLN D 159 -0.41 19.25 -2.82
N GLU D 160 0.69 18.61 -2.39
CA GLU D 160 0.90 18.28 -0.99
C GLU D 160 1.38 19.49 -0.20
N ASP D 161 2.36 20.21 -0.76
CA ASP D 161 2.92 21.42 -0.16
C ASP D 161 2.27 22.60 -0.87
N ARG D 162 1.21 23.15 -0.25
CA ARG D 162 0.35 24.16 -0.86
C ARG D 162 0.65 25.59 -0.41
N SER D 163 1.23 25.75 0.77
CA SER D 163 1.37 27.09 1.32
C SER D 163 2.37 27.85 0.45
N PHE D 164 2.19 29.18 0.37
CA PHE D 164 1.31 30.02 1.19
C PHE D 164 -0.11 30.21 0.69
N PHE D 165 -0.45 29.55 -0.41
CA PHE D 165 -1.79 29.62 -0.92
C PHE D 165 -2.75 28.74 -0.14
N ASN D 166 -2.24 27.94 0.79
CA ASN D 166 -3.05 26.92 1.43
C ASN D 166 -4.32 27.53 2.03
N ASP D 167 -4.15 28.49 2.95
CA ASP D 167 -5.28 28.96 3.76
C ASP D 167 -6.38 29.61 2.91
N LEU D 168 -6.00 30.40 1.89
CA LEU D 168 -7.01 30.91 0.98
C LEU D 168 -7.58 29.80 0.11
N GLU D 169 -6.77 28.76 -0.16
CA GLU D 169 -7.27 27.63 -0.92
C GLU D 169 -8.32 26.85 -0.12
N THR D 170 -8.04 26.60 1.17
CA THR D 170 -9.01 25.83 1.97
C THR D 170 -10.26 26.64 2.26
N ALA D 171 -10.13 27.96 2.44
CA ALA D 171 -11.32 28.77 2.68
C ALA D 171 -12.17 28.87 1.42
N THR D 172 -11.54 28.83 0.25
CA THR D 172 -12.30 28.90 -0.99
C THR D 172 -13.11 27.64 -1.18
N THR D 173 -12.57 26.51 -0.76
CA THR D 173 -13.34 25.27 -0.80
C THR D 173 -14.55 25.34 0.13
N GLU D 174 -14.35 25.84 1.39
CA GLU D 174 -15.42 26.09 2.35
C GLU D 174 -16.32 27.25 1.98
N SER D 175 -16.24 27.83 0.78
CA SER D 175 -17.06 28.98 0.44
C SER D 175 -18.43 28.55 -0.09
N TYR D 176 -19.28 29.55 -0.34
CA TYR D 176 -20.60 29.28 -0.88
C TYR D 176 -20.52 28.80 -2.34
N GLY D 177 -19.97 29.63 -3.22
CA GLY D 177 -19.83 29.26 -4.61
C GLY D 177 -18.55 29.86 -5.17
N LEU D 178 -18.26 29.53 -6.44
CA LEU D 178 -17.10 30.04 -7.15
C LEU D 178 -17.49 30.53 -8.54
N VAL D 179 -16.99 31.71 -8.91
CA VAL D 179 -17.13 32.24 -10.26
C VAL D 179 -15.75 32.27 -10.89
N ILE D 180 -15.61 31.71 -12.08
CA ILE D 180 -14.32 31.71 -12.76
C ILE D 180 -14.49 32.25 -14.17
N ASN D 181 -13.38 32.76 -14.70
CA ASN D 181 -13.35 33.44 -16.00
C ASN D 181 -12.78 32.50 -17.06
N SER D 182 -13.49 31.39 -17.24
CA SER D 182 -13.30 30.51 -18.37
C SER D 182 -14.68 30.00 -18.75
N PHE D 183 -14.76 29.09 -19.72
CA PHE D 183 -16.07 28.55 -20.04
C PHE D 183 -16.06 27.05 -19.77
N TYR D 184 -17.28 26.51 -19.59
CA TYR D 184 -17.44 25.08 -19.33
C TYR D 184 -16.99 24.27 -20.54
N ASP D 185 -17.48 24.64 -21.71
CA ASP D 185 -17.15 23.90 -22.92
C ASP D 185 -15.64 23.77 -23.11
N LEU D 186 -14.85 24.73 -22.64
CA LEU D 186 -13.41 24.66 -22.87
C LEU D 186 -12.84 23.37 -22.33
N GLU D 187 -13.11 23.05 -21.06
CA GLU D 187 -12.71 21.74 -20.53
C GLU D 187 -13.57 21.40 -19.32
N PRO D 188 -14.71 20.75 -19.55
CA PRO D 188 -15.58 20.34 -18.44
C PRO D 188 -14.93 19.28 -17.58
N GLU D 189 -14.04 18.47 -18.18
CA GLU D 189 -13.36 17.40 -17.44
C GLU D 189 -12.84 17.92 -16.10
N PHE D 190 -12.32 19.14 -16.08
CA PHE D 190 -11.78 19.70 -14.84
C PHE D 190 -12.80 20.52 -14.09
N VAL D 191 -13.78 21.12 -14.79
CA VAL D 191 -14.79 21.93 -14.12
C VAL D 191 -15.54 21.11 -13.07
N GLU D 192 -16.02 19.93 -13.45
CA GLU D 192 -16.71 19.09 -12.49
C GLU D 192 -15.73 18.55 -11.45
N THR D 193 -14.51 18.18 -11.88
CA THR D 193 -13.49 17.66 -10.98
C THR D 193 -13.16 18.65 -9.89
N VAL D 194 -13.20 19.94 -10.20
CA VAL D 194 -13.12 20.94 -9.16
C VAL D 194 -14.42 21.01 -8.39
N LYS D 195 -15.55 20.89 -9.11
CA LYS D 195 -16.88 21.05 -8.52
C LYS D 195 -17.24 19.91 -7.58
N THR D 196 -16.71 18.70 -7.80
CA THR D 196 -17.05 17.60 -6.89
C THR D 196 -16.01 17.37 -5.81
N ARG D 197 -14.73 17.43 -6.14
CA ARG D 197 -13.70 17.19 -5.13
C ARG D 197 -13.30 18.46 -4.39
N PHE D 198 -13.38 19.62 -5.03
CA PHE D 198 -12.73 20.82 -4.51
C PHE D 198 -13.68 22.00 -4.24
N LEU D 199 -14.99 21.76 -4.07
CA LEU D 199 -15.94 22.78 -3.59
C LEU D 199 -16.83 22.11 -2.55
N ASN D 200 -16.60 22.40 -1.26
CA ASN D 200 -17.33 21.69 -0.22
C ASN D 200 -18.84 21.74 -0.44
N HIS D 201 -19.34 22.78 -1.10
CA HIS D 201 -20.77 22.88 -1.39
C HIS D 201 -21.06 22.73 -2.88
N HIS D 202 -20.05 22.44 -3.70
CA HIS D 202 -20.22 21.92 -5.06
C HIS D 202 -21.05 22.81 -5.98
N ARG D 203 -20.94 24.13 -5.83
CA ARG D 203 -21.61 25.08 -6.71
C ARG D 203 -20.55 25.98 -7.35
N ILE D 204 -20.54 26.04 -8.68
CA ILE D 204 -19.54 26.81 -9.42
C ILE D 204 -20.20 27.41 -10.67
N TRP D 205 -19.69 28.56 -11.09
CA TRP D 205 -20.15 29.25 -12.29
C TRP D 205 -19.01 29.44 -13.27
N THR D 206 -19.27 29.20 -14.55
CA THR D 206 -18.37 29.58 -15.64
C THR D 206 -18.97 30.79 -16.34
N VAL D 207 -18.26 31.91 -16.29
CA VAL D 207 -18.82 33.15 -16.80
C VAL D 207 -18.00 33.77 -17.91
N GLY D 208 -16.90 33.13 -18.31
CA GLY D 208 -15.97 33.72 -19.25
C GLY D 208 -16.27 33.31 -20.67
N PRO D 209 -15.63 33.98 -21.63
CA PRO D 209 -14.69 35.09 -21.45
C PRO D 209 -15.33 36.42 -21.06
N LEU D 210 -14.85 36.98 -19.96
CA LEU D 210 -15.23 38.32 -19.54
C LEU D 210 -14.44 39.33 -20.38
N LEU D 211 -15.10 40.02 -21.30
CA LEU D 211 -14.48 41.07 -22.09
C LEU D 211 -14.95 42.44 -21.61
N PRO D 212 -14.20 43.51 -21.89
CA PRO D 212 -14.47 44.82 -21.25
C PRO D 212 -15.49 45.68 -21.97
N PHE D 213 -16.13 46.54 -21.18
CA PHE D 213 -17.07 47.57 -21.63
C PHE D 213 -16.38 48.77 -22.26
N LYS D 214 -15.14 48.61 -22.71
CA LYS D 214 -14.37 49.76 -23.19
C LYS D 214 -13.54 49.46 -24.46
N SER D 231 1.44 56.48 -29.62
CA SER D 231 2.00 57.47 -30.54
C SER D 231 1.47 57.31 -31.98
N ALA D 232 1.10 56.08 -32.36
CA ALA D 232 0.57 55.83 -33.69
C ALA D 232 -0.48 54.73 -33.61
N TRP D 233 -1.60 54.96 -34.30
CA TRP D 233 -2.64 53.96 -34.49
C TRP D 233 -2.51 53.55 -35.94
N LEU D 234 -1.71 52.51 -36.16
CA LEU D 234 -1.09 52.27 -37.45
C LEU D 234 -1.99 51.53 -38.44
N ASP D 235 -1.75 51.81 -39.73
CA ASP D 235 -2.43 51.26 -40.91
C ASP D 235 -2.58 49.73 -40.97
N SER D 236 -3.50 49.29 -41.83
CA SER D 236 -3.82 47.88 -42.10
C SER D 236 -3.37 47.48 -43.51
N CYS D 237 -2.18 46.89 -43.62
CA CYS D 237 -1.60 46.72 -44.95
C CYS D 237 -1.19 45.27 -45.18
N PRO D 238 -1.39 44.76 -46.40
CA PRO D 238 -1.29 43.31 -46.63
C PRO D 238 0.14 42.82 -46.48
N GLU D 239 0.28 41.54 -46.11
CA GLU D 239 -0.81 40.56 -46.05
C GLU D 239 -1.59 40.56 -44.74
N ASP D 240 -2.89 40.81 -44.88
CA ASP D 240 -3.78 41.03 -43.74
C ASP D 240 -3.80 39.85 -42.76
N ASN D 241 -4.14 40.17 -41.50
CA ASN D 241 -4.30 39.21 -40.39
C ASN D 241 -3.14 38.23 -40.30
N SER D 242 -1.95 38.68 -40.70
CA SER D 242 -0.76 37.82 -40.75
C SER D 242 0.46 38.59 -40.27
N VAL D 243 0.31 39.39 -39.20
CA VAL D 243 1.46 39.98 -38.53
C VAL D 243 1.35 39.63 -37.04
N VAL D 244 2.49 39.56 -36.36
CA VAL D 244 2.58 38.94 -35.03
C VAL D 244 2.82 40.01 -33.97
N TYR D 245 2.13 39.87 -32.84
CA TYR D 245 2.26 40.83 -31.74
C TYR D 245 2.94 40.15 -30.55
N VAL D 246 3.99 40.80 -30.04
CA VAL D 246 4.86 40.27 -29.00
C VAL D 246 4.79 41.18 -27.78
N GLY D 247 4.52 40.61 -26.62
CA GLY D 247 4.48 41.44 -25.44
C GLY D 247 4.30 40.67 -24.16
N PHE D 248 5.13 40.93 -23.17
CA PHE D 248 4.95 40.26 -21.89
C PHE D 248 4.31 41.20 -20.90
N GLY D 249 3.70 42.27 -21.40
CA GLY D 249 3.10 43.24 -20.53
C GLY D 249 4.16 43.92 -19.69
N SER D 250 3.81 44.18 -18.44
CA SER D 250 4.63 44.90 -17.48
C SER D 250 5.30 43.97 -16.48
N GLN D 251 4.81 42.74 -16.38
CA GLN D 251 5.10 41.82 -15.29
C GLN D 251 6.43 41.10 -15.46
N ILE D 252 7.10 41.26 -16.61
CA ILE D 252 8.31 40.49 -16.92
C ILE D 252 9.42 41.38 -17.45
N ARG D 253 10.65 40.96 -17.15
CA ARG D 253 11.85 41.57 -17.70
C ARG D 253 12.51 40.55 -18.61
N LEU D 254 12.94 41.03 -19.74
CA LEU D 254 13.40 40.18 -20.83
C LEU D 254 14.90 39.90 -20.63
N THR D 255 15.27 38.62 -20.58
CA THR D 255 16.68 38.28 -20.42
C THR D 255 17.48 38.84 -21.59
N ALA D 256 18.75 39.20 -21.33
CA ALA D 256 19.53 39.97 -22.30
C ALA D 256 19.78 39.20 -23.59
N GLU D 257 20.11 37.91 -23.49
CA GLU D 257 20.31 37.11 -24.70
C GLU D 257 18.99 36.98 -25.47
N GLN D 258 17.89 36.77 -24.77
CA GLN D 258 16.63 36.50 -25.44
C GLN D 258 16.09 37.75 -26.10
N THR D 259 16.34 38.92 -25.52
CA THR D 259 16.02 40.17 -26.22
C THR D 259 16.67 40.17 -27.59
N ALA D 260 17.97 39.84 -27.63
CA ALA D 260 18.69 39.70 -28.89
C ALA D 260 18.19 38.53 -29.71
N ALA D 261 17.72 37.47 -29.02
CA ALA D 261 17.18 36.30 -29.72
C ALA D 261 15.87 36.64 -30.43
N LEU D 262 15.04 37.52 -29.84
CA LEU D 262 13.77 37.88 -30.48
C LEU D 262 14.01 38.50 -31.83
N ALA D 263 14.97 39.41 -31.92
CA ALA D 263 15.32 39.96 -33.21
C ALA D 263 15.79 38.85 -34.15
N ALA D 264 16.39 37.79 -33.60
CA ALA D 264 16.89 36.69 -34.41
C ALA D 264 15.77 35.92 -35.14
N ALA D 265 14.67 35.62 -34.45
CA ALA D 265 13.58 34.95 -35.15
C ALA D 265 12.96 35.84 -36.24
N LEU D 266 12.76 37.13 -35.93
CA LEU D 266 12.12 38.04 -36.89
C LEU D 266 12.99 38.25 -38.12
N GLU D 267 14.31 38.37 -37.92
CA GLU D 267 15.25 38.58 -39.02
C GLU D 267 15.25 37.41 -40.01
N LYS D 268 15.02 36.17 -39.54
CA LYS D 268 15.21 35.00 -40.41
C LYS D 268 14.06 34.74 -41.39
N SER D 269 12.83 35.20 -41.10
CA SER D 269 11.68 34.80 -41.92
C SER D 269 10.61 35.89 -42.01
N SER D 270 11.05 37.11 -42.36
CA SER D 270 10.22 38.22 -42.85
C SER D 270 8.87 38.36 -42.14
N VAL D 271 8.94 38.61 -40.84
CA VAL D 271 7.73 38.84 -40.11
C VAL D 271 7.53 40.33 -39.88
N ARG D 272 6.26 40.72 -39.66
CA ARG D 272 5.88 42.07 -39.27
C ARG D 272 5.39 42.03 -37.83
N PHE D 273 5.75 43.02 -37.00
CA PHE D 273 5.70 42.76 -35.56
C PHE D 273 5.71 44.03 -34.70
N ILE D 274 5.22 43.89 -33.44
CA ILE D 274 5.31 44.93 -32.40
C ILE D 274 5.64 44.29 -31.05
N TRP D 275 6.59 44.87 -30.29
CA TRP D 275 6.75 44.42 -28.92
C TRP D 275 7.15 45.58 -28.01
N ALA D 276 6.46 45.72 -26.88
CA ALA D 276 6.63 46.86 -25.97
C ALA D 276 7.28 46.42 -24.68
N VAL D 277 8.21 47.24 -24.18
CA VAL D 277 8.89 47.00 -22.90
C VAL D 277 8.27 47.87 -21.82
N GLY D 299 18.72 51.20 -29.76
CA GLY D 299 17.90 50.18 -30.37
C GLY D 299 18.34 49.75 -31.76
N PHE D 300 19.04 48.62 -31.83
CA PHE D 300 19.58 48.12 -33.09
C PHE D 300 18.46 47.75 -34.05
N GLU D 301 17.72 46.69 -33.73
CA GLU D 301 16.67 46.19 -34.63
C GLU D 301 15.63 47.27 -34.92
N GLU D 302 15.40 48.19 -33.98
CA GLU D 302 14.34 49.19 -34.17
C GLU D 302 14.72 50.22 -35.22
N ARG D 303 16.01 50.45 -35.49
CA ARG D 303 16.38 51.37 -36.54
C ARG D 303 17.15 50.70 -37.68
N VAL D 304 17.70 49.49 -37.47
CA VAL D 304 18.30 48.78 -38.60
C VAL D 304 17.20 48.19 -39.46
N LYS D 305 16.04 47.91 -38.86
CA LYS D 305 14.83 47.54 -39.57
C LYS D 305 13.84 48.64 -39.24
N GLU D 306 13.52 49.47 -40.22
CA GLU D 306 12.38 50.37 -40.11
C GLU D 306 11.12 49.71 -40.66
N LYS D 307 11.27 48.50 -41.22
CA LYS D 307 10.15 47.59 -41.39
C LYS D 307 10.12 46.75 -40.12
N GLY D 308 9.45 47.32 -39.10
CA GLY D 308 9.31 46.74 -37.78
C GLY D 308 8.87 47.79 -36.78
N LEU D 309 7.87 47.49 -35.93
CA LEU D 309 7.31 48.49 -35.02
C LEU D 309 7.74 48.23 -33.59
N VAL D 310 7.79 49.32 -32.81
CA VAL D 310 8.22 49.30 -31.41
C VAL D 310 7.28 50.16 -30.56
N ILE D 311 7.27 49.91 -29.25
CA ILE D 311 6.47 50.69 -28.30
C ILE D 311 7.20 50.81 -26.97
N ARG D 312 7.00 51.94 -26.28
CA ARG D 312 7.34 52.12 -24.87
C ARG D 312 6.42 53.18 -24.30
N GLY D 313 5.50 52.79 -23.41
CA GLY D 313 5.41 51.43 -22.90
C GLY D 313 3.96 50.95 -22.79
N TRP D 314 3.02 51.90 -22.91
CA TRP D 314 1.61 51.56 -23.13
C TRP D 314 1.46 51.13 -24.59
N ALA D 315 0.97 49.90 -24.79
CA ALA D 315 0.64 49.40 -26.12
C ALA D 315 -0.77 48.82 -26.02
N PRO D 316 -1.73 49.34 -26.77
CA PRO D 316 -3.12 48.95 -26.55
C PRO D 316 -3.38 47.55 -27.08
N GLN D 317 -3.74 46.63 -26.18
CA GLN D 317 -3.91 45.24 -26.61
C GLN D 317 -5.26 45.07 -27.31
N THR D 318 -6.33 45.62 -26.72
CA THR D 318 -7.64 45.47 -27.33
C THR D 318 -7.69 46.19 -28.68
N MET D 319 -6.90 47.26 -28.86
CA MET D 319 -6.78 47.89 -30.16
C MET D 319 -5.90 47.09 -31.12
N ILE D 320 -4.85 46.45 -30.62
CA ILE D 320 -3.90 45.71 -31.47
C ILE D 320 -4.34 44.29 -31.79
N LEU D 321 -4.88 43.53 -30.85
CA LEU D 321 -5.12 42.13 -31.16
C LEU D 321 -6.32 41.91 -32.10
N GLU D 322 -7.25 42.86 -32.15
CA GLU D 322 -8.40 42.80 -33.06
C GLU D 322 -8.22 43.68 -34.30
N HIS D 323 -7.11 44.40 -34.35
CA HIS D 323 -6.66 45.19 -35.51
C HIS D 323 -6.56 44.28 -36.73
N ARG D 324 -6.78 44.86 -37.91
CA ARG D 324 -6.83 44.06 -39.13
C ARG D 324 -5.51 43.35 -39.38
N ALA D 325 -4.40 44.06 -39.23
CA ALA D 325 -3.07 43.51 -39.52
C ALA D 325 -2.47 43.08 -38.19
N VAL D 326 -2.81 41.84 -37.79
CA VAL D 326 -2.34 41.13 -36.59
C VAL D 326 -2.92 39.73 -36.59
N GLY D 327 -2.05 38.73 -36.68
CA GLY D 327 -2.54 37.37 -36.88
C GLY D 327 -2.10 36.35 -35.85
N SER D 328 -1.11 36.71 -35.04
CA SER D 328 -0.56 35.82 -34.04
C SER D 328 -0.17 36.66 -32.83
N TYR D 329 -0.19 36.03 -31.64
CA TYR D 329 0.09 36.71 -30.37
C TYR D 329 1.08 35.88 -29.57
N LEU D 330 2.25 36.43 -29.31
CA LEU D 330 3.28 35.76 -28.53
C LEU D 330 3.26 36.37 -27.13
N THR D 331 2.89 35.58 -26.13
CA THR D 331 2.62 36.09 -24.81
C THR D 331 3.22 35.15 -23.77
N HIS D 332 3.11 35.57 -22.51
CA HIS D 332 3.49 34.73 -21.40
C HIS D 332 2.49 33.60 -21.14
N LEU D 333 1.39 33.54 -21.87
CA LEU D 333 0.33 32.55 -21.69
C LEU D 333 -0.37 32.65 -20.33
N GLY D 334 -0.63 33.89 -19.90
CA GLY D 334 -1.58 34.14 -18.83
C GLY D 334 -3.01 33.95 -19.30
N TRP D 335 -3.91 33.67 -18.37
CA TRP D 335 -5.27 33.34 -18.77
C TRP D 335 -6.00 34.54 -19.36
N GLY D 336 -5.86 35.71 -18.72
CA GLY D 336 -6.47 36.90 -19.28
C GLY D 336 -6.01 37.09 -20.70
N SER D 337 -4.70 36.90 -20.93
CA SER D 337 -4.13 37.07 -22.26
C SER D 337 -4.55 35.95 -23.22
N VAL D 338 -4.67 34.72 -22.74
CA VAL D 338 -5.15 33.65 -23.63
C VAL D 338 -6.52 34.00 -24.17
N LEU D 339 -7.41 34.48 -23.30
CA LEU D 339 -8.77 34.81 -23.71
C LEU D 339 -8.79 36.06 -24.57
N GLU D 340 -7.89 37.01 -24.34
CA GLU D 340 -7.83 38.18 -25.20
C GLU D 340 -7.49 37.80 -26.63
N GLY D 341 -6.47 36.96 -26.81
CA GLY D 341 -6.09 36.52 -28.14
C GLY D 341 -7.14 35.64 -28.80
N MET D 342 -7.68 34.69 -28.04
CA MET D 342 -8.71 33.79 -28.56
C MET D 342 -9.91 34.58 -29.08
N VAL D 343 -10.42 35.50 -28.26
CA VAL D 343 -11.48 36.39 -28.72
C VAL D 343 -11.05 37.13 -29.97
N GLY D 344 -9.83 37.67 -29.96
CA GLY D 344 -9.33 38.31 -31.16
C GLY D 344 -9.25 37.36 -32.35
N GLY D 345 -9.31 36.06 -32.10
CA GLY D 345 -9.14 35.06 -33.13
C GLY D 345 -7.70 34.93 -33.56
N VAL D 346 -6.77 35.08 -32.61
CA VAL D 346 -5.36 35.22 -32.90
C VAL D 346 -4.66 34.03 -32.26
N MET D 347 -3.79 33.36 -33.01
CA MET D 347 -3.12 32.22 -32.42
C MET D 347 -2.03 32.69 -31.47
N LEU D 348 -1.89 31.97 -30.36
CA LEU D 348 -0.91 32.28 -29.34
C LEU D 348 0.42 31.57 -29.58
N LEU D 349 1.51 32.33 -29.45
CA LEU D 349 2.84 31.74 -29.34
C LEU D 349 3.18 31.81 -27.87
N ALA D 350 3.26 30.65 -27.22
CA ALA D 350 3.28 30.56 -25.77
C ALA D 350 4.72 30.46 -25.27
N TRP D 351 5.06 31.29 -24.30
CA TRP D 351 6.35 31.23 -23.61
C TRP D 351 6.03 31.38 -22.14
N PRO D 352 5.65 30.28 -21.48
CA PRO D 352 5.26 30.39 -20.07
C PRO D 352 6.46 30.80 -19.23
N MET D 353 6.19 31.49 -18.11
CA MET D 353 7.27 31.87 -17.22
C MET D 353 6.96 31.74 -15.73
N GLN D 354 5.70 31.77 -15.31
CA GLN D 354 5.38 31.76 -13.88
C GLN D 354 3.90 31.47 -13.72
N ALA D 355 3.43 31.51 -12.48
CA ALA D 355 1.99 31.44 -12.23
C ALA D 355 1.36 30.28 -12.97
N ASP D 356 0.16 30.52 -13.50
CA ASP D 356 -0.61 29.51 -14.21
C ASP D 356 -0.15 29.30 -15.61
N HIS D 357 0.96 29.90 -16.01
CA HIS D 357 1.36 29.81 -17.41
C HIS D 357 1.63 28.38 -17.86
N PHE D 358 2.27 27.59 -17.00
CA PHE D 358 2.55 26.18 -17.29
C PHE D 358 1.28 25.35 -17.25
N PHE D 359 0.40 25.61 -16.30
CA PHE D 359 -0.92 24.99 -16.31
C PHE D 359 -1.67 25.40 -17.56
N ASN D 360 -1.49 26.64 -18.01
CA ASN D 360 -2.14 27.09 -19.25
C ASN D 360 -1.54 26.41 -20.46
N THR D 361 -0.23 26.22 -20.47
CA THR D 361 0.41 25.58 -21.61
C THR D 361 -0.05 24.15 -21.77
N THR D 362 -0.08 23.43 -20.64
CA THR D 362 -0.60 22.06 -20.65
C THR D 362 -2.00 22.01 -21.23
N LEU D 363 -2.85 23.00 -20.92
CA LEU D 363 -4.22 22.97 -21.44
C LEU D 363 -4.26 23.46 -22.88
N ILE D 364 -3.67 24.63 -23.15
CA ILE D 364 -3.80 25.27 -24.46
C ILE D 364 -2.94 24.54 -25.48
N VAL D 365 -1.72 24.14 -25.09
CA VAL D 365 -0.81 23.55 -26.06
C VAL D 365 -0.95 22.03 -26.11
N ASP D 366 -0.66 21.38 -24.98
CA ASP D 366 -0.46 19.93 -24.95
C ASP D 366 -1.76 19.16 -25.17
N LYS D 367 -2.77 19.46 -24.35
CA LYS D 367 -4.00 18.66 -24.31
C LYS D 367 -4.94 19.05 -25.44
N LEU D 368 -5.11 20.36 -25.68
CA LEU D 368 -6.06 20.83 -26.67
C LEU D 368 -5.41 21.29 -27.99
N ARG D 369 -4.09 21.49 -28.03
CA ARG D 369 -3.39 21.79 -29.29
C ARG D 369 -4.01 22.98 -30.03
N ALA D 370 -4.08 24.11 -29.31
CA ALA D 370 -4.59 25.34 -29.89
C ALA D 370 -3.54 26.46 -29.88
N ALA D 371 -2.30 26.18 -29.46
CA ALA D 371 -1.23 27.16 -29.61
C ALA D 371 0.10 26.42 -29.56
N VAL D 372 1.12 26.98 -30.22
CA VAL D 372 2.46 26.37 -30.28
C VAL D 372 3.41 27.03 -29.28
N ARG D 373 3.99 26.20 -28.42
CA ARG D 373 5.03 26.64 -27.49
C ARG D 373 6.29 27.05 -28.23
N VAL D 374 6.87 28.19 -27.83
CA VAL D 374 8.07 28.72 -28.47
C VAL D 374 9.11 29.09 -27.41
N GLY D 375 8.84 28.73 -26.15
CA GLY D 375 9.74 28.99 -25.05
C GLY D 375 9.46 28.08 -23.86
N GLU D 376 10.46 27.95 -22.99
CA GLU D 376 10.45 26.91 -21.98
C GLU D 376 10.43 27.41 -20.53
N ASN D 377 11.15 28.48 -20.21
CA ASN D 377 11.46 28.86 -18.84
C ASN D 377 11.37 30.36 -18.69
N ARG D 378 11.52 30.82 -17.45
CA ARG D 378 11.83 32.23 -17.24
C ARG D 378 13.18 32.57 -17.84
N ASP D 379 14.05 31.56 -17.94
CA ASP D 379 15.42 31.70 -18.44
C ASP D 379 15.68 31.03 -19.79
N SER D 380 14.66 30.40 -20.39
CA SER D 380 14.88 29.60 -21.58
C SER D 380 15.44 30.45 -22.72
N VAL D 381 16.11 29.79 -23.66
CA VAL D 381 16.61 30.38 -24.91
C VAL D 381 16.26 29.49 -26.10
N PRO D 382 15.72 30.05 -27.20
CA PRO D 382 15.34 29.21 -28.35
C PRO D 382 16.37 29.18 -29.47
N ASP D 383 16.33 28.13 -30.31
CA ASP D 383 17.07 28.16 -31.57
C ASP D 383 16.42 29.22 -32.45
N SER D 384 17.12 30.33 -32.65
CA SER D 384 16.57 31.41 -33.46
C SER D 384 16.08 30.86 -34.79
N ASP D 385 16.75 29.82 -35.31
CA ASP D 385 16.38 29.25 -36.60
C ASP D 385 15.08 28.45 -36.49
N LYS D 386 14.90 27.71 -35.38
CA LYS D 386 13.62 27.02 -35.21
C LYS D 386 12.50 28.02 -34.92
N LEU D 387 12.73 28.94 -33.98
CA LEU D 387 11.71 29.92 -33.62
C LEU D 387 11.31 30.73 -34.83
N ALA D 388 12.28 31.06 -35.68
CA ALA D 388 11.97 31.88 -36.84
C ALA D 388 10.95 31.20 -37.74
N ARG D 389 11.11 29.89 -37.96
CA ARG D 389 10.21 29.18 -38.87
C ARG D 389 8.82 28.93 -38.22
N ILE D 390 8.78 28.57 -36.93
CA ILE D 390 7.51 28.35 -36.23
C ILE D 390 6.64 29.61 -36.20
N LEU D 391 7.23 30.79 -35.92
CA LEU D 391 6.41 32.01 -35.90
C LEU D 391 5.98 32.42 -37.31
N ALA D 392 6.87 32.22 -38.28
CA ALA D 392 6.60 32.58 -39.65
C ALA D 392 5.52 31.70 -40.24
N GLU D 393 5.50 30.40 -39.91
CA GLU D 393 4.55 29.48 -40.54
C GLU D 393 3.15 29.73 -40.01
N ASP D 398 0.39 31.80 -41.01
CA ASP D 398 -0.84 31.00 -40.93
C ASP D 398 -0.58 29.51 -40.95
N LEU D 399 -0.51 28.88 -39.66
CA LEU D 399 -0.22 27.66 -38.89
C LEU D 399 -1.44 26.73 -38.84
N PRO D 400 -1.25 25.41 -38.84
CA PRO D 400 -2.40 24.49 -38.79
C PRO D 400 -3.08 24.49 -37.44
N GLU D 401 -2.39 24.98 -36.42
CA GLU D 401 -2.92 25.17 -35.08
C GLU D 401 -3.77 26.44 -35.00
N ARG D 402 -3.49 27.43 -35.86
CA ARG D 402 -4.13 28.74 -35.72
C ARG D 402 -5.63 28.67 -35.95
N VAL D 403 -6.07 27.96 -36.99
CA VAL D 403 -7.51 27.89 -37.21
C VAL D 403 -8.18 27.07 -36.10
N THR D 404 -7.46 26.10 -35.50
CA THR D 404 -8.04 25.26 -34.46
C THR D 404 -8.57 26.09 -33.29
N LEU D 405 -7.89 27.18 -32.95
CA LEU D 405 -8.47 28.10 -31.97
C LEU D 405 -9.54 28.98 -32.59
N MET D 406 -9.40 29.35 -33.87
CA MET D 406 -10.49 30.05 -34.54
C MET D 406 -11.76 29.25 -34.41
N LYS D 407 -11.63 27.92 -34.37
CA LYS D 407 -12.75 27.07 -33.99
C LYS D 407 -13.14 27.35 -32.54
N LEU D 408 -12.16 27.43 -31.65
CA LEU D 408 -12.44 27.77 -30.25
C LEU D 408 -13.03 29.17 -30.13
N ARG D 409 -12.49 30.13 -30.88
CA ARG D 409 -13.05 31.49 -30.92
C ARG D 409 -14.55 31.48 -31.20
N GLU D 410 -14.97 30.64 -32.16
CA GLU D 410 -16.40 30.40 -32.35
C GLU D 410 -17.00 29.77 -31.10
N LYS D 411 -16.33 28.76 -30.55
CA LYS D 411 -16.81 28.07 -29.36
C LYS D 411 -16.86 29.02 -28.14
N ALA D 412 -15.85 29.88 -28.00
CA ALA D 412 -15.84 30.76 -26.84
C ALA D 412 -16.83 31.92 -26.97
N MET D 413 -16.77 32.63 -28.10
CA MET D 413 -17.57 33.83 -28.27
C MET D 413 -19.06 33.53 -28.32
N GLU D 414 -19.43 32.29 -28.65
CA GLU D 414 -20.84 31.93 -28.67
C GLU D 414 -21.35 31.52 -27.29
N ALA D 415 -20.45 31.18 -26.36
CA ALA D 415 -20.87 30.92 -24.99
C ALA D 415 -21.17 32.19 -24.20
N ILE D 416 -20.84 33.36 -24.76
CA ILE D 416 -21.23 34.64 -24.17
C ILE D 416 -22.40 35.28 -24.92
N LYS D 417 -22.82 34.72 -26.05
CA LYS D 417 -24.07 35.13 -26.68
C LYS D 417 -25.25 34.60 -25.86
N GLU D 418 -26.43 35.21 -26.07
CA GLU D 418 -27.64 34.80 -25.35
C GLU D 418 -27.88 33.30 -25.48
N GLY D 419 -28.21 32.66 -24.37
CA GLY D 419 -28.35 31.22 -24.30
C GLY D 419 -27.05 30.47 -24.12
N GLY D 420 -25.91 31.18 -24.19
CA GLY D 420 -24.61 30.54 -24.02
C GLY D 420 -24.39 30.00 -22.61
N SER D 421 -23.32 29.20 -22.51
CA SER D 421 -22.98 28.58 -21.24
C SER D 421 -22.69 29.63 -20.17
N SER D 422 -21.89 30.63 -20.53
CA SER D 422 -21.54 31.65 -19.56
C SER D 422 -22.68 32.67 -19.39
N TYR D 423 -23.29 33.08 -20.51
CA TYR D 423 -24.38 34.06 -20.47
C TYR D 423 -25.51 33.62 -19.55
N LYS D 424 -25.96 32.36 -19.70
CA LYS D 424 -26.98 31.82 -18.80
C LYS D 424 -26.47 31.72 -17.37
N ASN D 425 -25.20 31.35 -17.20
CA ASN D 425 -24.65 31.16 -15.85
C ASN D 425 -24.68 32.43 -15.02
N LEU D 426 -24.59 33.61 -15.66
CA LEU D 426 -24.67 34.86 -14.89
C LEU D 426 -26.07 35.12 -14.38
N ASP D 427 -27.09 34.95 -15.24
CA ASP D 427 -28.48 35.09 -14.79
C ASP D 427 -28.78 34.16 -13.63
N GLU D 428 -28.40 32.88 -13.76
CA GLU D 428 -28.47 31.93 -12.65
C GLU D 428 -27.73 32.45 -11.43
N LEU D 429 -26.61 33.14 -11.65
CA LEU D 429 -25.77 33.60 -10.54
C LEU D 429 -26.47 34.74 -9.79
N VAL D 430 -27.02 35.70 -10.52
CA VAL D 430 -27.81 36.76 -9.88
C VAL D 430 -28.86 36.13 -8.98
N ALA D 431 -29.41 34.99 -9.41
CA ALA D 431 -30.43 34.28 -8.67
C ALA D 431 -29.97 33.81 -7.31
N GLU D 432 -29.05 32.82 -7.27
CA GLU D 432 -28.68 32.22 -5.99
C GLU D 432 -28.17 33.26 -4.99
N MET D 433 -27.65 34.39 -5.46
CA MET D 433 -27.22 35.50 -4.61
C MET D 433 -28.38 36.11 -3.82
N CYS D 434 -29.60 35.84 -4.27
CA CYS D 434 -30.76 36.57 -3.82
C CYS D 434 -31.46 35.91 -2.62
N LEU D 435 -30.80 34.94 -1.99
CA LEU D 435 -31.40 34.17 -0.90
C LEU D 435 -30.90 34.63 0.48
PA AWU E . 17.65 19.67 10.12
O1A AWU E . 18.08 18.84 8.91
O2A AWU E . 16.56 19.00 10.98
O3A AWU E . 17.10 21.02 9.35
PB AWU E . 16.00 22.06 10.01
O1B AWU E . 16.77 23.20 10.69
O2B AWU E . 15.12 21.37 11.04
O3B AWU E . 15.13 22.61 8.69
C5' AWU E . 16.65 21.17 5.71
O5' AWU E . 15.67 21.25 6.74
C4' AWU E . 16.31 22.25 4.70
O4' AWU E . 17.16 22.14 3.57
C3' AWU E . 16.48 23.62 5.35
O3' AWU E . 16.13 24.63 4.43
C2' AWU E . 15.61 23.70 6.59
C1' AWU E . 15.79 22.47 7.47
N1 AWU E . 18.61 21.12 16.75
C2 AWU E . 19.08 20.97 17.98
O2 AWU E . 20.16 20.54 18.18
N3 AWU E . 18.37 21.27 19.04
C4 AWU E . 17.16 21.75 18.91
O4 AWU E . 16.43 22.06 20.07
C5 AWU E . 16.64 21.94 17.63
C6 AWU E . 17.41 21.62 16.55
C1C AWU E . 19.50 20.78 15.58
C2C AWU E . 19.40 19.60 15.03
C3C AWU E . 19.95 19.95 13.68
C4C AWU E . 19.83 21.06 13.15
C5C AWU E . 18.90 21.25 11.91
C6' AWU E . 16.54 19.79 5.03
O2' AWU E . 14.24 23.80 6.20
O2C AWU E . 20.19 18.64 15.75
O3C AWU E . 21.33 20.30 13.77
O4C AWU E . 19.20 21.77 14.45
O5C AWU E . 18.94 20.04 11.17
PA AWU F . -21.64 -30.06 20.27
O1A AWU F . -21.31 -29.18 21.47
O2A AWU F . -22.99 -30.73 20.50
O3A AWU F . -20.42 -31.12 19.89
PB AWU F . -19.25 -31.55 20.99
O1B AWU F . -17.96 -30.92 20.48
O2B AWU F . -19.16 -33.08 21.04
O3B AWU F . -19.70 -31.17 22.56
C5' AWU F . -18.97 -27.92 23.92
O5' AWU F . -19.81 -28.99 23.45
C4' AWU F . -18.50 -28.30 25.31
O4' AWU F . -17.78 -27.22 25.89
C3' AWU F . -17.62 -29.54 25.22
O3' AWU F . -17.21 -29.93 26.52
C2' AWU F . -18.39 -30.67 24.55
C1' AWU F . -19.05 -30.18 23.26
N1 AWU F . -22.86 -31.52 13.99
C2 AWU F . -23.51 -31.63 12.85
O2 AWU F . -24.09 -30.69 12.42
N3 AWU F . -23.55 -32.74 12.17
C4 AWU F . -22.91 -33.81 12.59
O4 AWU F . -22.94 -34.99 11.88
C5 AWU F . -22.21 -33.73 13.79
C6 AWU F . -22.18 -32.54 14.47
C1C AWU F . -22.76 -30.22 14.73
C2C AWU F . -23.72 -29.73 15.52
C3C AWU F . -22.95 -28.97 16.56
C4C AWU F . -21.60 -29.07 16.53
C5C AWU F . -20.82 -29.36 17.84
C6' AWU F . -19.80 -26.63 23.99
O2' AWU F . -19.38 -31.16 25.45
O2C AWU F . -24.67 -28.90 14.78
O3C AWU F . -22.84 -27.60 16.17
O4C AWU F . -21.52 -30.39 15.63
O5C AWU F . -21.69 -29.06 18.92
#